data_1YHD
#
_entry.id   1YHD
#
_entity_poly.entity_id   1
_entity_poly.type   'polypeptide(L)'
_entity_poly.pdbx_seq_one_letter_code
;MGSRTIFCTFLQREAEGQDFQLYPGELGKRIYNEISKEAWAQWQHKQTMLINEKKLNMMNAEHRKLLEQEMVNFLFEGKE
VHIEGYTPEDKKLEHHHHHH
;
_entity_poly.pdbx_strand_id   A
#
# COMPACT_ATOMS: atom_id res chain seq x y z
N MET A 1 -7.38 23.79 8.49
CA MET A 1 -8.33 24.27 7.44
C MET A 1 -9.44 23.27 7.19
N GLY A 2 -10.38 23.62 6.33
CA GLY A 2 -11.49 22.73 6.02
C GLY A 2 -11.43 22.18 4.61
N SER A 3 -10.22 21.92 4.13
CA SER A 3 -10.03 21.38 2.79
C SER A 3 -9.06 20.21 2.81
N ARG A 4 -9.59 19.00 2.66
CA ARG A 4 -8.78 17.80 2.66
C ARG A 4 -8.98 16.99 1.39
N THR A 5 -8.23 17.31 0.35
CA THR A 5 -8.32 16.62 -0.93
C THR A 5 -6.94 16.27 -1.47
N ILE A 6 -6.51 15.05 -1.20
CA ILE A 6 -5.20 14.58 -1.67
C ILE A 6 -5.25 14.17 -3.13
N PHE A 7 -4.12 13.66 -3.63
CA PHE A 7 -4.04 13.21 -5.01
C PHE A 7 -3.62 11.75 -5.05
N CYS A 8 -4.59 10.86 -5.21
CA CYS A 8 -4.33 9.43 -5.23
C CYS A 8 -3.35 9.08 -6.36
N THR A 9 -2.55 8.03 -6.14
CA THR A 9 -1.58 7.59 -7.13
C THR A 9 -2.12 6.41 -7.92
N PHE A 10 -3.03 5.66 -7.31
CA PHE A 10 -3.64 4.50 -7.96
C PHE A 10 -4.66 4.96 -9.00
N LEU A 11 -5.44 5.97 -8.63
CA LEU A 11 -6.45 6.52 -9.52
C LEU A 11 -5.87 7.69 -10.32
N GLN A 12 -4.76 8.24 -9.82
CA GLN A 12 -4.12 9.37 -10.48
C GLN A 12 -5.07 10.55 -10.55
N ARG A 13 -5.79 10.79 -9.47
CA ARG A 13 -6.72 11.90 -9.39
C ARG A 13 -6.67 12.54 -8.01
N GLU A 14 -7.58 13.48 -7.75
CA GLU A 14 -7.63 14.15 -6.46
C GLU A 14 -8.79 13.63 -5.62
N ALA A 15 -8.47 12.93 -4.54
CA ALA A 15 -9.47 12.37 -3.65
C ALA A 15 -9.43 13.04 -2.29
N GLU A 16 -10.33 12.62 -1.39
CA GLU A 16 -10.38 13.18 -0.05
C GLU A 16 -9.34 12.55 0.87
N GLY A 17 -8.72 11.47 0.41
CA GLY A 17 -7.69 10.80 1.21
C GLY A 17 -8.25 10.26 2.52
N GLN A 18 -7.42 9.54 3.25
CA GLN A 18 -7.84 8.96 4.53
C GLN A 18 -7.59 9.94 5.68
N ASP A 19 -7.97 9.53 6.88
CA ASP A 19 -7.80 10.36 8.08
C ASP A 19 -6.85 9.72 9.07
N PHE A 20 -6.72 8.40 9.02
CA PHE A 20 -5.84 7.68 9.93
C PHE A 20 -5.11 6.56 9.20
N GLN A 21 -3.83 6.40 9.52
CA GLN A 21 -3.01 5.37 8.91
C GLN A 21 -3.55 3.97 9.22
N LEU A 22 -3.67 3.14 8.18
CA LEU A 22 -4.18 1.78 8.34
C LEU A 22 -3.04 0.77 8.40
N TYR A 23 -2.06 0.95 7.52
CA TYR A 23 -0.90 0.06 7.48
C TYR A 23 0.17 0.57 8.45
N PRO A 24 1.18 -0.26 8.79
CA PRO A 24 2.24 0.13 9.71
C PRO A 24 3.41 0.82 9.02
N GLY A 25 4.41 1.18 9.82
CA GLY A 25 5.61 1.82 9.31
C GLY A 25 5.36 2.87 8.25
N GLU A 26 6.24 2.89 7.26
CA GLU A 26 6.17 3.87 6.17
C GLU A 26 5.13 3.44 5.14
N LEU A 27 5.06 2.15 4.88
CA LEU A 27 4.10 1.61 3.91
C LEU A 27 2.72 2.19 4.16
N GLY A 28 2.25 2.04 5.39
CA GLY A 28 0.95 2.57 5.74
C GLY A 28 0.87 4.06 5.51
N LYS A 29 2.01 4.73 5.62
CA LYS A 29 2.06 6.17 5.40
C LYS A 29 1.73 6.51 3.95
N ARG A 30 2.49 5.96 3.01
CA ARG A 30 2.26 6.22 1.59
C ARG A 30 0.83 5.86 1.19
N ILE A 31 0.31 4.76 1.73
CA ILE A 31 -1.05 4.35 1.42
C ILE A 31 -2.02 5.41 1.95
N TYR A 32 -1.91 5.66 3.23
CA TYR A 32 -2.75 6.65 3.88
C TYR A 32 -2.51 8.03 3.26
N ASN A 33 -1.39 8.19 2.55
CA ASN A 33 -1.06 9.48 1.93
C ASN A 33 -1.43 9.53 0.44
N GLU A 34 -0.87 8.62 -0.34
CA GLU A 34 -1.10 8.59 -1.79
C GLU A 34 -2.23 7.66 -2.20
N ILE A 35 -2.59 6.72 -1.33
CA ILE A 35 -3.67 5.78 -1.64
C ILE A 35 -4.95 6.17 -0.90
N SER A 36 -5.83 6.87 -1.60
CA SER A 36 -7.09 7.31 -1.01
C SER A 36 -7.95 6.12 -0.58
N LYS A 37 -9.05 6.41 0.11
CA LYS A 37 -9.95 5.37 0.57
C LYS A 37 -10.50 4.57 -0.59
N GLU A 38 -10.78 5.26 -1.70
CA GLU A 38 -11.31 4.61 -2.89
C GLU A 38 -10.33 3.57 -3.43
N ALA A 39 -9.06 3.96 -3.52
CA ALA A 39 -8.03 3.07 -4.02
C ALA A 39 -7.80 1.90 -3.06
N TRP A 40 -7.86 2.20 -1.76
CA TRP A 40 -7.66 1.18 -0.73
C TRP A 40 -8.76 0.11 -0.82
N ALA A 41 -9.98 0.54 -1.14
CA ALA A 41 -11.10 -0.38 -1.27
C ALA A 41 -10.90 -1.33 -2.44
N GLN A 42 -10.04 -0.93 -3.37
CA GLN A 42 -9.75 -1.74 -4.55
C GLN A 42 -8.70 -2.80 -4.21
N TRP A 43 -7.84 -2.48 -3.25
CA TRP A 43 -6.79 -3.40 -2.82
C TRP A 43 -7.33 -4.37 -1.78
N GLN A 44 -7.95 -3.83 -0.73
CA GLN A 44 -8.51 -4.64 0.34
C GLN A 44 -9.30 -5.82 -0.23
N HIS A 45 -10.07 -5.55 -1.27
CA HIS A 45 -10.87 -6.59 -1.91
C HIS A 45 -9.97 -7.66 -2.52
N LYS A 46 -8.90 -7.23 -3.18
CA LYS A 46 -7.96 -8.14 -3.79
C LYS A 46 -7.04 -8.75 -2.74
N GLN A 47 -6.89 -8.06 -1.62
CA GLN A 47 -6.04 -8.52 -0.54
C GLN A 47 -6.63 -9.76 0.13
N THR A 48 -7.87 -9.64 0.60
CA THR A 48 -8.54 -10.76 1.27
C THR A 48 -8.52 -12.03 0.42
N MET A 49 -8.70 -11.89 -0.89
CA MET A 49 -8.69 -13.05 -1.78
C MET A 49 -7.28 -13.51 -2.07
N LEU A 50 -6.34 -12.56 -2.12
CA LEU A 50 -4.94 -12.89 -2.38
C LEU A 50 -4.38 -13.74 -1.26
N ILE A 51 -4.87 -13.52 -0.04
CA ILE A 51 -4.43 -14.27 1.12
C ILE A 51 -5.02 -15.68 1.12
N ASN A 52 -6.25 -15.79 0.65
CA ASN A 52 -6.94 -17.08 0.59
C ASN A 52 -6.45 -17.91 -0.59
N GLU A 53 -6.14 -17.23 -1.70
CA GLU A 53 -5.67 -17.92 -2.90
C GLU A 53 -4.20 -18.31 -2.77
N LYS A 54 -3.35 -17.34 -2.47
CA LYS A 54 -1.92 -17.60 -2.31
C LYS A 54 -1.63 -18.30 -0.99
N LYS A 55 -2.65 -18.45 -0.15
CA LYS A 55 -2.50 -19.10 1.14
C LYS A 55 -1.53 -18.32 2.03
N LEU A 56 -1.87 -17.06 2.29
CA LEU A 56 -1.03 -16.20 3.11
C LEU A 56 -1.39 -16.37 4.59
N ASN A 57 -0.78 -15.55 5.44
CA ASN A 57 -1.04 -15.60 6.88
C ASN A 57 -0.62 -14.29 7.54
N MET A 58 -1.61 -13.47 7.87
CA MET A 58 -1.35 -12.17 8.49
C MET A 58 -0.65 -12.34 9.84
N MET A 59 -0.72 -13.54 10.41
CA MET A 59 -0.10 -13.81 11.69
C MET A 59 1.40 -14.07 11.51
N ASN A 60 1.78 -14.51 10.32
CA ASN A 60 3.18 -14.78 10.01
C ASN A 60 3.83 -13.57 9.34
N ALA A 61 5.06 -13.26 9.76
CA ALA A 61 5.78 -12.13 9.20
C ALA A 61 6.22 -12.41 7.77
N GLU A 62 6.46 -13.69 7.47
CA GLU A 62 6.90 -14.08 6.13
C GLU A 62 5.82 -13.77 5.10
N HIS A 63 4.57 -13.96 5.47
CA HIS A 63 3.45 -13.68 4.56
C HIS A 63 3.05 -12.22 4.61
N ARG A 64 3.00 -11.67 5.82
CA ARG A 64 2.63 -10.27 6.02
C ARG A 64 3.38 -9.37 5.04
N LYS A 65 4.71 -9.51 5.02
CA LYS A 65 5.54 -8.72 4.11
C LYS A 65 5.19 -9.02 2.66
N LEU A 66 4.67 -10.23 2.41
CA LEU A 66 4.29 -10.64 1.07
C LEU A 66 3.11 -9.80 0.58
N LEU A 67 2.11 -9.64 1.44
CA LEU A 67 0.94 -8.85 1.11
C LEU A 67 1.35 -7.44 0.69
N GLU A 68 2.13 -6.80 1.55
CA GLU A 68 2.63 -5.46 1.28
C GLU A 68 3.35 -5.41 -0.07
N GLN A 69 3.85 -6.57 -0.51
CA GLN A 69 4.54 -6.66 -1.78
C GLN A 69 3.56 -6.61 -2.94
N GLU A 70 2.49 -7.38 -2.84
CA GLU A 70 1.47 -7.43 -3.88
C GLU A 70 0.76 -6.08 -4.02
N MET A 71 0.27 -5.54 -2.90
CA MET A 71 -0.43 -4.26 -2.91
C MET A 71 0.29 -3.23 -3.78
N VAL A 72 1.62 -3.16 -3.63
CA VAL A 72 2.41 -2.21 -4.41
C VAL A 72 2.15 -2.36 -5.90
N ASN A 73 2.39 -3.55 -6.42
CA ASN A 73 2.18 -3.83 -7.84
C ASN A 73 0.77 -3.42 -8.28
N PHE A 74 -0.14 -3.31 -7.31
CA PHE A 74 -1.52 -2.93 -7.62
C PHE A 74 -1.73 -1.42 -7.45
N LEU A 75 -1.29 -0.88 -6.32
CA LEU A 75 -1.46 0.54 -6.04
C LEU A 75 -0.18 1.35 -6.24
N PHE A 76 0.92 0.86 -5.65
CA PHE A 76 2.20 1.56 -5.73
C PHE A 76 3.07 1.04 -6.87
N GLU A 77 2.43 0.55 -7.90
CA GLU A 77 3.12 0.01 -9.06
C GLU A 77 3.84 1.13 -9.82
N GLY A 78 4.75 1.80 -9.13
CA GLY A 78 5.49 2.88 -9.75
C GLY A 78 6.66 3.33 -8.90
N LYS A 79 6.45 3.37 -7.58
CA LYS A 79 7.51 3.80 -6.67
C LYS A 79 8.28 2.60 -6.13
N GLU A 80 7.55 1.61 -5.62
CA GLU A 80 8.18 0.40 -5.09
C GLU A 80 9.18 0.72 -3.99
N VAL A 81 8.92 1.79 -3.24
CA VAL A 81 9.81 2.20 -2.17
C VAL A 81 9.49 1.44 -0.88
N HIS A 82 10.40 0.57 -0.46
CA HIS A 82 10.22 -0.21 0.75
C HIS A 82 11.34 0.09 1.74
N ILE A 83 10.96 0.53 2.94
CA ILE A 83 11.94 0.85 3.97
C ILE A 83 11.60 0.15 5.29
N GLU A 84 12.63 -0.27 6.00
CA GLU A 84 12.45 -0.95 7.28
C GLU A 84 13.65 -0.71 8.19
N GLY A 85 13.48 0.18 9.15
CA GLY A 85 14.56 0.48 10.08
C GLY A 85 14.79 1.98 10.22
N TYR A 86 13.71 2.73 10.35
CA TYR A 86 13.80 4.19 10.48
C TYR A 86 13.94 4.59 11.95
N THR A 87 15.01 5.31 12.26
CA THR A 87 15.26 5.76 13.62
C THR A 87 15.93 7.13 13.62
N PRO A 88 15.14 8.21 13.75
CA PRO A 88 15.66 9.57 13.76
C PRO A 88 16.72 9.79 14.84
N GLU A 89 17.89 10.28 14.44
CA GLU A 89 18.98 10.52 15.37
C GLU A 89 18.79 11.85 16.10
N ASP A 90 18.37 12.87 15.35
CA ASP A 90 18.15 14.20 15.93
C ASP A 90 17.46 15.12 14.94
N LYS A 91 17.86 15.04 13.68
CA LYS A 91 17.27 15.88 12.64
C LYS A 91 16.88 15.04 11.42
N LYS A 92 16.12 15.66 10.52
CA LYS A 92 15.66 14.99 9.31
C LYS A 92 16.50 15.41 8.10
N MET A 1 -17.93 23.47 2.69
CA MET A 1 -18.21 22.69 3.92
C MET A 1 -16.99 22.64 4.84
N GLY A 2 -15.88 22.13 4.31
CA GLY A 2 -14.66 22.04 5.10
C GLY A 2 -14.05 20.67 5.06
N SER A 3 -13.32 20.37 3.99
CA SER A 3 -12.66 19.08 3.84
C SER A 3 -11.42 19.19 2.96
N ARG A 4 -10.38 18.46 3.34
CA ARG A 4 -9.13 18.48 2.59
C ARG A 4 -9.04 17.26 1.66
N THR A 5 -8.51 17.48 0.47
CA THR A 5 -8.37 16.40 -0.52
C THR A 5 -6.90 16.01 -0.68
N ILE A 6 -6.65 15.00 -1.51
CA ILE A 6 -5.29 14.54 -1.77
C ILE A 6 -5.16 14.08 -3.21
N PHE A 7 -3.93 13.82 -3.64
CA PHE A 7 -3.67 13.36 -5.00
C PHE A 7 -3.34 11.87 -4.99
N CYS A 8 -4.35 11.04 -5.24
CA CYS A 8 -4.15 9.60 -5.25
C CYS A 8 -3.17 9.20 -6.35
N THR A 9 -2.45 8.11 -6.14
CA THR A 9 -1.49 7.62 -7.12
C THR A 9 -2.08 6.46 -7.93
N PHE A 10 -3.09 5.81 -7.35
CA PHE A 10 -3.76 4.69 -8.01
C PHE A 10 -4.67 5.20 -9.12
N LEU A 11 -5.46 6.22 -8.79
CA LEU A 11 -6.37 6.82 -9.77
C LEU A 11 -5.66 7.93 -10.53
N GLN A 12 -4.55 8.41 -9.99
CA GLN A 12 -3.79 9.48 -10.61
C GLN A 12 -4.65 10.74 -10.72
N ARG A 13 -5.40 11.00 -9.67
CA ARG A 13 -6.27 12.18 -9.61
C ARG A 13 -6.29 12.73 -8.19
N GLU A 14 -7.18 13.68 -7.95
CA GLU A 14 -7.30 14.28 -6.62
C GLU A 14 -8.53 13.75 -5.90
N ALA A 15 -8.30 12.84 -4.95
CA ALA A 15 -9.39 12.25 -4.18
C ALA A 15 -9.19 12.48 -2.68
N GLU A 16 -10.25 12.27 -1.91
CA GLU A 16 -10.17 12.46 -0.47
C GLU A 16 -9.07 11.58 0.13
N GLY A 17 -8.61 11.96 1.32
CA GLY A 17 -7.57 11.21 1.99
C GLY A 17 -8.03 10.62 3.30
N GLN A 18 -7.17 9.82 3.91
CA GLN A 18 -7.49 9.19 5.19
C GLN A 18 -6.90 9.97 6.35
N ASP A 19 -7.53 9.87 7.52
CA ASP A 19 -7.06 10.58 8.71
C ASP A 19 -6.27 9.64 9.62
N PHE A 20 -6.49 8.34 9.46
CA PHE A 20 -5.78 7.35 10.27
C PHE A 20 -5.10 6.31 9.40
N GLN A 21 -3.80 6.12 9.60
CA GLN A 21 -3.03 5.15 8.83
C GLN A 21 -3.60 3.75 9.03
N LEU A 22 -3.77 3.03 7.93
CA LEU A 22 -4.30 1.67 7.97
C LEU A 22 -3.17 0.66 8.05
N TYR A 23 -2.12 0.88 7.27
CA TYR A 23 -0.96 -0.01 7.28
C TYR A 23 0.10 0.52 8.24
N PRO A 24 1.09 -0.29 8.59
CA PRO A 24 2.15 0.10 9.52
C PRO A 24 3.37 0.68 8.82
N GLY A 25 4.44 0.87 9.58
CA GLY A 25 5.68 1.39 9.04
C GLY A 25 5.51 2.51 8.02
N GLU A 26 6.38 2.50 7.03
CA GLU A 26 6.38 3.51 5.97
C GLU A 26 5.31 3.20 4.93
N LEU A 27 5.13 1.92 4.63
CA LEU A 27 4.14 1.52 3.64
C LEU A 27 2.79 2.13 3.96
N GLY A 28 2.33 1.94 5.19
CA GLY A 28 1.05 2.51 5.59
C GLY A 28 1.03 4.00 5.38
N LYS A 29 2.18 4.64 5.53
CA LYS A 29 2.28 6.08 5.33
C LYS A 29 1.89 6.45 3.90
N ARG A 30 2.63 5.91 2.93
CA ARG A 30 2.37 6.19 1.51
C ARG A 30 0.93 5.82 1.13
N ILE A 31 0.43 4.71 1.65
CA ILE A 31 -0.95 4.30 1.34
C ILE A 31 -1.92 5.33 1.86
N TYR A 32 -1.90 5.52 3.17
CA TYR A 32 -2.75 6.48 3.84
C TYR A 32 -2.54 7.89 3.26
N ASN A 33 -1.41 8.09 2.57
CA ASN A 33 -1.10 9.40 1.99
C ASN A 33 -1.42 9.50 0.49
N GLU A 34 -0.85 8.59 -0.30
CA GLU A 34 -1.06 8.60 -1.75
C GLU A 34 -2.19 7.69 -2.20
N ILE A 35 -2.60 6.75 -1.35
CA ILE A 35 -3.69 5.84 -1.69
C ILE A 35 -4.97 6.24 -0.98
N SER A 36 -5.79 7.02 -1.67
CA SER A 36 -7.06 7.48 -1.10
C SER A 36 -7.94 6.30 -0.70
N LYS A 37 -9.02 6.60 0.02
CA LYS A 37 -9.93 5.55 0.47
C LYS A 37 -10.54 4.80 -0.72
N GLU A 38 -10.59 5.47 -1.86
CA GLU A 38 -11.15 4.87 -3.07
C GLU A 38 -10.28 3.71 -3.57
N ALA A 39 -8.97 3.92 -3.63
CA ALA A 39 -8.05 2.89 -4.10
C ALA A 39 -7.91 1.75 -3.10
N TRP A 40 -7.80 2.10 -1.83
CA TRP A 40 -7.66 1.08 -0.78
C TRP A 40 -8.80 0.07 -0.83
N ALA A 41 -10.01 0.56 -1.06
CA ALA A 41 -11.18 -0.31 -1.14
C ALA A 41 -11.00 -1.36 -2.22
N GLN A 42 -10.32 -0.98 -3.29
CA GLN A 42 -10.06 -1.89 -4.40
C GLN A 42 -9.01 -2.93 -4.01
N TRP A 43 -8.01 -2.49 -3.25
CA TRP A 43 -6.95 -3.37 -2.80
C TRP A 43 -7.50 -4.38 -1.80
N GLN A 44 -8.21 -3.88 -0.79
CA GLN A 44 -8.80 -4.74 0.24
C GLN A 44 -9.51 -5.93 -0.40
N HIS A 45 -10.23 -5.66 -1.49
CA HIS A 45 -10.96 -6.70 -2.20
C HIS A 45 -10.00 -7.71 -2.83
N LYS A 46 -8.91 -7.21 -3.40
CA LYS A 46 -7.91 -8.07 -4.02
C LYS A 46 -6.98 -8.66 -2.96
N GLN A 47 -6.94 -8.04 -1.80
CA GLN A 47 -6.11 -8.51 -0.71
C GLN A 47 -6.61 -9.83 -0.16
N THR A 48 -7.88 -9.85 0.26
CA THR A 48 -8.50 -11.04 0.83
C THR A 48 -8.28 -12.27 -0.06
N MET A 49 -8.42 -12.09 -1.37
CA MET A 49 -8.24 -13.19 -2.31
C MET A 49 -6.75 -13.52 -2.48
N LEU A 50 -5.92 -12.49 -2.44
CA LEU A 50 -4.48 -12.68 -2.58
C LEU A 50 -3.95 -13.52 -1.43
N ILE A 51 -4.61 -13.46 -0.29
CA ILE A 51 -4.21 -14.23 0.88
C ILE A 51 -4.77 -15.64 0.82
N ASN A 52 -6.05 -15.75 0.45
CA ASN A 52 -6.73 -17.04 0.37
C ASN A 52 -6.17 -17.88 -0.79
N GLU A 53 -5.81 -17.21 -1.88
CA GLU A 53 -5.28 -17.91 -3.05
C GLU A 53 -3.80 -18.21 -2.90
N LYS A 54 -3.00 -17.21 -2.54
CA LYS A 54 -1.57 -17.39 -2.37
C LYS A 54 -1.26 -18.17 -1.09
N LYS A 55 -2.28 -18.37 -0.26
CA LYS A 55 -2.11 -19.11 0.98
C LYS A 55 -1.18 -18.34 1.93
N LEU A 56 -1.54 -17.09 2.21
CA LEU A 56 -0.73 -16.25 3.10
C LEU A 56 -1.13 -16.52 4.55
N ASN A 57 -0.59 -15.70 5.46
CA ASN A 57 -0.88 -15.85 6.88
C ASN A 57 -0.57 -14.55 7.63
N MET A 58 -1.60 -13.74 7.84
CA MET A 58 -1.46 -12.47 8.53
C MET A 58 -0.87 -12.67 9.93
N MET A 59 -0.98 -13.88 10.46
CA MET A 59 -0.47 -14.19 11.78
C MET A 59 1.04 -14.46 11.76
N ASN A 60 1.69 -14.17 10.63
CA ASN A 60 3.12 -14.39 10.49
C ASN A 60 3.77 -13.23 9.74
N ALA A 61 4.83 -12.66 10.33
CA ALA A 61 5.53 -11.55 9.72
C ALA A 61 6.09 -11.92 8.35
N GLU A 62 6.30 -13.21 8.14
CA GLU A 62 6.83 -13.70 6.87
C GLU A 62 5.83 -13.45 5.74
N HIS A 63 4.56 -13.75 5.98
CA HIS A 63 3.52 -13.53 4.98
C HIS A 63 3.01 -12.09 5.05
N ARG A 64 2.96 -11.55 6.27
CA ARG A 64 2.49 -10.18 6.48
C ARG A 64 3.17 -9.23 5.49
N LYS A 65 4.49 -9.35 5.40
CA LYS A 65 5.27 -8.51 4.49
C LYS A 65 4.92 -8.85 3.05
N LEU A 66 4.56 -10.11 2.81
CA LEU A 66 4.19 -10.56 1.47
C LEU A 66 3.09 -9.70 0.89
N LEU A 67 2.04 -9.46 1.68
CA LEU A 67 0.93 -8.63 1.22
C LEU A 67 1.42 -7.24 0.86
N GLU A 68 2.25 -6.67 1.73
CA GLU A 68 2.80 -5.34 1.50
C GLU A 68 3.48 -5.28 0.12
N GLN A 69 3.83 -6.44 -0.41
CA GLN A 69 4.48 -6.53 -1.72
C GLN A 69 3.45 -6.50 -2.84
N GLU A 70 2.47 -7.38 -2.76
CA GLU A 70 1.42 -7.46 -3.79
C GLU A 70 0.64 -6.16 -3.89
N MET A 71 0.32 -5.57 -2.73
CA MET A 71 -0.44 -4.32 -2.71
C MET A 71 0.17 -3.29 -3.66
N VAL A 72 1.50 -3.15 -3.64
CA VAL A 72 2.17 -2.20 -4.53
C VAL A 72 1.72 -2.40 -5.97
N ASN A 73 1.90 -3.63 -6.46
CA ASN A 73 1.51 -3.97 -7.82
C ASN A 73 0.06 -3.57 -8.09
N PHE A 74 -0.72 -3.41 -7.02
CA PHE A 74 -2.11 -3.02 -7.14
C PHE A 74 -2.32 -1.52 -7.02
N LEU A 75 -1.77 -0.92 -5.96
CA LEU A 75 -1.92 0.51 -5.71
C LEU A 75 -0.67 1.31 -6.06
N PHE A 76 0.49 0.80 -5.66
CA PHE A 76 1.75 1.48 -5.93
C PHE A 76 2.46 0.93 -7.16
N GLU A 77 1.67 0.43 -8.09
CA GLU A 77 2.18 -0.13 -9.32
C GLU A 77 2.81 0.94 -10.21
N GLY A 78 3.83 1.60 -9.67
CA GLY A 78 4.50 2.65 -10.41
C GLY A 78 5.79 3.08 -9.73
N LYS A 79 5.79 3.10 -8.41
CA LYS A 79 6.98 3.50 -7.65
C LYS A 79 7.79 2.28 -7.24
N GLU A 80 7.14 1.35 -6.55
CA GLU A 80 7.80 0.13 -6.08
C GLU A 80 9.02 0.47 -5.23
N VAL A 81 8.81 1.31 -4.22
CA VAL A 81 9.89 1.72 -3.33
C VAL A 81 10.38 0.55 -2.47
N HIS A 82 11.09 -0.38 -3.11
CA HIS A 82 11.61 -1.54 -2.40
C HIS A 82 13.13 -1.47 -2.28
N ILE A 83 13.67 -2.08 -1.23
CA ILE A 83 15.10 -2.09 -1.00
C ILE A 83 15.63 -3.51 -0.83
N GLU A 84 16.65 -3.86 -1.60
CA GLU A 84 17.24 -5.19 -1.54
C GLU A 84 18.72 -5.13 -1.88
N GLY A 85 19.57 -5.64 -0.98
CA GLY A 85 20.99 -5.61 -1.21
C GLY A 85 21.57 -4.22 -1.19
N TYR A 86 20.77 -3.26 -0.71
CA TYR A 86 21.21 -1.87 -0.63
C TYR A 86 21.83 -1.57 0.73
N THR A 87 22.93 -0.83 0.74
CA THR A 87 23.61 -0.49 1.97
C THR A 87 24.02 0.98 1.99
N PRO A 88 23.18 1.86 2.59
CA PRO A 88 23.48 3.29 2.67
C PRO A 88 24.59 3.59 3.66
N GLU A 89 25.51 4.45 3.25
CA GLU A 89 26.65 4.83 4.09
C GLU A 89 26.18 5.67 5.28
N ASP A 90 25.17 6.49 5.05
CA ASP A 90 24.62 7.36 6.09
C ASP A 90 23.29 7.97 5.65
N LYS A 91 22.57 8.56 6.59
CA LYS A 91 21.29 9.19 6.29
C LYS A 91 20.98 10.30 7.28
N LYS A 92 20.30 11.34 6.81
CA LYS A 92 19.93 12.48 7.65
C LYS A 92 18.93 12.06 8.72
N MET A 1 -15.70 17.93 2.35
CA MET A 1 -16.33 19.22 2.73
C MET A 1 -15.37 20.07 3.56
N GLY A 2 -14.98 19.55 4.72
CA GLY A 2 -14.06 20.26 5.58
C GLY A 2 -12.71 19.58 5.65
N SER A 3 -12.36 18.85 4.59
CA SER A 3 -11.08 18.14 4.54
C SER A 3 -10.40 18.38 3.19
N ARG A 4 -9.08 18.51 3.22
CA ARG A 4 -8.32 18.74 2.01
C ARG A 4 -8.46 17.57 1.05
N THR A 5 -8.10 17.78 -0.21
CA THR A 5 -8.19 16.73 -1.22
C THR A 5 -6.79 16.34 -1.70
N ILE A 6 -6.40 15.10 -1.40
CA ILE A 6 -5.08 14.62 -1.80
C ILE A 6 -5.06 14.17 -3.25
N PHE A 7 -3.92 13.65 -3.67
CA PHE A 7 -3.75 13.16 -5.04
C PHE A 7 -3.47 11.67 -5.01
N CYS A 8 -4.50 10.86 -5.28
CA CYS A 8 -4.33 9.42 -5.27
C CYS A 8 -3.32 9.00 -6.33
N THR A 9 -2.56 7.94 -6.04
CA THR A 9 -1.56 7.44 -6.98
C THR A 9 -2.10 6.25 -7.78
N PHE A 10 -3.09 5.57 -7.23
CA PHE A 10 -3.69 4.43 -7.90
C PHE A 10 -4.60 4.90 -9.03
N LEU A 11 -5.39 5.93 -8.76
CA LEU A 11 -6.28 6.50 -9.76
C LEU A 11 -5.58 7.59 -10.55
N GLN A 12 -4.45 8.08 -10.03
CA GLN A 12 -3.69 9.11 -10.69
C GLN A 12 -4.54 10.38 -10.84
N ARG A 13 -5.29 10.69 -9.79
CA ARG A 13 -6.14 11.87 -9.77
C ARG A 13 -6.14 12.52 -8.39
N GLU A 14 -7.07 13.44 -8.18
CA GLU A 14 -7.19 14.12 -6.89
C GLU A 14 -8.41 13.61 -6.12
N ALA A 15 -8.18 13.13 -4.91
CA ALA A 15 -9.26 12.60 -4.08
C ALA A 15 -8.97 12.80 -2.59
N GLU A 16 -10.00 12.65 -1.77
CA GLU A 16 -9.86 12.80 -0.32
C GLU A 16 -8.79 11.87 0.23
N GLY A 17 -8.41 12.08 1.48
CA GLY A 17 -7.40 11.24 2.11
C GLY A 17 -7.89 10.62 3.40
N GLN A 18 -7.34 9.46 3.74
CA GLN A 18 -7.72 8.75 4.96
C GLN A 18 -7.49 9.64 6.19
N ASP A 19 -7.83 9.11 7.36
CA ASP A 19 -7.67 9.84 8.60
C ASP A 19 -6.67 9.16 9.53
N PHE A 20 -6.58 7.83 9.41
CA PHE A 20 -5.65 7.06 10.24
C PHE A 20 -4.92 6.02 9.42
N GLN A 21 -3.61 5.90 9.66
CA GLN A 21 -2.79 4.93 8.96
C GLN A 21 -3.31 3.51 9.18
N LEU A 22 -3.58 2.81 8.09
CA LEU A 22 -4.09 1.44 8.16
C LEU A 22 -2.95 0.42 8.19
N TYR A 23 -1.98 0.60 7.29
CA TYR A 23 -0.83 -0.30 7.23
C TYR A 23 0.22 0.16 8.25
N PRO A 24 1.25 -0.66 8.50
CA PRO A 24 2.29 -0.33 9.47
C PRO A 24 3.49 0.38 8.84
N GLY A 25 4.46 0.71 9.68
CA GLY A 25 5.68 1.36 9.23
C GLY A 25 5.47 2.47 8.22
N GLU A 26 6.39 2.55 7.26
CA GLU A 26 6.36 3.56 6.22
C GLU A 26 5.38 3.20 5.12
N LEU A 27 5.32 1.93 4.76
CA LEU A 27 4.40 1.48 3.71
C LEU A 27 2.99 2.00 3.97
N GLY A 28 2.51 1.82 5.19
CA GLY A 28 1.18 2.29 5.53
C GLY A 28 1.05 3.79 5.35
N LYS A 29 2.13 4.51 5.59
CA LYS A 29 2.12 5.96 5.43
C LYS A 29 1.75 6.36 4.01
N ARG A 30 2.45 5.80 3.03
CA ARG A 30 2.19 6.11 1.62
C ARG A 30 0.75 5.77 1.24
N ILE A 31 0.21 4.68 1.80
CA ILE A 31 -1.17 4.30 1.51
C ILE A 31 -2.11 5.34 2.08
N TYR A 32 -1.92 5.63 3.35
CA TYR A 32 -2.72 6.62 4.03
C TYR A 32 -2.49 8.00 3.41
N ASN A 33 -1.38 8.14 2.68
CA ASN A 33 -1.04 9.42 2.06
C ASN A 33 -1.38 9.51 0.57
N GLU A 34 -0.92 8.54 -0.22
CA GLU A 34 -1.16 8.56 -1.66
C GLU A 34 -2.34 7.69 -2.10
N ILE A 35 -2.80 6.79 -1.24
CA ILE A 35 -3.91 5.92 -1.58
C ILE A 35 -5.20 6.34 -0.89
N SER A 36 -6.11 6.95 -1.66
CA SER A 36 -7.38 7.41 -1.14
C SER A 36 -8.21 6.24 -0.63
N LYS A 37 -9.28 6.55 0.10
CA LYS A 37 -10.16 5.51 0.65
C LYS A 37 -10.77 4.68 -0.47
N GLU A 38 -10.95 5.28 -1.64
CA GLU A 38 -11.53 4.59 -2.78
C GLU A 38 -10.57 3.55 -3.35
N ALA A 39 -9.31 3.93 -3.49
CA ALA A 39 -8.29 3.02 -4.02
C ALA A 39 -8.05 1.85 -3.06
N TRP A 40 -8.14 2.13 -1.77
CA TRP A 40 -7.95 1.10 -0.74
C TRP A 40 -9.03 0.04 -0.84
N ALA A 41 -10.22 0.45 -1.24
CA ALA A 41 -11.34 -0.47 -1.38
C ALA A 41 -11.10 -1.44 -2.55
N GLN A 42 -10.23 -1.05 -3.46
CA GLN A 42 -9.89 -1.88 -4.61
C GLN A 42 -8.83 -2.90 -4.22
N TRP A 43 -7.91 -2.48 -3.35
CA TRP A 43 -6.84 -3.36 -2.89
C TRP A 43 -7.40 -4.37 -1.89
N GLN A 44 -8.09 -3.87 -0.87
CA GLN A 44 -8.68 -4.72 0.16
C GLN A 44 -9.36 -5.93 -0.47
N HIS A 45 -10.04 -5.70 -1.59
CA HIS A 45 -10.71 -6.77 -2.31
C HIS A 45 -9.70 -7.78 -2.83
N LYS A 46 -8.65 -7.27 -3.46
CA LYS A 46 -7.60 -8.13 -4.01
C LYS A 46 -6.74 -8.71 -2.90
N GLN A 47 -6.69 -8.01 -1.77
CA GLN A 47 -5.91 -8.48 -0.63
C GLN A 47 -6.51 -9.76 -0.05
N THR A 48 -7.78 -9.69 0.32
CA THR A 48 -8.47 -10.84 0.90
C THR A 48 -8.29 -12.10 0.06
N MET A 49 -8.34 -11.96 -1.26
CA MET A 49 -8.17 -13.11 -2.15
C MET A 49 -6.71 -13.50 -2.27
N LEU A 50 -5.84 -12.50 -2.41
CA LEU A 50 -4.41 -12.75 -2.53
C LEU A 50 -3.91 -13.59 -1.35
N ILE A 51 -4.61 -13.49 -0.23
CA ILE A 51 -4.25 -14.25 0.97
C ILE A 51 -4.83 -15.65 0.92
N ASN A 52 -6.07 -15.75 0.49
CA ASN A 52 -6.76 -17.03 0.40
C ASN A 52 -6.25 -17.85 -0.77
N GLU A 53 -5.92 -17.18 -1.87
CA GLU A 53 -5.42 -17.86 -3.07
C GLU A 53 -3.95 -18.28 -2.90
N LYS A 54 -3.10 -17.32 -2.53
CA LYS A 54 -1.68 -17.61 -2.34
C LYS A 54 -1.44 -18.31 -1.01
N LYS A 55 -2.49 -18.43 -0.21
CA LYS A 55 -2.39 -19.07 1.09
C LYS A 55 -1.42 -18.32 2.00
N LEU A 56 -1.77 -17.07 2.31
CA LEU A 56 -0.94 -16.24 3.17
C LEU A 56 -1.34 -16.40 4.63
N ASN A 57 -0.73 -15.59 5.50
CA ASN A 57 -1.01 -15.64 6.93
C ASN A 57 -0.61 -14.33 7.60
N MET A 58 -1.60 -13.49 7.84
CA MET A 58 -1.38 -12.19 8.47
C MET A 58 -0.81 -12.34 9.89
N MET A 59 -0.91 -13.53 10.46
CA MET A 59 -0.40 -13.78 11.80
C MET A 59 1.11 -13.98 11.78
N ASN A 60 1.69 -14.06 10.59
CA ASN A 60 3.13 -14.26 10.44
C ASN A 60 3.75 -13.11 9.66
N ALA A 61 4.82 -12.54 10.20
CA ALA A 61 5.50 -11.43 9.55
C ALA A 61 6.00 -11.83 8.16
N GLU A 62 6.31 -13.12 8.01
CA GLU A 62 6.80 -13.66 6.73
C GLU A 62 5.80 -13.42 5.61
N HIS A 63 4.53 -13.68 5.89
CA HIS A 63 3.48 -13.48 4.89
C HIS A 63 3.00 -12.05 4.90
N ARG A 64 2.93 -11.47 6.10
CA ARG A 64 2.49 -10.09 6.26
C ARG A 64 3.25 -9.17 5.31
N LYS A 65 4.57 -9.29 5.30
CA LYS A 65 5.40 -8.46 4.44
C LYS A 65 5.15 -8.79 2.97
N LEU A 66 4.69 -10.02 2.71
CA LEU A 66 4.42 -10.43 1.34
C LEU A 66 3.26 -9.61 0.77
N LEU A 67 2.16 -9.53 1.51
CA LEU A 67 1.01 -8.74 1.08
C LEU A 67 1.46 -7.33 0.73
N GLU A 68 2.32 -6.77 1.58
CA GLU A 68 2.85 -5.43 1.38
C GLU A 68 3.48 -5.32 -0.01
N GLN A 69 3.90 -6.45 -0.56
CA GLN A 69 4.51 -6.51 -1.88
C GLN A 69 3.44 -6.39 -2.97
N GLU A 70 2.35 -7.13 -2.80
CA GLU A 70 1.26 -7.12 -3.76
C GLU A 70 0.53 -5.78 -3.79
N MET A 71 0.16 -5.28 -2.61
CA MET A 71 -0.55 -4.01 -2.51
C MET A 71 0.06 -2.94 -3.42
N VAL A 72 1.38 -2.94 -3.54
CA VAL A 72 2.06 -1.98 -4.40
C VAL A 72 1.66 -2.16 -5.85
N ASN A 73 1.96 -3.34 -6.38
CA ASN A 73 1.64 -3.66 -7.78
C ASN A 73 0.17 -3.35 -8.09
N PHE A 74 -0.66 -3.25 -7.05
CA PHE A 74 -2.07 -2.95 -7.23
C PHE A 74 -2.36 -1.47 -7.10
N LEU A 75 -1.87 -0.86 -6.02
CA LEU A 75 -2.11 0.56 -5.76
C LEU A 75 -0.90 1.43 -6.10
N PHE A 76 0.28 1.00 -5.63
CA PHE A 76 1.52 1.75 -5.86
C PHE A 76 2.28 1.25 -7.07
N GLU A 77 1.55 0.70 -8.01
CA GLU A 77 2.15 0.16 -9.23
C GLU A 77 2.79 1.27 -10.07
N GLY A 78 3.72 2.00 -9.48
CA GLY A 78 4.39 3.07 -10.18
C GLY A 78 5.07 4.05 -9.24
N LYS A 79 4.50 4.23 -8.05
CA LYS A 79 5.05 5.14 -7.06
C LYS A 79 5.38 4.40 -5.77
N GLU A 80 6.65 4.05 -5.59
CA GLU A 80 7.08 3.33 -4.39
C GLU A 80 8.58 3.08 -4.41
N VAL A 81 9.13 2.94 -5.61
CA VAL A 81 10.56 2.68 -5.78
C VAL A 81 11.35 3.98 -5.63
N HIS A 82 11.18 4.67 -4.51
CA HIS A 82 11.88 5.92 -4.26
C HIS A 82 12.66 5.84 -2.95
N ILE A 83 13.62 6.73 -2.80
CA ILE A 83 14.45 6.78 -1.60
C ILE A 83 14.25 8.09 -0.85
N GLU A 84 14.57 8.09 0.44
CA GLU A 84 14.43 9.28 1.27
C GLU A 84 15.50 9.33 2.35
N GLY A 85 16.21 10.46 2.41
CA GLY A 85 17.27 10.61 3.40
C GLY A 85 18.54 9.86 3.01
N TYR A 86 18.84 9.87 1.72
CA TYR A 86 20.03 9.19 1.21
C TYR A 86 21.30 9.90 1.68
N THR A 87 22.21 9.12 2.28
CA THR A 87 23.46 9.67 2.77
C THR A 87 24.65 8.95 2.12
N PRO A 88 25.10 9.45 0.96
CA PRO A 88 26.24 8.85 0.24
C PRO A 88 27.48 8.72 1.10
N GLU A 89 28.50 8.04 0.56
CA GLU A 89 29.76 7.85 1.27
C GLU A 89 30.51 9.17 1.40
N ASP A 90 30.55 9.92 0.31
CA ASP A 90 31.24 11.21 0.29
C ASP A 90 30.30 12.33 -0.15
N LYS A 91 30.12 13.32 0.70
CA LYS A 91 29.25 14.45 0.41
C LYS A 91 29.55 15.64 1.32
N LYS A 92 29.91 16.76 0.72
CA LYS A 92 30.23 17.96 1.48
C LYS A 92 28.98 18.55 2.12
N MET A 1 -9.56 26.18 5.95
CA MET A 1 -9.63 24.77 6.40
C MET A 1 -11.06 24.24 6.34
N GLY A 2 -11.22 23.00 5.92
CA GLY A 2 -12.54 22.41 5.81
C GLY A 2 -12.48 20.95 5.39
N SER A 3 -11.65 20.65 4.40
CA SER A 3 -11.51 19.29 3.90
C SER A 3 -10.21 19.13 3.12
N ARG A 4 -9.52 18.01 3.34
CA ARG A 4 -8.26 17.73 2.67
C ARG A 4 -8.49 16.90 1.41
N THR A 5 -7.75 17.23 0.36
CA THR A 5 -7.87 16.51 -0.91
C THR A 5 -6.51 16.09 -1.43
N ILE A 6 -6.22 14.79 -1.35
CA ILE A 6 -4.95 14.25 -1.81
C ILE A 6 -5.03 13.82 -3.27
N PHE A 7 -3.92 13.30 -3.79
CA PHE A 7 -3.87 12.83 -5.16
C PHE A 7 -3.62 11.33 -5.21
N CYS A 8 -4.69 10.56 -5.36
CA CYS A 8 -4.59 9.11 -5.41
C CYS A 8 -3.77 8.63 -6.61
N THR A 9 -2.54 8.19 -6.34
CA THR A 9 -1.65 7.72 -7.40
C THR A 9 -2.25 6.53 -8.14
N PHE A 10 -3.25 5.88 -7.54
CA PHE A 10 -3.90 4.74 -8.16
C PHE A 10 -4.81 5.20 -9.29
N LEU A 11 -5.70 6.12 -8.97
CA LEU A 11 -6.63 6.67 -9.96
C LEU A 11 -6.01 7.86 -10.68
N GLN A 12 -4.87 8.32 -10.20
CA GLN A 12 -4.18 9.45 -10.79
C GLN A 12 -5.09 10.68 -10.77
N ARG A 13 -5.79 10.87 -9.66
CA ARG A 13 -6.69 12.01 -9.51
C ARG A 13 -6.67 12.51 -8.07
N GLU A 14 -7.36 13.61 -7.82
CA GLU A 14 -7.41 14.18 -6.47
C GLU A 14 -8.65 13.71 -5.71
N ALA A 15 -8.41 12.99 -4.61
CA ALA A 15 -9.50 12.48 -3.79
C ALA A 15 -9.45 13.10 -2.39
N GLU A 16 -10.45 12.78 -1.57
CA GLU A 16 -10.52 13.31 -0.21
C GLU A 16 -9.48 12.67 0.71
N GLY A 17 -8.94 11.53 0.29
CA GLY A 17 -7.94 10.85 1.09
C GLY A 17 -8.48 10.39 2.43
N GLN A 18 -7.58 9.98 3.33
CA GLN A 18 -7.97 9.51 4.64
C GLN A 18 -7.46 10.45 5.74
N ASP A 19 -7.77 10.13 6.99
CA ASP A 19 -7.35 10.96 8.11
C ASP A 19 -6.42 10.19 9.06
N PHE A 20 -6.49 8.86 9.03
CA PHE A 20 -5.66 8.03 9.88
C PHE A 20 -4.93 6.96 9.06
N GLN A 21 -3.69 6.68 9.44
CA GLN A 21 -2.89 5.67 8.75
C GLN A 21 -3.43 4.27 9.04
N LEU A 22 -3.79 3.55 7.98
CA LEU A 22 -4.33 2.20 8.12
C LEU A 22 -3.23 1.15 8.20
N TYR A 23 -2.16 1.36 7.45
CA TYR A 23 -1.02 0.44 7.45
C TYR A 23 0.08 0.94 8.38
N PRO A 24 1.09 0.10 8.68
CA PRO A 24 2.19 0.47 9.56
C PRO A 24 3.39 1.03 8.82
N GLY A 25 4.49 1.19 9.56
CA GLY A 25 5.74 1.68 8.98
C GLY A 25 5.55 2.78 7.96
N GLU A 26 6.42 2.76 6.95
CA GLU A 26 6.40 3.76 5.88
C GLU A 26 5.34 3.42 4.84
N LEU A 27 5.13 2.14 4.59
CA LEU A 27 4.14 1.71 3.61
C LEU A 27 2.78 2.30 3.95
N GLY A 28 2.37 2.19 5.21
CA GLY A 28 1.11 2.75 5.62
C GLY A 28 1.05 4.24 5.40
N LYS A 29 2.20 4.90 5.52
CA LYS A 29 2.27 6.34 5.31
C LYS A 29 1.94 6.68 3.86
N ARG A 30 2.64 6.05 2.93
CA ARG A 30 2.41 6.28 1.50
C ARG A 30 0.97 5.96 1.10
N ILE A 31 0.41 4.89 1.65
CA ILE A 31 -0.97 4.51 1.34
C ILE A 31 -1.93 5.58 1.85
N TYR A 32 -1.89 5.81 3.15
CA TYR A 32 -2.74 6.80 3.77
C TYR A 32 -2.45 8.19 3.21
N ASN A 33 -1.29 8.36 2.57
CA ASN A 33 -0.91 9.67 2.02
C ASN A 33 -1.14 9.76 0.51
N GLU A 34 -0.72 8.73 -0.22
CA GLU A 34 -0.85 8.72 -1.68
C GLU A 34 -2.05 7.90 -2.17
N ILE A 35 -2.56 7.03 -1.31
CA ILE A 35 -3.71 6.19 -1.68
C ILE A 35 -4.96 6.63 -0.93
N SER A 36 -6.03 6.89 -1.68
CA SER A 36 -7.29 7.33 -1.10
C SER A 36 -8.18 6.13 -0.79
N LYS A 37 -9.31 6.38 -0.15
CA LYS A 37 -10.24 5.32 0.22
C LYS A 37 -10.72 4.58 -1.03
N GLU A 38 -10.88 5.32 -2.13
CA GLU A 38 -11.33 4.73 -3.39
C GLU A 38 -10.38 3.62 -3.85
N ALA A 39 -9.08 3.87 -3.72
CA ALA A 39 -8.09 2.88 -4.13
C ALA A 39 -7.92 1.80 -3.07
N TRP A 40 -7.83 2.22 -1.80
CA TRP A 40 -7.67 1.27 -0.71
C TRP A 40 -8.79 0.23 -0.71
N ALA A 41 -10.00 0.68 -1.04
CA ALA A 41 -11.15 -0.21 -1.09
C ALA A 41 -10.91 -1.33 -2.09
N GLN A 42 -10.29 -0.98 -3.21
CA GLN A 42 -9.97 -1.95 -4.25
C GLN A 42 -8.89 -2.91 -3.76
N TRP A 43 -8.03 -2.42 -2.87
CA TRP A 43 -6.96 -3.24 -2.32
C TRP A 43 -7.51 -4.27 -1.34
N GLN A 44 -8.32 -3.80 -0.40
CA GLN A 44 -8.92 -4.68 0.61
C GLN A 44 -9.44 -5.96 -0.04
N HIS A 45 -10.25 -5.80 -1.08
CA HIS A 45 -10.81 -6.93 -1.81
C HIS A 45 -9.71 -7.79 -2.42
N LYS A 46 -8.81 -7.15 -3.15
CA LYS A 46 -7.69 -7.85 -3.78
C LYS A 46 -6.73 -8.41 -2.73
N GLN A 47 -6.79 -7.87 -1.52
CA GLN A 47 -5.93 -8.32 -0.45
C GLN A 47 -6.42 -9.63 0.15
N THR A 48 -7.66 -9.62 0.61
CA THR A 48 -8.27 -10.80 1.21
C THR A 48 -8.18 -12.01 0.29
N MET A 49 -8.30 -11.78 -1.01
CA MET A 49 -8.24 -12.87 -1.99
C MET A 49 -6.80 -13.32 -2.22
N LEU A 50 -5.87 -12.36 -2.23
CA LEU A 50 -4.47 -12.67 -2.44
C LEU A 50 -3.97 -13.65 -1.39
N ILE A 51 -4.51 -13.56 -0.19
CA ILE A 51 -4.12 -14.44 0.91
C ILE A 51 -4.69 -15.84 0.72
N ASN A 52 -5.95 -15.90 0.33
CA ASN A 52 -6.62 -17.19 0.11
C ASN A 52 -6.11 -17.86 -1.16
N GLU A 53 -5.68 -17.04 -2.12
CA GLU A 53 -5.17 -17.56 -3.40
C GLU A 53 -3.70 -17.92 -3.29
N LYS A 54 -2.88 -16.96 -2.85
CA LYS A 54 -1.44 -17.18 -2.73
C LYS A 54 -1.11 -18.03 -1.50
N LYS A 55 -2.13 -18.39 -0.72
CA LYS A 55 -1.95 -19.20 0.47
C LYS A 55 -1.10 -18.48 1.51
N LEU A 56 -1.50 -17.27 1.86
CA LEU A 56 -0.78 -16.49 2.85
C LEU A 56 -1.30 -16.79 4.26
N ASN A 57 -0.66 -16.22 5.27
CA ASN A 57 -1.08 -16.45 6.65
C ASN A 57 -0.74 -15.24 7.52
N MET A 58 -1.76 -14.47 7.86
CA MET A 58 -1.59 -13.27 8.68
C MET A 58 -0.89 -13.60 10.00
N MET A 59 -0.98 -14.86 10.42
CA MET A 59 -0.35 -15.29 11.66
C MET A 59 1.15 -15.54 11.46
N ASN A 60 1.63 -15.32 10.25
CA ASN A 60 3.04 -15.50 9.93
C ASN A 60 3.67 -14.20 9.47
N ALA A 61 4.87 -13.91 9.96
CA ALA A 61 5.58 -12.69 9.59
C ALA A 61 6.07 -12.73 8.14
N GLU A 62 6.51 -13.91 7.71
CA GLU A 62 7.00 -14.09 6.35
C GLU A 62 5.92 -13.78 5.32
N HIS A 63 4.67 -14.12 5.64
CA HIS A 63 3.55 -13.86 4.74
C HIS A 63 3.02 -12.45 4.91
N ARG A 64 2.96 -11.98 6.16
CA ARG A 64 2.47 -10.64 6.46
C ARG A 64 3.15 -9.61 5.57
N LYS A 65 4.48 -9.63 5.56
CA LYS A 65 5.25 -8.70 4.75
C LYS A 65 4.99 -8.91 3.26
N LEU A 66 4.66 -10.15 2.89
CA LEU A 66 4.38 -10.48 1.50
C LEU A 66 3.19 -9.67 0.98
N LEU A 67 2.11 -9.62 1.77
CA LEU A 67 0.93 -8.87 1.38
C LEU A 67 1.27 -7.40 1.18
N GLU A 68 2.05 -6.86 2.11
CA GLU A 68 2.47 -5.47 2.02
C GLU A 68 3.18 -5.22 0.70
N GLN A 69 3.72 -6.29 0.13
CA GLN A 69 4.42 -6.22 -1.15
C GLN A 69 3.43 -6.16 -2.31
N GLU A 70 2.44 -7.05 -2.27
CA GLU A 70 1.43 -7.12 -3.32
C GLU A 70 0.66 -5.80 -3.42
N MET A 71 0.30 -5.24 -2.27
CA MET A 71 -0.45 -3.98 -2.24
C MET A 71 0.17 -2.94 -3.17
N VAL A 72 1.50 -2.94 -3.27
CA VAL A 72 2.19 -1.99 -4.14
C VAL A 72 1.81 -2.25 -5.59
N ASN A 73 2.05 -3.48 -6.04
CA ASN A 73 1.73 -3.87 -7.42
C ASN A 73 0.28 -3.50 -7.77
N PHE A 74 -0.55 -3.31 -6.74
CA PHE A 74 -1.95 -2.97 -6.95
C PHE A 74 -2.18 -1.46 -6.88
N LEU A 75 -1.66 -0.83 -5.82
CA LEU A 75 -1.85 0.60 -5.62
C LEU A 75 -0.61 1.43 -5.98
N PHE A 76 0.56 0.92 -5.63
CA PHE A 76 1.82 1.63 -5.90
C PHE A 76 2.60 1.00 -7.05
N GLU A 77 1.88 0.39 -7.96
CA GLU A 77 2.47 -0.28 -9.11
C GLU A 77 3.15 0.73 -10.04
N GLY A 78 4.11 1.48 -9.51
CA GLY A 78 4.81 2.46 -10.30
C GLY A 78 5.93 3.14 -9.55
N LYS A 79 5.67 3.51 -8.31
CA LYS A 79 6.68 4.18 -7.48
C LYS A 79 7.75 3.20 -7.03
N GLU A 80 7.33 2.00 -6.65
CA GLU A 80 8.26 0.97 -6.20
C GLU A 80 9.13 1.47 -5.05
N VAL A 81 8.50 2.13 -4.08
CA VAL A 81 9.21 2.66 -2.93
C VAL A 81 9.22 1.66 -1.78
N HIS A 82 9.20 0.38 -2.12
CA HIS A 82 9.21 -0.68 -1.12
C HIS A 82 10.50 -1.50 -1.19
N ILE A 83 11.54 -1.01 -0.53
CA ILE A 83 12.82 -1.70 -0.52
C ILE A 83 12.95 -2.61 0.70
N GLU A 84 13.40 -3.84 0.46
CA GLU A 84 13.57 -4.81 1.53
C GLU A 84 14.91 -5.52 1.41
N GLY A 85 15.25 -6.32 2.41
CA GLY A 85 16.51 -7.04 2.40
C GLY A 85 17.65 -6.21 2.94
N TYR A 86 17.40 -4.94 3.22
CA TYR A 86 18.42 -4.04 3.74
C TYR A 86 18.74 -4.38 5.19
N THR A 87 20.02 -4.57 5.49
CA THR A 87 20.46 -4.90 6.83
C THR A 87 21.67 -4.05 7.24
N PRO A 88 21.42 -2.83 7.73
CA PRO A 88 22.49 -1.92 8.15
C PRO A 88 22.95 -2.17 9.58
N GLU A 89 22.60 -3.33 10.12
CA GLU A 89 23.00 -3.70 11.48
C GLU A 89 24.45 -4.15 11.54
N ASP A 90 24.93 -4.71 10.42
CA ASP A 90 26.30 -5.19 10.34
C ASP A 90 26.99 -4.66 9.09
N LYS A 91 28.31 -4.49 9.17
CA LYS A 91 29.08 -3.99 8.04
C LYS A 91 29.59 -5.14 7.17
N LYS A 92 28.67 -5.81 6.49
CA LYS A 92 29.01 -6.93 5.63
C LYS A 92 29.95 -6.49 4.51
N MET A 1 -14.32 24.00 4.70
CA MET A 1 -13.07 24.50 5.34
C MET A 1 -12.61 23.58 6.46
N GLY A 2 -11.82 22.57 6.10
CA GLY A 2 -11.33 21.63 7.09
C GLY A 2 -10.93 20.30 6.48
N SER A 3 -11.55 19.96 5.35
CA SER A 3 -11.25 18.71 4.67
C SER A 3 -10.62 18.96 3.31
N ARG A 4 -9.36 18.58 3.17
CA ARG A 4 -8.63 18.76 1.92
C ARG A 4 -8.67 17.49 1.08
N THR A 5 -8.41 17.64 -0.22
CA THR A 5 -8.42 16.51 -1.13
C THR A 5 -6.99 16.18 -1.59
N ILE A 6 -6.55 14.97 -1.29
CA ILE A 6 -5.20 14.53 -1.67
C ILE A 6 -5.17 14.08 -3.12
N PHE A 7 -3.99 13.65 -3.57
CA PHE A 7 -3.83 13.18 -4.94
C PHE A 7 -3.45 11.70 -4.94
N CYS A 8 -4.44 10.84 -5.19
CA CYS A 8 -4.20 9.41 -5.21
C CYS A 8 -3.21 9.03 -6.32
N THR A 9 -2.39 8.01 -6.07
CA THR A 9 -1.42 7.56 -7.05
C THR A 9 -1.96 6.38 -7.85
N PHE A 10 -2.94 5.69 -7.29
CA PHE A 10 -3.56 4.54 -7.94
C PHE A 10 -4.47 5.02 -9.07
N LEU A 11 -5.29 6.03 -8.77
CA LEU A 11 -6.20 6.59 -9.75
C LEU A 11 -5.55 7.76 -10.48
N GLN A 12 -4.43 8.23 -9.96
CA GLN A 12 -3.72 9.34 -10.57
C GLN A 12 -4.62 10.57 -10.66
N ARG A 13 -5.37 10.81 -9.57
CA ARG A 13 -6.28 11.94 -9.52
C ARG A 13 -6.32 12.53 -8.11
N GLU A 14 -7.20 13.49 -7.89
CA GLU A 14 -7.33 14.11 -6.57
C GLU A 14 -8.55 13.58 -5.83
N ALA A 15 -8.31 12.90 -4.71
CA ALA A 15 -9.39 12.33 -3.91
C ALA A 15 -9.15 12.54 -2.42
N GLU A 16 -10.16 12.22 -1.61
CA GLU A 16 -10.06 12.37 -0.16
C GLU A 16 -8.94 11.48 0.40
N GLY A 17 -8.80 11.48 1.71
CA GLY A 17 -7.78 10.67 2.35
C GLY A 17 -8.31 9.86 3.51
N GLN A 18 -7.43 9.15 4.20
CA GLN A 18 -7.83 8.33 5.33
C GLN A 18 -7.67 9.09 6.64
N ASP A 19 -8.42 8.68 7.65
CA ASP A 19 -8.38 9.33 8.96
C ASP A 19 -7.23 8.80 9.81
N PHE A 20 -6.83 7.55 9.56
CA PHE A 20 -5.75 6.93 10.32
C PHE A 20 -4.99 5.91 9.47
N GLN A 21 -3.69 5.84 9.69
CA GLN A 21 -2.84 4.90 8.95
C GLN A 21 -3.28 3.46 9.21
N LEU A 22 -3.64 2.76 8.13
CA LEU A 22 -4.09 1.38 8.25
C LEU A 22 -2.92 0.42 8.27
N TYR A 23 -1.94 0.65 7.39
CA TYR A 23 -0.75 -0.19 7.33
C TYR A 23 0.32 0.33 8.29
N PRO A 24 1.34 -0.48 8.60
CA PRO A 24 2.41 -0.09 9.51
C PRO A 24 3.60 0.55 8.81
N GLY A 25 4.65 0.78 9.59
CA GLY A 25 5.87 1.36 9.06
C GLY A 25 5.66 2.48 8.06
N GLU A 26 6.53 2.50 7.05
CA GLU A 26 6.47 3.53 6.01
C GLU A 26 5.44 3.20 4.95
N LEU A 27 5.26 1.90 4.67
CA LEU A 27 4.30 1.48 3.66
C LEU A 27 2.92 2.06 3.99
N GLY A 28 2.48 1.87 5.23
CA GLY A 28 1.20 2.39 5.64
C GLY A 28 1.10 3.88 5.45
N LYS A 29 2.21 4.57 5.64
CA LYS A 29 2.24 6.02 5.47
C LYS A 29 1.91 6.39 4.01
N ARG A 30 2.68 5.85 3.08
CA ARG A 30 2.47 6.14 1.66
C ARG A 30 1.05 5.77 1.23
N ILE A 31 0.53 4.64 1.72
CA ILE A 31 -0.82 4.23 1.37
C ILE A 31 -1.83 5.23 1.90
N TYR A 32 -1.84 5.39 3.21
CA TYR A 32 -2.72 6.32 3.87
C TYR A 32 -2.54 7.74 3.32
N ASN A 33 -1.40 7.97 2.66
CA ASN A 33 -1.11 9.30 2.11
C ASN A 33 -1.41 9.41 0.61
N GLU A 34 -0.84 8.50 -0.18
CA GLU A 34 -1.00 8.52 -1.63
C GLU A 34 -2.15 7.63 -2.10
N ILE A 35 -2.55 6.69 -1.27
CA ILE A 35 -3.64 5.78 -1.61
C ILE A 35 -4.93 6.19 -0.88
N SER A 36 -5.78 6.93 -1.58
CA SER A 36 -7.04 7.39 -1.01
C SER A 36 -7.90 6.21 -0.55
N LYS A 37 -9.02 6.52 0.10
CA LYS A 37 -9.92 5.49 0.59
C LYS A 37 -10.49 4.67 -0.56
N GLU A 38 -10.74 5.33 -1.69
CA GLU A 38 -11.28 4.66 -2.86
C GLU A 38 -10.30 3.65 -3.44
N ALA A 39 -9.02 4.02 -3.48
CA ALA A 39 -7.98 3.15 -4.01
C ALA A 39 -7.75 1.95 -3.09
N TRP A 40 -7.83 2.19 -1.79
CA TRP A 40 -7.64 1.15 -0.79
C TRP A 40 -8.74 0.10 -0.89
N ALA A 41 -9.97 0.56 -1.09
CA ALA A 41 -11.11 -0.34 -1.22
C ALA A 41 -10.95 -1.29 -2.41
N GLN A 42 -10.11 -0.88 -3.35
CA GLN A 42 -9.84 -1.67 -4.54
C GLN A 42 -8.77 -2.72 -4.27
N TRP A 43 -7.91 -2.41 -3.30
CA TRP A 43 -6.83 -3.32 -2.92
C TRP A 43 -7.33 -4.37 -1.92
N GLN A 44 -8.05 -3.89 -0.90
CA GLN A 44 -8.59 -4.78 0.12
C GLN A 44 -9.28 -5.99 -0.51
N HIS A 45 -10.03 -5.74 -1.58
CA HIS A 45 -10.74 -6.80 -2.28
C HIS A 45 -9.75 -7.74 -2.96
N LYS A 46 -8.81 -7.16 -3.70
CA LYS A 46 -7.79 -7.95 -4.38
C LYS A 46 -6.82 -8.56 -3.37
N GLN A 47 -6.78 -7.99 -2.18
CA GLN A 47 -5.91 -8.48 -1.13
C GLN A 47 -6.46 -9.73 -0.46
N THR A 48 -7.66 -9.60 0.11
CA THR A 48 -8.31 -10.72 0.80
C THR A 48 -8.28 -12.00 -0.05
N MET A 49 -8.30 -11.86 -1.37
CA MET A 49 -8.28 -13.01 -2.26
C MET A 49 -6.88 -13.61 -2.36
N LEU A 50 -5.86 -12.76 -2.34
CA LEU A 50 -4.49 -13.23 -2.42
C LEU A 50 -4.13 -14.04 -1.18
N ILE A 51 -4.55 -13.56 -0.02
CA ILE A 51 -4.29 -14.24 1.23
C ILE A 51 -4.94 -15.61 1.25
N ASN A 52 -6.17 -15.68 0.76
CA ASN A 52 -6.92 -16.92 0.71
C ASN A 52 -6.40 -17.82 -0.41
N GLU A 53 -6.03 -17.21 -1.53
CA GLU A 53 -5.52 -17.97 -2.68
C GLU A 53 -4.06 -18.37 -2.47
N LYS A 54 -3.21 -17.40 -2.17
CA LYS A 54 -1.79 -17.67 -1.95
C LYS A 54 -1.58 -18.32 -0.59
N LYS A 55 -2.64 -18.34 0.23
CA LYS A 55 -2.56 -18.93 1.56
C LYS A 55 -1.58 -18.18 2.45
N LEU A 56 -1.88 -16.92 2.74
CA LEU A 56 -1.02 -16.10 3.59
C LEU A 56 -1.42 -16.27 5.06
N ASN A 57 -0.87 -15.43 5.93
CA ASN A 57 -1.18 -15.51 7.35
C ASN A 57 -0.88 -14.18 8.04
N MET A 58 -1.91 -13.36 8.22
CA MET A 58 -1.76 -12.06 8.87
C MET A 58 -1.08 -12.19 10.23
N MET A 59 -1.09 -13.39 10.80
CA MET A 59 -0.47 -13.63 12.09
C MET A 59 1.02 -13.95 11.95
N ASN A 60 1.58 -13.70 10.76
CA ASN A 60 2.99 -13.97 10.49
C ASN A 60 3.58 -12.86 9.63
N ALA A 61 4.67 -12.27 10.11
CA ALA A 61 5.35 -11.20 9.38
C ALA A 61 5.79 -11.67 8.00
N GLU A 62 6.20 -12.94 7.91
CA GLU A 62 6.64 -13.51 6.65
C GLU A 62 5.61 -13.29 5.54
N HIS A 63 4.35 -13.54 5.86
CA HIS A 63 3.26 -13.37 4.91
C HIS A 63 2.79 -11.93 4.87
N ARG A 64 2.73 -11.31 6.05
CA ARG A 64 2.28 -9.92 6.17
C ARG A 64 3.00 -9.03 5.15
N LYS A 65 4.32 -9.20 5.07
CA LYS A 65 5.13 -8.42 4.13
C LYS A 65 4.75 -8.76 2.69
N LEU A 66 4.32 -9.99 2.47
CA LEU A 66 3.93 -10.43 1.13
C LEU A 66 2.87 -9.51 0.56
N LEU A 67 1.90 -9.14 1.40
CA LEU A 67 0.82 -8.25 0.98
C LEU A 67 1.40 -6.92 0.53
N GLU A 68 2.37 -6.41 1.29
CA GLU A 68 3.02 -5.15 0.97
C GLU A 68 3.70 -5.24 -0.40
N GLN A 69 3.95 -6.47 -0.85
CA GLN A 69 4.59 -6.70 -2.13
C GLN A 69 3.59 -6.59 -3.28
N GLU A 70 2.52 -7.38 -3.17
CA GLU A 70 1.48 -7.39 -4.20
C GLU A 70 0.77 -6.04 -4.28
N MET A 71 0.40 -5.49 -3.12
CA MET A 71 -0.30 -4.21 -3.06
C MET A 71 0.33 -3.18 -4.00
N VAL A 72 1.64 -3.03 -3.94
CA VAL A 72 2.33 -2.06 -4.80
C VAL A 72 1.92 -2.24 -6.25
N ASN A 73 2.14 -3.43 -6.76
CA ASN A 73 1.78 -3.76 -8.13
C ASN A 73 0.33 -3.37 -8.43
N PHE A 74 -0.47 -3.25 -7.38
CA PHE A 74 -1.88 -2.89 -7.53
C PHE A 74 -2.12 -1.39 -7.36
N LEU A 75 -1.63 -0.84 -6.26
CA LEU A 75 -1.82 0.59 -5.97
C LEU A 75 -0.59 1.42 -6.28
N PHE A 76 0.57 0.98 -5.81
CA PHE A 76 1.82 1.71 -6.02
C PHE A 76 2.54 1.25 -7.28
N GLU A 77 1.80 0.75 -8.23
CA GLU A 77 2.38 0.27 -9.48
C GLU A 77 2.93 1.44 -10.29
N GLY A 78 3.86 2.18 -9.70
CA GLY A 78 4.45 3.31 -10.36
C GLY A 78 5.19 4.24 -9.42
N LYS A 79 4.45 4.86 -8.50
CA LYS A 79 5.05 5.78 -7.54
C LYS A 79 5.59 5.04 -6.33
N GLU A 80 6.82 4.56 -6.43
CA GLU A 80 7.46 3.83 -5.34
C GLU A 80 8.87 3.42 -5.73
N VAL A 81 9.05 3.08 -6.99
CA VAL A 81 10.35 2.67 -7.50
C VAL A 81 11.32 3.85 -7.54
N HIS A 82 11.71 4.33 -6.37
CA HIS A 82 12.63 5.46 -6.26
C HIS A 82 14.03 5.00 -5.89
N ILE A 83 15.01 5.86 -6.10
CA ILE A 83 16.40 5.56 -5.77
C ILE A 83 17.03 6.67 -4.95
N GLU A 84 17.37 6.35 -3.70
CA GLU A 84 17.98 7.33 -2.80
C GLU A 84 19.49 7.41 -3.03
N GLY A 85 19.93 8.52 -3.63
CA GLY A 85 21.35 8.70 -3.90
C GLY A 85 21.62 9.89 -4.80
N TYR A 86 20.68 10.17 -5.71
CA TYR A 86 20.83 11.30 -6.62
C TYR A 86 20.19 12.55 -6.06
N THR A 87 20.61 13.71 -6.55
CA THR A 87 20.06 14.99 -6.10
C THR A 87 18.95 15.46 -7.04
N PRO A 88 17.70 15.56 -6.53
CA PRO A 88 16.56 16.00 -7.34
C PRO A 88 16.64 17.47 -7.73
N GLU A 89 16.52 17.74 -9.01
CA GLU A 89 16.57 19.11 -9.52
C GLU A 89 15.21 19.78 -9.40
N ASP A 90 14.15 19.00 -9.61
CA ASP A 90 12.79 19.51 -9.53
C ASP A 90 12.56 20.60 -10.56
N LYS A 91 12.25 20.20 -11.79
CA LYS A 91 12.01 21.15 -12.86
C LYS A 91 13.25 21.98 -13.16
N LYS A 92 13.24 22.68 -14.28
CA LYS A 92 14.36 23.52 -14.68
C LYS A 92 14.02 24.99 -14.53
N MET A 1 -12.58 27.56 5.16
CA MET A 1 -12.40 26.29 4.41
C MET A 1 -12.16 25.12 5.37
N GLY A 2 -12.30 23.90 4.86
CA GLY A 2 -12.08 22.73 5.67
C GLY A 2 -12.20 21.43 4.89
N SER A 3 -11.51 21.38 3.75
CA SER A 3 -11.55 20.20 2.89
C SER A 3 -10.20 19.96 2.24
N ARG A 4 -9.53 18.90 2.66
CA ARG A 4 -8.21 18.56 2.12
C ARG A 4 -8.30 17.35 1.18
N THR A 5 -8.14 17.61 -0.12
CA THR A 5 -8.19 16.54 -1.12
C THR A 5 -6.78 16.18 -1.59
N ILE A 6 -6.37 14.95 -1.31
CA ILE A 6 -5.04 14.49 -1.70
C ILE A 6 -5.02 14.06 -3.16
N PHE A 7 -3.89 13.53 -3.60
CA PHE A 7 -3.75 13.07 -4.98
C PHE A 7 -3.45 11.58 -5.02
N CYS A 8 -4.49 10.78 -5.23
CA CYS A 8 -4.35 9.34 -5.29
C CYS A 8 -3.39 8.95 -6.42
N THR A 9 -2.60 7.91 -6.21
CA THR A 9 -1.65 7.45 -7.22
C THR A 9 -2.25 6.28 -8.01
N PHE A 10 -3.22 5.62 -7.43
CA PHE A 10 -3.89 4.49 -8.08
C PHE A 10 -4.82 5.01 -9.17
N LEU A 11 -5.59 6.03 -8.84
CA LEU A 11 -6.51 6.64 -9.79
C LEU A 11 -5.81 7.74 -10.60
N GLN A 12 -4.66 8.19 -10.11
CA GLN A 12 -3.91 9.24 -10.77
C GLN A 12 -4.74 10.51 -10.84
N ARG A 13 -5.45 10.81 -9.75
CA ARG A 13 -6.27 12.01 -9.68
C ARG A 13 -6.25 12.59 -8.27
N GLU A 14 -7.10 13.58 -8.02
CA GLU A 14 -7.17 14.21 -6.71
C GLU A 14 -8.41 13.73 -5.95
N ALA A 15 -8.18 13.05 -4.83
CA ALA A 15 -9.28 12.53 -4.02
C ALA A 15 -8.99 12.69 -2.53
N GLU A 16 -10.01 12.50 -1.71
CA GLU A 16 -9.86 12.61 -0.27
C GLU A 16 -8.97 11.50 0.27
N GLY A 17 -8.51 11.67 1.51
CA GLY A 17 -7.65 10.68 2.13
C GLY A 17 -8.18 10.17 3.45
N GLN A 18 -7.36 9.44 4.18
CA GLN A 18 -7.75 8.90 5.49
C GLN A 18 -7.19 9.75 6.62
N ASP A 19 -7.55 9.38 7.85
CA ASP A 19 -7.08 10.12 9.02
C ASP A 19 -6.17 9.26 9.89
N PHE A 20 -6.35 7.94 9.82
CA PHE A 20 -5.54 7.01 10.62
C PHE A 20 -4.84 6.00 9.73
N GLN A 21 -3.55 5.83 9.92
CA GLN A 21 -2.76 4.88 9.14
C GLN A 21 -3.29 3.46 9.34
N LEU A 22 -3.75 2.84 8.27
CA LEU A 22 -4.29 1.49 8.33
C LEU A 22 -3.20 0.44 8.34
N TYR A 23 -2.19 0.61 7.48
CA TYR A 23 -1.08 -0.35 7.40
C TYR A 23 0.04 0.06 8.36
N PRO A 24 1.03 -0.81 8.56
CA PRO A 24 2.15 -0.55 9.46
C PRO A 24 3.35 0.07 8.75
N GLY A 25 4.45 0.20 9.50
CA GLY A 25 5.68 0.75 8.96
C GLY A 25 5.49 1.88 7.97
N GLU A 26 6.34 1.90 6.96
CA GLU A 26 6.31 2.94 5.93
C GLU A 26 5.23 2.64 4.89
N LEU A 27 5.06 1.36 4.57
CA LEU A 27 4.05 0.97 3.58
C LEU A 27 2.71 1.61 3.89
N GLY A 28 2.25 1.44 5.13
CA GLY A 28 0.99 2.03 5.53
C GLY A 28 1.00 3.54 5.38
N LYS A 29 2.15 4.14 5.61
CA LYS A 29 2.28 5.60 5.48
C LYS A 29 1.99 6.04 4.05
N ARG A 30 2.71 5.47 3.09
CA ARG A 30 2.53 5.81 1.68
C ARG A 30 1.10 5.56 1.23
N ILE A 31 0.50 4.46 1.69
CA ILE A 31 -0.88 4.14 1.31
C ILE A 31 -1.82 5.20 1.85
N TYR A 32 -1.84 5.33 3.16
CA TYR A 32 -2.66 6.31 3.84
C TYR A 32 -2.36 7.71 3.29
N ASN A 33 -1.20 7.87 2.64
CA ASN A 33 -0.82 9.17 2.09
C ASN A 33 -1.13 9.33 0.60
N GLU A 34 -0.65 8.39 -0.21
CA GLU A 34 -0.84 8.46 -1.66
C GLU A 34 -2.07 7.69 -2.15
N ILE A 35 -2.57 6.78 -1.32
CA ILE A 35 -3.75 5.99 -1.69
C ILE A 35 -4.98 6.50 -0.95
N SER A 36 -6.02 6.81 -1.71
CA SER A 36 -7.27 7.32 -1.15
C SER A 36 -8.14 6.16 -0.65
N LYS A 37 -9.31 6.51 -0.10
CA LYS A 37 -10.24 5.50 0.41
C LYS A 37 -10.83 4.68 -0.73
N GLU A 38 -10.97 5.31 -1.89
CA GLU A 38 -11.53 4.64 -3.06
C GLU A 38 -10.56 3.57 -3.59
N ALA A 39 -9.28 3.91 -3.61
CA ALA A 39 -8.26 2.97 -4.08
C ALA A 39 -8.00 1.87 -3.07
N TRP A 40 -8.03 2.22 -1.79
CA TRP A 40 -7.80 1.25 -0.73
C TRP A 40 -8.89 0.18 -0.73
N ALA A 41 -10.12 0.60 -0.98
CA ALA A 41 -11.25 -0.31 -1.01
C ALA A 41 -11.07 -1.36 -2.11
N GLN A 42 -10.29 -1.01 -3.12
CA GLN A 42 -10.03 -1.91 -4.23
C GLN A 42 -8.97 -2.94 -3.84
N TRP A 43 -7.99 -2.51 -3.06
CA TRP A 43 -6.93 -3.40 -2.61
C TRP A 43 -7.47 -4.40 -1.61
N GLN A 44 -8.20 -3.91 -0.62
CA GLN A 44 -8.78 -4.77 0.42
C GLN A 44 -9.41 -6.01 -0.21
N HIS A 45 -10.09 -5.80 -1.34
CA HIS A 45 -10.74 -6.89 -2.06
C HIS A 45 -9.70 -7.81 -2.69
N LYS A 46 -8.74 -7.21 -3.39
CA LYS A 46 -7.67 -7.96 -4.03
C LYS A 46 -6.71 -8.55 -2.99
N GLN A 47 -6.74 -7.98 -1.80
CA GLN A 47 -5.87 -8.43 -0.71
C GLN A 47 -6.36 -9.74 -0.12
N THR A 48 -7.60 -9.74 0.34
CA THR A 48 -8.21 -10.93 0.95
C THR A 48 -8.16 -12.14 0.02
N MET A 49 -8.25 -11.90 -1.28
CA MET A 49 -8.23 -13.00 -2.25
C MET A 49 -6.80 -13.50 -2.45
N LEU A 50 -5.84 -12.60 -2.35
CA LEU A 50 -4.44 -12.97 -2.50
C LEU A 50 -4.05 -13.99 -1.44
N ILE A 51 -4.30 -13.63 -0.19
CA ILE A 51 -3.99 -14.51 0.93
C ILE A 51 -4.69 -15.86 0.76
N ASN A 52 -5.87 -15.83 0.16
CA ASN A 52 -6.63 -17.06 -0.07
C ASN A 52 -5.92 -17.97 -1.05
N GLU A 53 -5.59 -17.45 -2.23
CA GLU A 53 -4.91 -18.23 -3.26
C GLU A 53 -3.42 -18.41 -2.95
N LYS A 54 -2.74 -17.30 -2.73
CA LYS A 54 -1.30 -17.33 -2.43
C LYS A 54 -1.05 -18.03 -1.10
N LYS A 55 -2.10 -18.20 -0.30
CA LYS A 55 -1.98 -18.86 0.99
C LYS A 55 -1.09 -18.03 1.92
N LEU A 56 -1.55 -16.81 2.22
CA LEU A 56 -0.81 -15.91 3.10
C LEU A 56 -1.33 -16.01 4.52
N ASN A 57 -0.84 -15.14 5.40
CA ASN A 57 -1.26 -15.14 6.79
C ASN A 57 -0.95 -13.81 7.45
N MET A 58 -1.96 -12.96 7.58
CA MET A 58 -1.80 -11.65 8.20
C MET A 58 -1.37 -11.76 9.66
N MET A 59 -1.47 -12.97 10.22
CA MET A 59 -1.08 -13.20 11.60
C MET A 59 0.43 -13.33 11.72
N ASN A 60 1.06 -13.84 10.67
CA ASN A 60 2.50 -14.01 10.63
C ASN A 60 3.18 -12.83 9.95
N ALA A 61 4.38 -12.49 10.42
CA ALA A 61 5.13 -11.37 9.84
C ALA A 61 5.69 -11.72 8.47
N GLU A 62 6.08 -12.98 8.29
CA GLU A 62 6.64 -13.44 7.02
C GLU A 62 5.70 -13.11 5.85
N HIS A 63 4.40 -13.33 6.07
CA HIS A 63 3.41 -13.06 5.04
C HIS A 63 2.98 -11.60 5.08
N ARG A 64 2.84 -11.05 6.28
CA ARG A 64 2.42 -9.67 6.45
C ARG A 64 3.23 -8.74 5.55
N LYS A 65 4.55 -8.89 5.58
CA LYS A 65 5.43 -8.07 4.77
C LYS A 65 5.27 -8.41 3.30
N LEU A 66 4.84 -9.64 3.02
CA LEU A 66 4.64 -10.08 1.64
C LEU A 66 3.51 -9.30 0.99
N LEU A 67 2.43 -9.09 1.75
CA LEU A 67 1.29 -8.35 1.24
C LEU A 67 1.71 -6.95 0.84
N GLU A 68 2.66 -6.39 1.58
CA GLU A 68 3.17 -5.05 1.29
C GLU A 68 3.75 -5.01 -0.13
N GLN A 69 4.08 -6.19 -0.66
CA GLN A 69 4.65 -6.31 -1.99
C GLN A 69 3.57 -6.26 -3.07
N GLU A 70 2.53 -7.08 -2.92
CA GLU A 70 1.45 -7.14 -3.89
C GLU A 70 0.65 -5.85 -3.94
N MET A 71 0.26 -5.34 -2.76
CA MET A 71 -0.53 -4.10 -2.69
C MET A 71 0.04 -3.02 -3.59
N VAL A 72 1.36 -3.03 -3.79
CA VAL A 72 2.02 -2.06 -4.64
C VAL A 72 1.57 -2.24 -6.08
N ASN A 73 1.81 -3.43 -6.62
CA ASN A 73 1.44 -3.74 -7.99
C ASN A 73 -0.02 -3.37 -8.27
N PHE A 74 -0.81 -3.25 -7.20
CA PHE A 74 -2.22 -2.91 -7.33
C PHE A 74 -2.46 -1.40 -7.17
N LEU A 75 -1.92 -0.83 -6.10
CA LEU A 75 -2.10 0.60 -5.82
C LEU A 75 -0.87 1.43 -6.18
N PHE A 76 0.30 0.94 -5.78
CA PHE A 76 1.56 1.65 -6.04
C PHE A 76 2.26 1.11 -7.28
N GLU A 77 1.48 0.60 -8.20
CA GLU A 77 2.01 0.04 -9.44
C GLU A 77 2.60 1.13 -10.32
N GLY A 78 3.61 1.80 -9.79
CA GLY A 78 4.26 2.87 -10.52
C GLY A 78 5.58 3.27 -9.89
N LYS A 79 5.63 3.21 -8.57
CA LYS A 79 6.84 3.57 -7.84
C LYS A 79 7.76 2.36 -7.68
N GLU A 80 7.23 1.29 -7.09
CA GLU A 80 8.02 0.07 -6.88
C GLU A 80 9.31 0.40 -6.13
N VAL A 81 9.17 0.71 -4.85
CA VAL A 81 10.31 1.06 -4.02
C VAL A 81 10.97 -0.18 -3.41
N HIS A 82 10.87 -1.31 -4.09
CA HIS A 82 11.46 -2.55 -3.60
C HIS A 82 12.58 -3.02 -4.52
N ILE A 83 13.81 -2.64 -4.20
CA ILE A 83 14.97 -3.01 -4.98
C ILE A 83 15.45 -4.42 -4.64
N GLU A 84 15.82 -5.18 -5.67
CA GLU A 84 16.31 -6.54 -5.47
C GLU A 84 17.67 -6.73 -6.12
N GLY A 85 18.39 -7.76 -5.67
CA GLY A 85 19.71 -8.03 -6.22
C GLY A 85 20.69 -6.91 -5.94
N TYR A 86 20.67 -6.41 -4.72
CA TYR A 86 21.57 -5.32 -4.32
C TYR A 86 22.88 -5.88 -3.76
N THR A 87 23.97 -5.63 -4.48
CA THR A 87 25.29 -6.10 -4.08
C THR A 87 26.15 -4.94 -3.57
N PRO A 88 26.36 -4.85 -2.25
CA PRO A 88 27.17 -3.78 -1.65
C PRO A 88 28.66 -3.98 -1.90
N GLU A 89 29.27 -3.03 -2.60
CA GLU A 89 30.70 -3.10 -2.91
C GLU A 89 31.52 -3.02 -1.63
N ASP A 90 31.12 -2.14 -0.72
CA ASP A 90 31.81 -1.97 0.54
C ASP A 90 30.86 -2.17 1.71
N LYS A 91 31.42 -2.37 2.91
CA LYS A 91 30.62 -2.58 4.10
C LYS A 91 31.34 -2.07 5.35
N LYS A 92 30.97 -0.86 5.78
CA LYS A 92 31.58 -0.27 6.97
C LYS A 92 30.85 -0.72 8.23
N MET A 1 -13.42 21.90 11.46
CA MET A 1 -14.09 22.11 10.13
C MET A 1 -13.08 22.08 8.99
N GLY A 2 -13.57 22.17 7.76
CA GLY A 2 -12.70 22.14 6.60
C GLY A 2 -12.30 20.74 6.21
N SER A 3 -12.21 20.49 4.90
CA SER A 3 -11.84 19.17 4.40
C SER A 3 -10.70 19.30 3.38
N ARG A 4 -9.83 18.29 3.34
CA ARG A 4 -8.70 18.28 2.43
C ARG A 4 -8.91 17.27 1.30
N THR A 5 -8.21 17.45 0.20
CA THR A 5 -8.31 16.55 -0.95
C THR A 5 -6.93 16.19 -1.48
N ILE A 6 -6.52 14.95 -1.26
CA ILE A 6 -5.22 14.48 -1.71
C ILE A 6 -5.27 14.04 -3.17
N PHE A 7 -4.13 13.54 -3.67
CA PHE A 7 -4.04 13.06 -5.04
C PHE A 7 -3.62 11.61 -5.07
N CYS A 8 -4.60 10.72 -5.17
CA CYS A 8 -4.34 9.28 -5.20
C CYS A 8 -3.43 8.93 -6.38
N THR A 9 -2.61 7.90 -6.21
CA THR A 9 -1.70 7.45 -7.25
C THR A 9 -2.26 6.24 -7.99
N PHE A 10 -3.18 5.53 -7.33
CA PHE A 10 -3.81 4.35 -7.93
C PHE A 10 -4.82 4.78 -8.99
N LEU A 11 -5.65 5.76 -8.63
CA LEU A 11 -6.64 6.28 -9.56
C LEU A 11 -6.10 7.48 -10.32
N GLN A 12 -4.97 8.02 -9.86
CA GLN A 12 -4.36 9.16 -10.49
C GLN A 12 -5.31 10.34 -10.53
N ARG A 13 -6.03 10.54 -9.43
CA ARG A 13 -6.98 11.65 -9.32
C ARG A 13 -6.92 12.26 -7.92
N GLU A 14 -7.74 13.27 -7.67
CA GLU A 14 -7.77 13.93 -6.37
C GLU A 14 -8.94 13.42 -5.53
N ALA A 15 -8.61 12.67 -4.48
CA ALA A 15 -9.63 12.11 -3.60
C ALA A 15 -9.62 12.79 -2.23
N GLU A 16 -10.54 12.39 -1.36
CA GLU A 16 -10.64 12.95 -0.02
C GLU A 16 -9.46 12.52 0.82
N GLY A 17 -9.01 11.30 0.57
CA GLY A 17 -7.89 10.76 1.31
C GLY A 17 -8.31 10.07 2.59
N GLN A 18 -7.43 9.23 3.12
CA GLN A 18 -7.72 8.51 4.36
C GLN A 18 -7.65 9.43 5.57
N ASP A 19 -8.00 8.91 6.72
CA ASP A 19 -7.99 9.68 7.96
C ASP A 19 -6.90 9.20 8.92
N PHE A 20 -6.57 7.92 8.82
CA PHE A 20 -5.54 7.33 9.68
C PHE A 20 -4.78 6.22 8.95
N GLN A 21 -3.50 6.07 9.29
CA GLN A 21 -2.66 5.05 8.68
C GLN A 21 -3.20 3.65 8.96
N LEU A 22 -3.54 2.93 7.90
CA LEU A 22 -4.08 1.58 8.04
C LEU A 22 -2.96 0.54 8.09
N TYR A 23 -1.94 0.73 7.26
CA TYR A 23 -0.80 -0.18 7.24
C TYR A 23 0.25 0.27 8.26
N PRO A 24 1.21 -0.60 8.59
CA PRO A 24 2.26 -0.27 9.56
C PRO A 24 3.49 0.34 8.91
N GLY A 25 4.55 0.47 9.70
CA GLY A 25 5.80 1.02 9.21
C GLY A 25 5.66 2.18 8.26
N GLU A 26 6.54 2.23 7.27
CA GLU A 26 6.55 3.30 6.28
C GLU A 26 5.53 3.04 5.18
N LEU A 27 5.33 1.76 4.86
CA LEU A 27 4.39 1.40 3.81
C LEU A 27 3.02 1.99 4.09
N GLY A 28 2.53 1.81 5.32
CA GLY A 28 1.24 2.37 5.68
C GLY A 28 1.23 3.87 5.55
N LYS A 29 2.37 4.49 5.79
CA LYS A 29 2.49 5.94 5.69
C LYS A 29 2.21 6.41 4.26
N ARG A 30 2.88 5.79 3.29
CA ARG A 30 2.70 6.16 1.88
C ARG A 30 1.29 5.84 1.40
N ILE A 31 0.76 4.68 1.79
CA ILE A 31 -0.60 4.30 1.38
C ILE A 31 -1.59 5.33 1.87
N TYR A 32 -1.67 5.44 3.18
CA TYR A 32 -2.55 6.41 3.81
C TYR A 32 -2.30 7.81 3.25
N ASN A 33 -1.12 8.00 2.62
CA ASN A 33 -0.78 9.30 2.06
C ASN A 33 -1.14 9.42 0.57
N GLU A 34 -0.64 8.50 -0.25
CA GLU A 34 -0.88 8.54 -1.69
C GLU A 34 -2.04 7.64 -2.14
N ILE A 35 -2.43 6.71 -1.30
CA ILE A 35 -3.53 5.80 -1.64
C ILE A 35 -4.80 6.19 -0.89
N SER A 36 -5.66 6.94 -1.56
CA SER A 36 -6.92 7.39 -0.98
C SER A 36 -7.79 6.20 -0.57
N LYS A 37 -8.86 6.48 0.17
CA LYS A 37 -9.77 5.43 0.63
C LYS A 37 -10.39 4.70 -0.56
N GLU A 38 -10.64 5.41 -1.64
CA GLU A 38 -11.24 4.83 -2.83
C GLU A 38 -10.34 3.75 -3.41
N ALA A 39 -9.06 4.07 -3.57
CA ALA A 39 -8.09 3.11 -4.12
C ALA A 39 -7.88 1.96 -3.14
N TRP A 40 -7.89 2.27 -1.85
CA TRP A 40 -7.70 1.26 -0.81
C TRP A 40 -8.81 0.23 -0.87
N ALA A 41 -10.03 0.69 -1.12
CA ALA A 41 -11.18 -0.20 -1.20
C ALA A 41 -11.02 -1.20 -2.33
N GLN A 42 -10.23 -0.83 -3.34
CA GLN A 42 -9.98 -1.70 -4.47
C GLN A 42 -8.88 -2.70 -4.14
N TRP A 43 -7.95 -2.28 -3.27
CA TRP A 43 -6.87 -3.14 -2.84
C TRP A 43 -7.40 -4.20 -1.88
N GLN A 44 -8.16 -3.75 -0.88
CA GLN A 44 -8.74 -4.66 0.11
C GLN A 44 -9.43 -5.84 -0.58
N HIS A 45 -10.05 -5.54 -1.72
CA HIS A 45 -10.76 -6.57 -2.49
C HIS A 45 -9.77 -7.56 -3.08
N LYS A 46 -8.63 -7.04 -3.57
CA LYS A 46 -7.60 -7.88 -4.15
C LYS A 46 -6.70 -8.48 -3.07
N GLN A 47 -6.72 -7.86 -1.89
CA GLN A 47 -5.92 -8.33 -0.77
C GLN A 47 -6.52 -9.58 -0.15
N THR A 48 -7.80 -9.50 0.19
CA THR A 48 -8.51 -10.62 0.81
C THR A 48 -8.43 -11.89 -0.05
N MET A 49 -8.42 -11.73 -1.36
CA MET A 49 -8.35 -12.88 -2.27
C MET A 49 -6.92 -13.38 -2.41
N LEU A 50 -5.97 -12.47 -2.44
CA LEU A 50 -4.56 -12.85 -2.58
C LEU A 50 -4.13 -13.72 -1.40
N ILE A 51 -4.69 -13.44 -0.23
CA ILE A 51 -4.38 -14.22 0.97
C ILE A 51 -5.04 -15.58 0.93
N ASN A 52 -6.33 -15.60 0.60
CA ASN A 52 -7.09 -16.84 0.53
C ASN A 52 -6.64 -17.69 -0.66
N GLU A 53 -6.17 -17.04 -1.72
CA GLU A 53 -5.70 -17.74 -2.91
C GLU A 53 -4.26 -18.21 -2.75
N LYS A 54 -3.37 -17.28 -2.42
CA LYS A 54 -1.96 -17.61 -2.23
C LYS A 54 -1.73 -18.27 -0.87
N LYS A 55 -2.79 -18.32 -0.05
CA LYS A 55 -2.70 -18.92 1.27
C LYS A 55 -1.70 -18.20 2.14
N LEU A 56 -1.92 -16.90 2.36
CA LEU A 56 -1.05 -16.10 3.20
C LEU A 56 -1.38 -16.28 4.68
N ASN A 57 -0.77 -15.48 5.54
CA ASN A 57 -1.02 -15.57 6.98
C ASN A 57 -0.68 -14.26 7.67
N MET A 58 -1.70 -13.45 7.94
CA MET A 58 -1.52 -12.15 8.58
C MET A 58 -0.95 -12.30 9.99
N MET A 59 -0.99 -13.52 10.53
CA MET A 59 -0.47 -13.76 11.87
C MET A 59 1.05 -13.90 11.83
N ASN A 60 1.57 -14.27 10.67
CA ASN A 60 3.01 -14.43 10.49
C ASN A 60 3.59 -13.27 9.68
N ALA A 61 4.63 -12.63 10.20
CA ALA A 61 5.26 -11.51 9.52
C ALA A 61 5.79 -11.92 8.15
N GLU A 62 6.15 -13.20 8.02
CA GLU A 62 6.68 -13.72 6.77
C GLU A 62 5.71 -13.45 5.62
N HIS A 63 4.43 -13.68 5.86
CA HIS A 63 3.41 -13.46 4.86
C HIS A 63 2.95 -12.00 4.89
N ARG A 64 2.91 -11.43 6.10
CA ARG A 64 2.50 -10.04 6.27
C ARG A 64 3.29 -9.12 5.34
N LYS A 65 4.61 -9.30 5.36
CA LYS A 65 5.50 -8.50 4.52
C LYS A 65 5.22 -8.77 3.04
N LEU A 66 4.78 -9.99 2.74
CA LEU A 66 4.48 -10.38 1.37
C LEU A 66 3.34 -9.53 0.83
N LEU A 67 2.29 -9.34 1.64
CA LEU A 67 1.16 -8.53 1.21
C LEU A 67 1.62 -7.12 0.85
N GLU A 68 2.54 -6.58 1.64
CA GLU A 68 3.07 -5.26 1.40
C GLU A 68 3.64 -5.17 -0.01
N GLN A 69 3.98 -6.33 -0.59
CA GLN A 69 4.53 -6.39 -1.93
C GLN A 69 3.43 -6.30 -2.98
N GLU A 70 2.38 -7.10 -2.81
CA GLU A 70 1.26 -7.13 -3.74
C GLU A 70 0.54 -5.77 -3.79
N MET A 71 0.36 -5.15 -2.64
CA MET A 71 -0.32 -3.86 -2.57
C MET A 71 0.36 -2.84 -3.47
N VAL A 72 1.67 -2.95 -3.63
CA VAL A 72 2.42 -2.04 -4.50
C VAL A 72 2.01 -2.23 -5.95
N ASN A 73 2.24 -3.42 -6.48
CA ASN A 73 1.89 -3.74 -7.86
C ASN A 73 0.44 -3.36 -8.17
N PHE A 74 -0.36 -3.22 -7.12
CA PHE A 74 -1.76 -2.86 -7.27
C PHE A 74 -1.97 -1.35 -7.15
N LEU A 75 -1.46 -0.77 -6.07
CA LEU A 75 -1.61 0.67 -5.83
C LEU A 75 -0.34 1.47 -6.14
N PHE A 76 0.80 0.97 -5.68
CA PHE A 76 2.08 1.66 -5.90
C PHE A 76 2.81 1.13 -7.11
N GLU A 77 2.07 0.62 -8.06
CA GLU A 77 2.64 0.06 -9.28
C GLU A 77 3.28 1.16 -10.15
N GLY A 78 4.23 1.88 -9.59
CA GLY A 78 4.89 2.94 -10.32
C GLY A 78 5.44 4.03 -9.43
N LYS A 79 4.90 4.12 -8.22
CA LYS A 79 5.35 5.12 -7.26
C LYS A 79 6.54 4.59 -6.46
N GLU A 80 7.23 3.61 -7.03
CA GLU A 80 8.39 3.01 -6.40
C GLU A 80 9.05 2.00 -7.34
N VAL A 81 9.50 2.50 -8.48
CA VAL A 81 10.14 1.68 -9.49
C VAL A 81 11.64 1.53 -9.20
N HIS A 82 11.96 0.87 -8.10
CA HIS A 82 13.36 0.66 -7.72
C HIS A 82 13.69 -0.84 -7.67
N ILE A 83 14.98 -1.13 -7.71
CA ILE A 83 15.45 -2.52 -7.69
C ILE A 83 15.64 -3.00 -6.25
N GLU A 84 15.05 -4.15 -5.95
CA GLU A 84 15.16 -4.74 -4.61
C GLU A 84 15.43 -6.23 -4.70
N GLY A 85 16.51 -6.67 -4.06
CA GLY A 85 16.86 -8.08 -4.09
C GLY A 85 17.93 -8.39 -5.13
N TYR A 86 19.01 -7.63 -5.11
CA TYR A 86 20.10 -7.82 -6.06
C TYR A 86 21.26 -8.57 -5.41
N THR A 87 21.70 -9.66 -6.04
CA THR A 87 22.80 -10.45 -5.52
C THR A 87 24.14 -9.74 -5.73
N PRO A 88 24.74 -9.22 -4.65
CA PRO A 88 26.04 -8.52 -4.73
C PRO A 88 27.19 -9.46 -5.04
N GLU A 89 27.27 -9.92 -6.29
CA GLU A 89 28.33 -10.82 -6.72
C GLU A 89 29.65 -10.07 -6.82
N ASP A 90 29.61 -8.90 -7.45
CA ASP A 90 30.80 -8.07 -7.63
C ASP A 90 31.77 -8.72 -8.62
N LYS A 91 32.44 -9.77 -8.19
CA LYS A 91 33.40 -10.48 -9.03
C LYS A 91 34.68 -9.65 -9.22
N LYS A 92 34.54 -8.33 -9.28
CA LYS A 92 35.68 -7.44 -9.46
C LYS A 92 36.69 -7.61 -8.33
N MET A 1 -9.44 20.98 10.64
CA MET A 1 -10.24 22.15 10.16
C MET A 1 -9.94 22.48 8.71
N GLY A 2 -10.97 22.81 7.94
CA GLY A 2 -10.79 23.14 6.54
C GLY A 2 -11.09 21.98 5.63
N SER A 3 -10.62 22.07 4.38
CA SER A 3 -10.85 21.01 3.40
C SER A 3 -9.51 20.43 2.92
N ARG A 4 -9.32 19.14 3.16
CA ARG A 4 -8.09 18.47 2.75
C ARG A 4 -8.35 17.50 1.60
N THR A 5 -7.74 17.76 0.46
CA THR A 5 -7.91 16.89 -0.71
C THR A 5 -6.55 16.50 -1.27
N ILE A 6 -6.21 15.23 -1.13
CA ILE A 6 -4.93 14.72 -1.63
C ILE A 6 -5.03 14.31 -3.09
N PHE A 7 -3.94 13.77 -3.62
CA PHE A 7 -3.88 13.32 -5.00
C PHE A 7 -3.50 11.84 -5.04
N CYS A 8 -4.49 10.97 -5.20
CA CYS A 8 -4.23 9.54 -5.24
C CYS A 8 -3.31 9.18 -6.39
N THR A 9 -2.50 8.14 -6.19
CA THR A 9 -1.56 7.69 -7.21
C THR A 9 -2.15 6.53 -8.00
N PHE A 10 -3.06 5.78 -7.38
CA PHE A 10 -3.70 4.65 -8.03
C PHE A 10 -4.72 5.17 -9.04
N LEU A 11 -5.45 6.19 -8.64
CA LEU A 11 -6.46 6.80 -9.50
C LEU A 11 -5.87 7.97 -10.29
N GLN A 12 -4.73 8.48 -9.81
CA GLN A 12 -4.07 9.60 -10.45
C GLN A 12 -5.00 10.81 -10.52
N ARG A 13 -5.71 11.04 -9.41
CA ARG A 13 -6.64 12.16 -9.32
C ARG A 13 -6.58 12.78 -7.93
N GLU A 14 -7.44 13.76 -7.67
CA GLU A 14 -7.48 14.42 -6.37
C GLU A 14 -8.70 13.97 -5.57
N ALA A 15 -8.43 13.29 -4.45
CA ALA A 15 -9.50 12.79 -3.59
C ALA A 15 -9.38 13.36 -2.18
N GLU A 16 -10.28 12.93 -1.29
CA GLU A 16 -10.27 13.40 0.09
C GLU A 16 -9.20 12.68 0.92
N GLY A 17 -8.70 11.57 0.39
CA GLY A 17 -7.68 10.82 1.11
C GLY A 17 -8.16 10.29 2.43
N GLN A 18 -7.34 9.46 3.07
CA GLN A 18 -7.68 8.89 4.37
C GLN A 18 -7.51 9.91 5.49
N ASP A 19 -7.76 9.48 6.72
CA ASP A 19 -7.65 10.37 7.87
C ASP A 19 -6.64 9.83 8.89
N PHE A 20 -6.44 8.51 8.89
CA PHE A 20 -5.52 7.88 9.82
C PHE A 20 -4.79 6.71 9.16
N GLN A 21 -3.53 6.51 9.56
CA GLN A 21 -2.72 5.42 9.02
C GLN A 21 -3.20 4.07 9.53
N LEU A 22 -3.49 3.17 8.60
CA LEU A 22 -3.96 1.83 8.95
C LEU A 22 -2.84 0.80 8.81
N TYR A 23 -2.01 0.98 7.78
CA TYR A 23 -0.89 0.09 7.52
C TYR A 23 0.35 0.51 8.33
N PRO A 24 1.39 -0.36 8.37
CA PRO A 24 2.63 -0.10 9.10
C PRO A 24 3.17 1.32 8.92
N GLY A 25 4.37 1.54 9.46
CA GLY A 25 5.01 2.83 9.41
C GLY A 25 5.18 3.41 8.01
N GLU A 26 6.31 3.08 7.38
CA GLU A 26 6.63 3.61 6.05
C GLU A 26 5.58 3.29 5.01
N LEU A 27 5.27 2.01 4.83
CA LEU A 27 4.28 1.63 3.83
C LEU A 27 2.92 2.24 4.11
N GLY A 28 2.39 2.00 5.30
CA GLY A 28 1.10 2.56 5.64
C GLY A 28 1.05 4.06 5.46
N LYS A 29 2.21 4.71 5.49
CA LYS A 29 2.27 6.14 5.30
C LYS A 29 1.95 6.52 3.85
N ARG A 30 2.66 5.90 2.91
CA ARG A 30 2.43 6.17 1.49
C ARG A 30 1.00 5.83 1.09
N ILE A 31 0.45 4.75 1.65
CA ILE A 31 -0.92 4.36 1.33
C ILE A 31 -1.88 5.38 1.90
N TYR A 32 -1.66 5.73 3.15
CA TYR A 32 -2.49 6.70 3.82
C TYR A 32 -2.25 8.09 3.24
N ASN A 33 -1.14 8.27 2.53
CA ASN A 33 -0.80 9.56 1.95
C ASN A 33 -1.11 9.64 0.45
N GLU A 34 -0.67 8.63 -0.31
CA GLU A 34 -0.87 8.63 -1.76
C GLU A 34 -2.09 7.80 -2.19
N ILE A 35 -2.56 6.91 -1.33
CA ILE A 35 -3.71 6.07 -1.66
C ILE A 35 -4.94 6.52 -0.88
N SER A 36 -6.03 6.74 -1.62
CA SER A 36 -7.28 7.16 -1.00
C SER A 36 -8.10 5.95 -0.58
N LYS A 37 -9.27 6.19 0.00
CA LYS A 37 -10.13 5.11 0.45
C LYS A 37 -10.70 4.34 -0.74
N GLU A 38 -10.84 5.02 -1.87
CA GLU A 38 -11.37 4.41 -3.08
C GLU A 38 -10.44 3.30 -3.58
N ALA A 39 -9.14 3.60 -3.64
CA ALA A 39 -8.16 2.64 -4.11
C ALA A 39 -7.93 1.54 -3.07
N TRP A 40 -7.86 1.92 -1.81
CA TRP A 40 -7.65 0.97 -0.73
C TRP A 40 -8.77 -0.06 -0.68
N ALA A 41 -9.97 0.37 -1.03
CA ALA A 41 -11.13 -0.51 -1.04
C ALA A 41 -11.00 -1.57 -2.13
N GLN A 42 -10.34 -1.21 -3.23
CA GLN A 42 -10.13 -2.14 -4.33
C GLN A 42 -9.08 -3.17 -3.96
N TRP A 43 -8.06 -2.73 -3.23
CA TRP A 43 -6.99 -3.61 -2.79
C TRP A 43 -7.51 -4.62 -1.78
N GLN A 44 -8.22 -4.13 -0.77
CA GLN A 44 -8.78 -5.00 0.27
C GLN A 44 -9.50 -6.21 -0.34
N HIS A 45 -10.31 -5.95 -1.36
CA HIS A 45 -11.06 -7.02 -2.03
C HIS A 45 -10.11 -7.96 -2.75
N LYS A 46 -9.07 -7.40 -3.35
CA LYS A 46 -8.07 -8.18 -4.07
C LYS A 46 -7.06 -8.78 -3.10
N GLN A 47 -6.99 -8.22 -1.91
CA GLN A 47 -6.05 -8.69 -0.89
C GLN A 47 -6.53 -10.01 -0.27
N THR A 48 -7.80 -10.02 0.15
CA THR A 48 -8.39 -11.21 0.77
C THR A 48 -8.25 -12.45 -0.11
N MET A 49 -8.39 -12.27 -1.42
CA MET A 49 -8.29 -13.39 -2.36
C MET A 49 -6.84 -13.85 -2.52
N LEU A 50 -5.91 -12.91 -2.43
CA LEU A 50 -4.49 -13.25 -2.56
C LEU A 50 -4.05 -14.16 -1.42
N ILE A 51 -4.52 -13.85 -0.22
CA ILE A 51 -4.18 -14.65 0.95
C ILE A 51 -4.76 -16.06 0.85
N ASN A 52 -6.00 -16.15 0.39
CA ASN A 52 -6.66 -17.44 0.24
C ASN A 52 -6.12 -18.20 -0.97
N GLU A 53 -5.66 -17.46 -1.97
CA GLU A 53 -5.11 -18.07 -3.17
C GLU A 53 -3.64 -18.43 -2.99
N LYS A 54 -2.84 -17.45 -2.60
CA LYS A 54 -1.41 -17.66 -2.39
C LYS A 54 -1.17 -18.37 -1.07
N LYS A 55 -2.23 -18.53 -0.27
CA LYS A 55 -2.12 -19.20 1.02
C LYS A 55 -1.20 -18.42 1.96
N LEU A 56 -1.59 -17.19 2.28
CA LEU A 56 -0.82 -16.35 3.17
C LEU A 56 -1.23 -16.57 4.63
N ASN A 57 -0.70 -15.74 5.52
CA ASN A 57 -1.00 -15.86 6.95
C ASN A 57 -0.74 -14.54 7.67
N MET A 58 -1.81 -13.84 8.00
CA MET A 58 -1.70 -12.55 8.69
C MET A 58 -1.02 -12.70 10.04
N MET A 59 -0.99 -13.92 10.57
CA MET A 59 -0.35 -14.17 11.85
C MET A 59 1.16 -14.28 11.71
N ASN A 60 1.61 -14.57 10.48
CA ASN A 60 3.03 -14.69 10.19
C ASN A 60 3.57 -13.41 9.58
N ALA A 61 4.71 -12.95 10.08
CA ALA A 61 5.33 -11.73 9.58
C ALA A 61 5.89 -11.93 8.17
N GLU A 62 6.19 -13.18 7.83
CA GLU A 62 6.72 -13.50 6.51
C GLU A 62 5.69 -13.28 5.42
N HIS A 63 4.43 -13.56 5.73
CA HIS A 63 3.35 -13.38 4.78
C HIS A 63 2.82 -11.94 4.81
N ARG A 64 2.72 -11.37 6.00
CA ARG A 64 2.25 -10.01 6.15
C ARG A 64 3.02 -9.07 5.23
N LYS A 65 4.34 -9.22 5.23
CA LYS A 65 5.20 -8.41 4.39
C LYS A 65 5.05 -8.79 2.92
N LEU A 66 4.53 -9.99 2.68
CA LEU A 66 4.32 -10.46 1.32
C LEU A 66 3.09 -9.79 0.73
N LEU A 67 2.06 -9.61 1.56
CA LEU A 67 0.84 -8.97 1.14
C LEU A 67 1.12 -7.52 0.77
N GLU A 68 1.77 -6.81 1.68
CA GLU A 68 2.12 -5.41 1.46
C GLU A 68 2.90 -5.27 0.14
N GLN A 69 3.53 -6.36 -0.27
CA GLN A 69 4.30 -6.39 -1.51
C GLN A 69 3.35 -6.38 -2.71
N GLU A 70 2.33 -7.23 -2.66
CA GLU A 70 1.35 -7.33 -3.74
C GLU A 70 0.58 -6.02 -3.86
N MET A 71 0.13 -5.50 -2.73
CA MET A 71 -0.63 -4.26 -2.71
C MET A 71 0.06 -3.19 -3.57
N VAL A 72 1.39 -3.18 -3.54
CA VAL A 72 2.15 -2.22 -4.32
C VAL A 72 1.84 -2.38 -5.81
N ASN A 73 2.09 -3.57 -6.33
CA ASN A 73 1.83 -3.89 -7.73
C ASN A 73 0.39 -3.52 -8.13
N PHE A 74 -0.48 -3.39 -7.13
CA PHE A 74 -1.87 -3.05 -7.39
C PHE A 74 -2.12 -1.55 -7.27
N LEU A 75 -1.66 -0.95 -6.18
CA LEU A 75 -1.86 0.47 -5.94
C LEU A 75 -0.61 1.30 -6.21
N PHE A 76 0.53 0.84 -5.72
CA PHE A 76 1.79 1.56 -5.89
C PHE A 76 2.64 0.99 -7.01
N GLU A 77 1.97 0.42 -7.99
CA GLU A 77 2.66 -0.17 -9.13
C GLU A 77 3.35 0.89 -9.97
N GLY A 78 4.22 1.69 -9.33
CA GLY A 78 4.92 2.73 -10.06
C GLY A 78 5.77 3.63 -9.18
N LYS A 79 5.18 4.16 -8.11
CA LYS A 79 5.90 5.05 -7.21
C LYS A 79 6.79 4.27 -6.24
N GLU A 80 7.12 3.03 -6.61
CA GLU A 80 7.97 2.18 -5.77
C GLU A 80 8.94 1.39 -6.63
N VAL A 81 8.44 0.88 -7.74
CA VAL A 81 9.24 0.10 -8.65
C VAL A 81 10.11 0.99 -9.54
N HIS A 82 11.41 0.96 -9.27
CA HIS A 82 12.36 1.76 -10.04
C HIS A 82 13.43 0.85 -10.65
N ILE A 83 13.90 1.20 -11.83
CA ILE A 83 14.91 0.41 -12.52
C ILE A 83 16.29 1.06 -12.44
N GLU A 84 17.20 0.43 -11.70
CA GLU A 84 18.55 0.95 -11.55
C GLU A 84 19.36 0.72 -12.82
N GLY A 85 19.76 1.82 -13.47
CA GLY A 85 20.53 1.73 -14.69
C GLY A 85 19.82 2.33 -15.89
N TYR A 86 18.55 2.70 -15.71
CA TYR A 86 17.77 3.30 -16.78
C TYR A 86 18.25 4.72 -17.08
N THR A 87 18.29 5.06 -18.36
CA THR A 87 18.73 6.39 -18.78
C THR A 87 17.64 7.12 -19.57
N PRO A 88 16.65 7.68 -18.86
CA PRO A 88 15.54 8.40 -19.50
C PRO A 88 15.92 9.85 -19.82
N GLU A 89 16.93 10.36 -19.13
CA GLU A 89 17.38 11.73 -19.33
C GLU A 89 17.82 11.95 -20.78
N ASP A 90 18.83 11.20 -21.21
CA ASP A 90 19.35 11.32 -22.57
C ASP A 90 18.89 10.15 -23.43
N LYS A 91 19.00 10.32 -24.74
CA LYS A 91 18.60 9.28 -25.69
C LYS A 91 19.70 9.01 -26.70
N LYS A 92 19.57 7.92 -27.44
CA LYS A 92 20.56 7.56 -28.45
C LYS A 92 20.29 8.29 -29.76
N MET A 1 -10.64 30.29 1.32
CA MET A 1 -10.49 28.95 0.66
C MET A 1 -9.93 27.91 1.64
N GLY A 2 -10.26 26.66 1.40
CA GLY A 2 -9.79 25.59 2.27
C GLY A 2 -10.44 24.26 1.97
N SER A 3 -9.64 23.25 1.65
CA SER A 3 -10.14 21.92 1.34
C SER A 3 -9.04 20.88 1.46
N ARG A 4 -9.36 19.75 2.09
CA ARG A 4 -8.38 18.68 2.27
C ARG A 4 -8.63 17.54 1.29
N THR A 5 -8.14 17.70 0.07
CA THR A 5 -8.30 16.68 -0.96
C THR A 5 -6.95 16.30 -1.56
N ILE A 6 -6.51 15.07 -1.30
CA ILE A 6 -5.23 14.60 -1.80
C ILE A 6 -5.34 14.12 -3.25
N PHE A 7 -4.25 13.57 -3.75
CA PHE A 7 -4.21 13.05 -5.12
C PHE A 7 -3.73 11.61 -5.11
N CYS A 8 -4.66 10.68 -5.25
CA CYS A 8 -4.32 9.26 -5.24
C CYS A 8 -3.40 8.90 -6.41
N THR A 9 -2.57 7.89 -6.21
CA THR A 9 -1.64 7.44 -7.26
C THR A 9 -2.18 6.20 -7.95
N PHE A 10 -3.02 5.45 -7.26
CA PHE A 10 -3.61 4.24 -7.81
C PHE A 10 -4.69 4.60 -8.82
N LEU A 11 -5.55 5.54 -8.44
CA LEU A 11 -6.61 6.01 -9.30
C LEU A 11 -6.14 7.18 -10.14
N GLN A 12 -5.06 7.82 -9.71
CA GLN A 12 -4.50 8.97 -10.41
C GLN A 12 -5.51 10.10 -10.46
N ARG A 13 -6.21 10.31 -9.35
CA ARG A 13 -7.21 11.37 -9.24
C ARG A 13 -7.10 12.09 -7.90
N GLU A 14 -8.04 12.98 -7.63
CA GLU A 14 -8.05 13.72 -6.39
C GLU A 14 -9.17 13.23 -5.46
N ALA A 15 -8.79 12.71 -4.30
CA ALA A 15 -9.75 12.20 -3.34
C ALA A 15 -9.63 12.88 -1.98
N GLU A 16 -10.59 12.63 -1.11
CA GLU A 16 -10.59 13.23 0.22
C GLU A 16 -9.48 12.63 1.09
N GLY A 17 -8.90 11.54 0.63
CA GLY A 17 -7.83 10.90 1.39
C GLY A 17 -8.30 10.40 2.74
N GLN A 18 -7.52 9.50 3.33
CA GLN A 18 -7.87 8.93 4.63
C GLN A 18 -7.56 9.93 5.74
N ASP A 19 -7.81 9.52 6.99
CA ASP A 19 -7.56 10.38 8.14
C ASP A 19 -6.51 9.78 9.07
N PHE A 20 -6.37 8.46 9.03
CA PHE A 20 -5.40 7.78 9.87
C PHE A 20 -4.67 6.69 9.10
N GLN A 21 -3.37 6.55 9.36
CA GLN A 21 -2.55 5.54 8.68
C GLN A 21 -3.10 4.15 8.93
N LEU A 22 -3.62 3.53 7.88
CA LEU A 22 -4.19 2.19 7.97
C LEU A 22 -3.10 1.14 8.11
N TYR A 23 -2.01 1.32 7.36
CA TYR A 23 -0.89 0.38 7.42
C TYR A 23 0.19 0.91 8.36
N PRO A 24 1.17 0.07 8.73
CA PRO A 24 2.26 0.46 9.63
C PRO A 24 3.47 1.00 8.88
N GLY A 25 4.56 1.17 9.63
CA GLY A 25 5.81 1.65 9.06
C GLY A 25 5.65 2.71 7.99
N GLU A 26 6.51 2.64 6.98
CA GLU A 26 6.52 3.60 5.88
C GLU A 26 5.42 3.30 4.87
N LEU A 27 5.26 2.04 4.52
CA LEU A 27 4.23 1.64 3.56
C LEU A 27 2.89 2.24 3.93
N GLY A 28 2.55 2.15 5.21
CA GLY A 28 1.29 2.71 5.68
C GLY A 28 1.22 4.20 5.45
N LYS A 29 2.37 4.86 5.56
CA LYS A 29 2.44 6.29 5.35
C LYS A 29 2.06 6.63 3.91
N ARG A 30 2.75 6.01 2.97
CA ARG A 30 2.50 6.24 1.54
C ARG A 30 1.06 5.93 1.17
N ILE A 31 0.50 4.84 1.69
CA ILE A 31 -0.89 4.48 1.39
C ILE A 31 -1.81 5.57 1.91
N TYR A 32 -1.73 5.80 3.20
CA TYR A 32 -2.53 6.83 3.85
C TYR A 32 -2.22 8.21 3.25
N ASN A 33 -1.08 8.32 2.57
CA ASN A 33 -0.69 9.60 1.97
C ASN A 33 -1.04 9.70 0.48
N GLU A 34 -0.57 8.74 -0.32
CA GLU A 34 -0.82 8.75 -1.76
C GLU A 34 -2.03 7.90 -2.14
N ILE A 35 -2.43 6.98 -1.28
CA ILE A 35 -3.58 6.13 -1.57
C ILE A 35 -4.81 6.60 -0.80
N SER A 36 -5.95 6.65 -1.48
CA SER A 36 -7.19 7.11 -0.86
C SER A 36 -8.08 5.92 -0.48
N LYS A 37 -9.19 6.22 0.18
CA LYS A 37 -10.13 5.18 0.60
C LYS A 37 -10.64 4.40 -0.60
N GLU A 38 -10.93 5.11 -1.69
CA GLU A 38 -11.43 4.50 -2.91
C GLU A 38 -10.41 3.50 -3.47
N ALA A 39 -9.15 3.91 -3.50
CA ALA A 39 -8.08 3.06 -4.00
C ALA A 39 -7.79 1.91 -3.04
N TRP A 40 -7.87 2.20 -1.74
CA TRP A 40 -7.63 1.18 -0.72
C TRP A 40 -8.68 0.09 -0.79
N ALA A 41 -9.92 0.46 -1.07
CA ALA A 41 -11.01 -0.50 -1.17
C ALA A 41 -10.77 -1.49 -2.30
N GLN A 42 -9.91 -1.11 -3.23
CA GLN A 42 -9.58 -1.96 -4.38
C GLN A 42 -8.50 -2.97 -3.98
N TRP A 43 -7.68 -2.60 -3.01
CA TRP A 43 -6.62 -3.47 -2.53
C TRP A 43 -7.17 -4.47 -1.52
N GLN A 44 -7.88 -3.96 -0.51
CA GLN A 44 -8.47 -4.80 0.51
C GLN A 44 -9.25 -5.95 -0.11
N HIS A 45 -10.00 -5.65 -1.17
CA HIS A 45 -10.77 -6.67 -1.86
C HIS A 45 -9.84 -7.69 -2.51
N LYS A 46 -8.64 -7.23 -2.89
CA LYS A 46 -7.65 -8.10 -3.51
C LYS A 46 -6.81 -8.80 -2.44
N GLN A 47 -6.80 -8.23 -1.24
CA GLN A 47 -6.04 -8.81 -0.14
C GLN A 47 -6.68 -10.13 0.32
N THR A 48 -7.99 -10.10 0.49
CA THR A 48 -8.73 -11.30 0.93
C THR A 48 -8.52 -12.46 -0.03
N MET A 49 -8.60 -12.21 -1.33
CA MET A 49 -8.44 -13.25 -2.33
C MET A 49 -6.99 -13.72 -2.44
N LEU A 50 -6.05 -12.77 -2.42
CA LEU A 50 -4.64 -13.11 -2.51
C LEU A 50 -4.24 -14.06 -1.39
N ILE A 51 -4.68 -13.75 -0.18
CA ILE A 51 -4.38 -14.58 0.98
C ILE A 51 -5.04 -15.95 0.87
N ASN A 52 -6.25 -15.98 0.35
CA ASN A 52 -6.98 -17.23 0.19
C ASN A 52 -6.46 -18.03 -1.01
N GLU A 53 -5.99 -17.32 -2.03
CA GLU A 53 -5.47 -17.97 -3.23
C GLU A 53 -4.00 -18.35 -3.05
N LYS A 54 -3.17 -17.37 -2.69
CA LYS A 54 -1.75 -17.62 -2.47
C LYS A 54 -1.53 -18.35 -1.15
N LYS A 55 -2.59 -18.47 -0.35
CA LYS A 55 -2.52 -19.13 0.94
C LYS A 55 -1.56 -18.40 1.87
N LEU A 56 -1.89 -17.16 2.21
CA LEU A 56 -1.07 -16.35 3.11
C LEU A 56 -1.53 -16.55 4.55
N ASN A 57 -0.92 -15.79 5.46
CA ASN A 57 -1.26 -15.88 6.88
C ASN A 57 -0.99 -14.55 7.59
N MET A 58 -2.07 -13.83 7.91
CA MET A 58 -1.97 -12.55 8.58
C MET A 58 -1.21 -12.67 9.90
N MET A 59 -1.14 -13.89 10.43
CA MET A 59 -0.44 -14.11 11.69
C MET A 59 1.05 -14.27 11.44
N ASN A 60 1.42 -14.62 10.21
CA ASN A 60 2.82 -14.79 9.85
C ASN A 60 3.39 -13.53 9.22
N ALA A 61 4.54 -13.08 9.72
CA ALA A 61 5.17 -11.88 9.20
C ALA A 61 5.62 -12.07 7.76
N GLU A 62 6.17 -13.24 7.46
CA GLU A 62 6.65 -13.54 6.10
C GLU A 62 5.54 -13.34 5.09
N HIS A 63 4.32 -13.69 5.48
CA HIS A 63 3.17 -13.53 4.59
C HIS A 63 2.61 -12.12 4.68
N ARG A 64 2.63 -11.54 5.88
CA ARG A 64 2.12 -10.19 6.07
C ARG A 64 2.86 -9.22 5.16
N LYS A 65 4.18 -9.35 5.12
CA LYS A 65 5.01 -8.50 4.27
C LYS A 65 4.86 -8.90 2.81
N LEU A 66 4.35 -10.10 2.56
CA LEU A 66 4.15 -10.57 1.20
C LEU A 66 2.97 -9.84 0.58
N LEU A 67 1.93 -9.62 1.39
CA LEU A 67 0.76 -8.90 0.94
C LEU A 67 1.12 -7.46 0.59
N GLU A 68 1.78 -6.79 1.54
CA GLU A 68 2.20 -5.41 1.33
C GLU A 68 3.06 -5.31 0.06
N GLN A 69 3.68 -6.43 -0.30
CA GLN A 69 4.52 -6.49 -1.48
C GLN A 69 3.67 -6.40 -2.75
N GLU A 70 2.57 -7.13 -2.76
CA GLU A 70 1.67 -7.13 -3.90
C GLU A 70 0.89 -5.82 -3.98
N MET A 71 0.49 -5.31 -2.82
CA MET A 71 -0.26 -4.05 -2.76
C MET A 71 0.45 -2.96 -3.56
N VAL A 72 1.78 -2.95 -3.51
CA VAL A 72 2.56 -1.97 -4.24
C VAL A 72 2.30 -2.09 -5.74
N ASN A 73 2.63 -3.26 -6.28
CA ASN A 73 2.41 -3.53 -7.70
C ASN A 73 0.98 -3.17 -8.12
N PHE A 74 0.08 -3.07 -7.14
CA PHE A 74 -1.30 -2.74 -7.41
C PHE A 74 -1.55 -1.24 -7.24
N LEU A 75 -1.12 -0.68 -6.12
CA LEU A 75 -1.32 0.74 -5.83
C LEU A 75 -0.05 1.56 -6.03
N PHE A 76 1.06 1.09 -5.47
CA PHE A 76 2.34 1.79 -5.58
C PHE A 76 3.17 1.28 -6.74
N GLU A 77 2.50 0.80 -7.76
CA GLU A 77 3.15 0.27 -8.95
C GLU A 77 3.87 1.38 -9.72
N GLY A 78 4.82 2.01 -9.05
CA GLY A 78 5.58 3.08 -9.67
C GLY A 78 6.78 3.51 -8.86
N LYS A 79 6.65 3.48 -7.53
CA LYS A 79 7.74 3.87 -6.66
C LYS A 79 8.69 2.70 -6.39
N GLU A 80 8.18 1.48 -6.57
CA GLU A 80 8.99 0.27 -6.35
C GLU A 80 9.42 0.16 -4.89
N VAL A 81 8.55 -0.43 -4.07
CA VAL A 81 8.83 -0.61 -2.66
C VAL A 81 9.37 -2.02 -2.39
N HIS A 82 10.70 -2.13 -2.31
CA HIS A 82 11.33 -3.41 -2.06
C HIS A 82 11.49 -3.67 -0.57
N ILE A 83 11.99 -4.85 -0.22
CA ILE A 83 12.20 -5.22 1.17
C ILE A 83 13.56 -4.75 1.66
N GLU A 84 13.63 -4.38 2.94
CA GLU A 84 14.87 -3.91 3.53
C GLU A 84 15.45 -4.93 4.50
N GLY A 85 16.47 -5.66 4.05
CA GLY A 85 17.10 -6.65 4.91
C GLY A 85 16.29 -7.93 5.02
N TYR A 86 16.48 -8.85 4.08
CA TYR A 86 15.76 -10.12 4.09
C TYR A 86 16.52 -11.15 4.90
N THR A 87 15.79 -12.12 5.45
CA THR A 87 16.41 -13.17 6.26
C THR A 87 15.74 -14.52 6.02
N PRO A 88 16.37 -15.41 5.22
CA PRO A 88 15.83 -16.73 4.93
C PRO A 88 15.90 -17.69 6.12
N GLU A 89 16.67 -17.30 7.13
CA GLU A 89 16.83 -18.13 8.33
C GLU A 89 15.59 -18.05 9.21
N ASP A 90 15.16 -16.82 9.51
CA ASP A 90 13.99 -16.60 10.35
C ASP A 90 14.16 -17.24 11.72
N LYS A 91 13.19 -17.01 12.61
CA LYS A 91 13.24 -17.56 13.95
C LYS A 91 12.13 -18.59 14.16
N LYS A 92 10.89 -18.12 14.21
CA LYS A 92 9.75 -18.99 14.41
C LYS A 92 9.37 -19.72 13.12
N MET A 1 -10.23 28.60 2.04
CA MET A 1 -10.60 28.61 3.48
C MET A 1 -10.10 27.35 4.19
N GLY A 2 -10.02 26.25 3.45
CA GLY A 2 -9.56 25.00 4.03
C GLY A 2 -10.22 23.78 3.42
N SER A 3 -9.42 22.91 2.84
CA SER A 3 -9.93 21.69 2.21
C SER A 3 -8.97 20.52 2.43
N ARG A 4 -9.51 19.31 2.41
CA ARG A 4 -8.70 18.11 2.62
C ARG A 4 -8.91 17.12 1.48
N THR A 5 -8.22 17.34 0.36
CA THR A 5 -8.32 16.46 -0.79
C THR A 5 -6.94 16.11 -1.34
N ILE A 6 -6.53 14.86 -1.12
CA ILE A 6 -5.23 14.40 -1.59
C ILE A 6 -5.29 13.95 -3.05
N PHE A 7 -4.16 13.45 -3.55
CA PHE A 7 -4.08 12.97 -4.91
C PHE A 7 -3.67 11.50 -4.93
N CYS A 8 -4.65 10.61 -5.08
CA CYS A 8 -4.38 9.19 -5.09
C CYS A 8 -3.45 8.82 -6.25
N THR A 9 -2.63 7.79 -6.05
CA THR A 9 -1.69 7.34 -7.08
C THR A 9 -2.26 6.16 -7.85
N PHE A 10 -3.15 5.41 -7.20
CA PHE A 10 -3.79 4.25 -7.83
C PHE A 10 -4.81 4.71 -8.85
N LEU A 11 -5.60 5.70 -8.46
CA LEU A 11 -6.63 6.26 -9.34
C LEU A 11 -6.05 7.41 -10.16
N GLN A 12 -4.96 7.99 -9.67
CA GLN A 12 -4.32 9.11 -10.35
C GLN A 12 -5.26 10.29 -10.42
N ARG A 13 -5.98 10.54 -9.33
CA ARG A 13 -6.92 11.65 -9.25
C ARG A 13 -6.86 12.29 -7.87
N GLU A 14 -7.71 13.28 -7.64
CA GLU A 14 -7.76 13.96 -6.35
C GLU A 14 -8.93 13.44 -5.51
N ALA A 15 -8.60 12.73 -4.44
CA ALA A 15 -9.62 12.16 -3.56
C ALA A 15 -9.53 12.74 -2.16
N GLU A 16 -10.53 12.44 -1.33
CA GLU A 16 -10.56 12.93 0.04
C GLU A 16 -9.40 12.38 0.85
N GLY A 17 -8.92 11.21 0.46
CA GLY A 17 -7.81 10.58 1.15
C GLY A 17 -8.21 10.02 2.50
N GLN A 18 -7.40 9.11 3.02
CA GLN A 18 -7.66 8.49 4.31
C GLN A 18 -7.61 9.52 5.44
N ASP A 19 -7.83 9.05 6.66
CA ASP A 19 -7.81 9.93 7.83
C ASP A 19 -6.70 9.51 8.80
N PHE A 20 -6.36 8.23 8.78
CA PHE A 20 -5.31 7.70 9.64
C PHE A 20 -4.55 6.58 8.95
N GLN A 21 -3.29 6.38 9.34
CA GLN A 21 -2.46 5.34 8.76
C GLN A 21 -3.05 3.96 9.03
N LEU A 22 -3.28 3.20 7.97
CA LEU A 22 -3.84 1.85 8.09
C LEU A 22 -2.74 0.81 8.17
N TYR A 23 -1.70 0.98 7.36
CA TYR A 23 -0.56 0.07 7.34
C TYR A 23 0.53 0.56 8.29
N PRO A 24 1.53 -0.28 8.60
CA PRO A 24 2.62 0.09 9.50
C PRO A 24 3.81 0.72 8.77
N GLY A 25 4.89 0.92 9.50
CA GLY A 25 6.11 1.47 8.94
C GLY A 25 5.89 2.61 7.96
N GLU A 26 6.71 2.63 6.92
CA GLU A 26 6.65 3.67 5.90
C GLU A 26 5.55 3.38 4.89
N LEU A 27 5.36 2.10 4.58
CA LEU A 27 4.36 1.68 3.61
C LEU A 27 2.99 2.24 3.98
N GLY A 28 2.60 2.07 5.23
CA GLY A 28 1.31 2.58 5.66
C GLY A 28 1.24 4.08 5.53
N LYS A 29 2.37 4.74 5.72
CA LYS A 29 2.43 6.19 5.59
C LYS A 29 2.16 6.61 4.15
N ARG A 30 2.77 5.90 3.20
CA ARG A 30 2.59 6.21 1.78
C ARG A 30 1.17 5.86 1.32
N ILE A 31 0.62 4.74 1.79
CA ILE A 31 -0.74 4.35 1.41
C ILE A 31 -1.72 5.40 1.90
N TYR A 32 -1.63 5.68 3.19
CA TYR A 32 -2.48 6.67 3.81
C TYR A 32 -2.24 8.04 3.18
N ASN A 33 -1.12 8.20 2.50
CA ASN A 33 -0.78 9.48 1.86
C ASN A 33 -1.15 9.52 0.38
N GLU A 34 -0.73 8.50 -0.36
CA GLU A 34 -0.98 8.45 -1.80
C GLU A 34 -2.17 7.57 -2.17
N ILE A 35 -2.63 6.73 -1.25
CA ILE A 35 -3.75 5.85 -1.52
C ILE A 35 -4.98 6.24 -0.69
N SER A 36 -5.97 6.84 -1.35
CA SER A 36 -7.19 7.25 -0.69
C SER A 36 -8.00 6.05 -0.24
N LYS A 37 -9.12 6.31 0.44
CA LYS A 37 -9.98 5.23 0.92
C LYS A 37 -10.62 4.47 -0.23
N GLU A 38 -10.83 5.17 -1.34
CA GLU A 38 -11.44 4.56 -2.53
C GLU A 38 -10.51 3.53 -3.14
N ALA A 39 -9.23 3.88 -3.27
CA ALA A 39 -8.25 2.97 -3.85
C ALA A 39 -7.92 1.82 -2.90
N TRP A 40 -7.92 2.10 -1.61
CA TRP A 40 -7.63 1.10 -0.60
C TRP A 40 -8.68 -0.01 -0.62
N ALA A 41 -9.92 0.37 -0.92
CA ALA A 41 -11.02 -0.59 -0.98
C ALA A 41 -10.81 -1.58 -2.11
N GLN A 42 -10.09 -1.15 -3.15
CA GLN A 42 -9.81 -2.00 -4.29
C GLN A 42 -8.68 -2.97 -3.96
N TRP A 43 -7.74 -2.51 -3.13
CA TRP A 43 -6.62 -3.34 -2.72
C TRP A 43 -7.07 -4.35 -1.68
N GLN A 44 -7.73 -3.87 -0.62
CA GLN A 44 -8.22 -4.75 0.43
C GLN A 44 -8.98 -5.93 -0.16
N HIS A 45 -9.71 -5.67 -1.24
CA HIS A 45 -10.48 -6.69 -1.93
C HIS A 45 -9.53 -7.67 -2.64
N LYS A 46 -8.38 -7.16 -3.06
CA LYS A 46 -7.38 -7.98 -3.73
C LYS A 46 -6.50 -8.69 -2.71
N GLN A 47 -6.38 -8.10 -1.53
CA GLN A 47 -5.57 -8.68 -0.46
C GLN A 47 -6.22 -9.95 0.06
N THR A 48 -7.52 -9.88 0.33
CA THR A 48 -8.26 -11.03 0.84
C THR A 48 -8.09 -12.24 -0.06
N MET A 49 -8.20 -12.04 -1.37
CA MET A 49 -8.06 -13.13 -2.32
C MET A 49 -6.60 -13.57 -2.42
N LEU A 50 -5.69 -12.60 -2.46
CA LEU A 50 -4.27 -12.89 -2.55
C LEU A 50 -3.85 -13.78 -1.39
N ILE A 51 -4.52 -13.62 -0.25
CA ILE A 51 -4.21 -14.41 0.94
C ILE A 51 -4.93 -15.77 0.90
N ASN A 52 -6.17 -15.75 0.43
CA ASN A 52 -6.96 -16.97 0.34
C ASN A 52 -6.49 -17.86 -0.80
N GLU A 53 -5.99 -17.25 -1.86
CA GLU A 53 -5.51 -18.02 -3.02
C GLU A 53 -4.06 -18.44 -2.84
N LYS A 54 -3.19 -17.48 -2.58
CA LYS A 54 -1.76 -17.79 -2.38
C LYS A 54 -1.54 -18.53 -1.06
N LYS A 55 -2.59 -18.60 -0.24
CA LYS A 55 -2.51 -19.28 1.05
C LYS A 55 -1.59 -18.50 2.00
N LEU A 56 -1.94 -17.25 2.27
CA LEU A 56 -1.16 -16.42 3.18
C LEU A 56 -1.78 -16.44 4.57
N ASN A 57 -1.26 -15.61 5.46
CA ASN A 57 -1.77 -15.53 6.83
C ASN A 57 -1.45 -14.17 7.45
N MET A 58 -2.50 -13.47 7.88
CA MET A 58 -2.33 -12.16 8.48
C MET A 58 -1.67 -12.26 9.86
N MET A 59 -1.61 -13.47 10.41
CA MET A 59 -1.00 -13.67 11.71
C MET A 59 0.51 -13.89 11.56
N ASN A 60 0.92 -14.39 10.40
CA ASN A 60 2.33 -14.64 10.12
C ASN A 60 2.97 -13.41 9.49
N ALA A 61 3.88 -12.78 10.22
CA ALA A 61 4.58 -11.59 9.73
C ALA A 61 5.21 -11.84 8.36
N GLU A 62 5.59 -13.10 8.11
CA GLU A 62 6.21 -13.48 6.85
C GLU A 62 5.25 -13.27 5.69
N HIS A 63 3.97 -13.55 5.93
CA HIS A 63 2.94 -13.39 4.91
C HIS A 63 2.43 -11.96 4.88
N ARG A 64 2.38 -11.33 6.06
CA ARG A 64 1.90 -9.96 6.16
C ARG A 64 2.66 -9.04 5.21
N LYS A 65 3.98 -9.19 5.19
CA LYS A 65 4.83 -8.38 4.33
C LYS A 65 4.61 -8.74 2.86
N LEU A 66 4.20 -9.98 2.60
CA LEU A 66 3.96 -10.41 1.23
C LEU A 66 2.96 -9.49 0.56
N LEU A 67 1.87 -9.18 1.26
CA LEU A 67 0.85 -8.28 0.72
C LEU A 67 1.49 -6.94 0.40
N GLU A 68 2.26 -6.43 1.35
CA GLU A 68 2.98 -5.17 1.19
C GLU A 68 3.79 -5.19 -0.10
N GLN A 69 4.11 -6.40 -0.57
CA GLN A 69 4.88 -6.58 -1.79
C GLN A 69 3.98 -6.48 -3.03
N GLU A 70 2.87 -7.20 -3.03
CA GLU A 70 1.94 -7.19 -4.16
C GLU A 70 1.14 -5.89 -4.18
N MET A 71 0.90 -5.33 -3.01
CA MET A 71 0.15 -4.09 -2.91
C MET A 71 0.72 -3.02 -3.84
N VAL A 72 2.03 -2.80 -3.78
CA VAL A 72 2.67 -1.81 -4.63
C VAL A 72 2.27 -2.02 -6.09
N ASN A 73 2.55 -3.21 -6.60
CA ASN A 73 2.20 -3.55 -7.98
C ASN A 73 0.74 -3.26 -8.26
N PHE A 74 -0.08 -3.19 -7.21
CA PHE A 74 -1.51 -2.93 -7.36
C PHE A 74 -1.84 -1.45 -7.21
N LEU A 75 -1.36 -0.84 -6.12
CA LEU A 75 -1.64 0.57 -5.85
C LEU A 75 -0.45 1.47 -6.17
N PHE A 76 0.74 1.06 -5.72
CA PHE A 76 1.95 1.86 -5.93
C PHE A 76 2.73 1.41 -7.16
N GLU A 77 2.03 0.86 -8.12
CA GLU A 77 2.65 0.38 -9.35
C GLU A 77 3.17 1.56 -10.17
N GLY A 78 4.06 2.35 -9.56
CA GLY A 78 4.62 3.49 -10.23
C GLY A 78 5.77 4.11 -9.45
N LYS A 79 5.61 4.20 -8.13
CA LYS A 79 6.64 4.77 -7.27
C LYS A 79 7.75 3.74 -7.03
N GLU A 80 7.36 2.49 -6.86
CA GLU A 80 8.33 1.42 -6.62
C GLU A 80 9.14 1.68 -5.35
N VAL A 81 8.55 1.41 -4.20
CA VAL A 81 9.20 1.62 -2.92
C VAL A 81 10.06 0.42 -2.54
N HIS A 82 11.36 0.65 -2.39
CA HIS A 82 12.29 -0.42 -2.02
C HIS A 82 12.90 -0.15 -0.64
N ILE A 83 12.87 -1.16 0.21
CA ILE A 83 13.44 -1.04 1.56
C ILE A 83 14.94 -1.29 1.54
N GLU A 84 15.66 -0.60 2.41
CA GLU A 84 17.11 -0.75 2.49
C GLU A 84 17.58 -0.88 3.94
N GLY A 85 17.71 -2.12 4.39
CA GLY A 85 18.16 -2.35 5.76
C GLY A 85 17.20 -3.26 6.54
N TYR A 86 16.84 -4.39 5.95
CA TYR A 86 15.94 -5.33 6.58
C TYR A 86 16.71 -6.29 7.49
N THR A 87 16.33 -6.33 8.76
CA THR A 87 16.98 -7.21 9.72
C THR A 87 15.96 -8.05 10.48
N PRO A 88 15.54 -9.19 9.90
CA PRO A 88 14.57 -10.08 10.53
C PRO A 88 15.20 -10.97 11.60
N GLU A 89 14.40 -11.36 12.58
CA GLU A 89 14.87 -12.20 13.67
C GLU A 89 14.88 -13.67 13.25
N ASP A 90 13.92 -14.06 12.44
CA ASP A 90 13.82 -15.44 11.97
C ASP A 90 14.79 -15.69 10.82
N LYS A 91 15.50 -16.81 10.89
CA LYS A 91 16.46 -17.18 9.85
C LYS A 91 15.73 -17.71 8.62
N LYS A 92 15.67 -16.91 7.57
CA LYS A 92 15.00 -17.31 6.34
C LYS A 92 16.01 -17.63 5.22
N MET A 1 -14.17 23.65 10.71
CA MET A 1 -14.26 24.44 9.45
C MET A 1 -12.99 24.31 8.62
N GLY A 2 -12.97 23.32 7.72
CA GLY A 2 -11.81 23.12 6.88
C GLY A 2 -11.75 21.72 6.32
N SER A 3 -11.02 21.55 5.22
CA SER A 3 -10.88 20.24 4.59
C SER A 3 -9.68 20.22 3.64
N ARG A 4 -9.06 19.05 3.52
CA ARG A 4 -7.90 18.89 2.65
C ARG A 4 -8.07 17.67 1.75
N THR A 5 -7.75 17.82 0.48
CA THR A 5 -7.87 16.74 -0.50
C THR A 5 -6.51 16.33 -1.03
N ILE A 6 -6.18 15.05 -0.87
CA ILE A 6 -4.91 14.53 -1.35
C ILE A 6 -4.96 14.19 -2.83
N PHE A 7 -3.88 13.63 -3.34
CA PHE A 7 -3.80 13.24 -4.74
C PHE A 7 -3.51 11.75 -4.85
N CYS A 8 -4.55 10.96 -5.08
CA CYS A 8 -4.40 9.51 -5.19
C CYS A 8 -3.43 9.17 -6.31
N THR A 9 -2.62 8.12 -6.09
CA THR A 9 -1.65 7.70 -7.09
C THR A 9 -2.17 6.52 -7.91
N PHE A 10 -3.10 5.77 -7.34
CA PHE A 10 -3.68 4.62 -8.03
C PHE A 10 -4.65 5.11 -9.10
N LEU A 11 -5.44 6.12 -8.76
CA LEU A 11 -6.40 6.70 -9.70
C LEU A 11 -5.80 7.91 -10.40
N GLN A 12 -4.66 8.38 -9.92
CA GLN A 12 -4.00 9.54 -10.50
C GLN A 12 -4.95 10.72 -10.52
N ARG A 13 -5.65 10.93 -9.41
CA ARG A 13 -6.60 12.04 -9.28
C ARG A 13 -6.55 12.63 -7.88
N GLU A 14 -7.51 13.49 -7.57
CA GLU A 14 -7.59 14.13 -6.25
C GLU A 14 -8.70 13.52 -5.41
N ALA A 15 -8.34 12.89 -4.30
CA ALA A 15 -9.33 12.27 -3.41
C ALA A 15 -9.26 12.86 -2.01
N GLU A 16 -10.33 12.68 -1.25
CA GLU A 16 -10.39 13.21 0.12
C GLU A 16 -9.33 12.54 1.01
N GLY A 17 -8.79 11.43 0.56
CA GLY A 17 -7.78 10.73 1.33
C GLY A 17 -8.33 10.14 2.62
N GLN A 18 -7.49 9.43 3.35
CA GLN A 18 -7.89 8.81 4.61
C GLN A 18 -7.63 9.76 5.78
N ASP A 19 -8.16 9.40 6.94
CA ASP A 19 -7.99 10.21 8.14
C ASP A 19 -6.92 9.61 9.06
N PHE A 20 -6.80 8.29 9.05
CA PHE A 20 -5.82 7.60 9.88
C PHE A 20 -5.09 6.53 9.08
N GLN A 21 -3.81 6.35 9.39
CA GLN A 21 -3.00 5.35 8.70
C GLN A 21 -3.56 3.95 8.91
N LEU A 22 -3.67 3.19 7.82
CA LEU A 22 -4.19 1.83 7.88
C LEU A 22 -3.07 0.80 8.00
N TYR A 23 -2.00 1.00 7.24
CA TYR A 23 -0.86 0.10 7.26
C TYR A 23 0.21 0.61 8.21
N PRO A 24 1.22 -0.22 8.51
CA PRO A 24 2.30 0.14 9.43
C PRO A 24 3.53 0.71 8.71
N GLY A 25 4.62 0.82 9.46
CA GLY A 25 5.87 1.31 8.91
C GLY A 25 5.72 2.46 7.93
N GLU A 26 6.59 2.47 6.93
CA GLU A 26 6.60 3.52 5.92
C GLU A 26 5.55 3.26 4.85
N LEU A 27 5.31 1.98 4.54
CA LEU A 27 4.33 1.64 3.52
C LEU A 27 2.96 2.19 3.91
N GLY A 28 2.56 1.98 5.15
CA GLY A 28 1.28 2.50 5.59
C GLY A 28 1.20 4.01 5.46
N LYS A 29 2.36 4.66 5.55
CA LYS A 29 2.42 6.12 5.42
C LYS A 29 2.13 6.55 3.98
N ARG A 30 2.66 5.78 3.02
CA ARG A 30 2.47 6.10 1.61
C ARG A 30 1.03 5.79 1.17
N ILE A 31 0.46 4.70 1.67
CA ILE A 31 -0.92 4.33 1.31
C ILE A 31 -1.87 5.40 1.82
N TYR A 32 -1.76 5.68 3.10
CA TYR A 32 -2.59 6.69 3.73
C TYR A 32 -2.34 8.06 3.09
N ASN A 33 -1.22 8.20 2.39
CA ASN A 33 -0.88 9.48 1.75
C ASN A 33 -1.21 9.51 0.25
N GLU A 34 -0.71 8.52 -0.50
CA GLU A 34 -0.93 8.47 -1.94
C GLU A 34 -2.12 7.61 -2.34
N ILE A 35 -2.56 6.72 -1.45
CA ILE A 35 -3.70 5.87 -1.75
C ILE A 35 -4.95 6.35 -1.00
N SER A 36 -6.02 6.56 -1.75
CA SER A 36 -7.27 7.03 -1.16
C SER A 36 -8.17 5.85 -0.79
N LYS A 37 -9.32 6.15 -0.18
CA LYS A 37 -10.26 5.12 0.23
C LYS A 37 -10.76 4.33 -0.98
N GLU A 38 -10.93 5.03 -2.10
CA GLU A 38 -11.41 4.40 -3.34
C GLU A 38 -10.45 3.32 -3.79
N ALA A 39 -9.15 3.63 -3.78
CA ALA A 39 -8.13 2.69 -4.21
C ALA A 39 -7.97 1.56 -3.19
N TRP A 40 -7.81 1.93 -1.92
CA TRP A 40 -7.65 0.96 -0.85
C TRP A 40 -8.79 -0.06 -0.89
N ALA A 41 -10.02 0.44 -1.07
CA ALA A 41 -11.19 -0.43 -1.13
C ALA A 41 -11.03 -1.48 -2.22
N GLN A 42 -10.28 -1.13 -3.26
CA GLN A 42 -10.03 -2.05 -4.35
C GLN A 42 -8.98 -3.09 -3.96
N TRP A 43 -8.08 -2.69 -3.06
CA TRP A 43 -7.02 -3.57 -2.58
C TRP A 43 -7.59 -4.59 -1.59
N GLN A 44 -8.36 -4.10 -0.63
CA GLN A 44 -8.95 -4.97 0.39
C GLN A 44 -9.59 -6.21 -0.26
N HIS A 45 -10.35 -5.98 -1.33
CA HIS A 45 -11.01 -7.06 -2.04
C HIS A 45 -9.97 -8.03 -2.63
N LYS A 46 -9.02 -7.48 -3.37
CA LYS A 46 -7.95 -8.28 -3.98
C LYS A 46 -7.03 -8.86 -2.92
N GLN A 47 -7.02 -8.25 -1.74
CA GLN A 47 -6.16 -8.70 -0.66
C GLN A 47 -6.69 -9.99 -0.03
N THR A 48 -7.95 -9.96 0.40
CA THR A 48 -8.58 -11.11 1.03
C THR A 48 -8.48 -12.36 0.16
N MET A 49 -8.52 -12.18 -1.16
CA MET A 49 -8.45 -13.31 -2.08
C MET A 49 -7.01 -13.78 -2.28
N LEU A 50 -6.09 -12.83 -2.38
CA LEU A 50 -4.67 -13.13 -2.56
C LEU A 50 -4.19 -14.05 -1.44
N ILE A 51 -4.59 -13.73 -0.22
CA ILE A 51 -4.20 -14.53 0.94
C ILE A 51 -4.85 -15.91 0.89
N ASN A 52 -6.09 -15.96 0.42
CA ASN A 52 -6.82 -17.22 0.32
C ASN A 52 -6.29 -18.07 -0.84
N GLU A 53 -5.83 -17.40 -1.89
CA GLU A 53 -5.31 -18.10 -3.07
C GLU A 53 -3.82 -18.42 -2.89
N LYS A 54 -3.02 -17.41 -2.60
CA LYS A 54 -1.58 -17.60 -2.41
C LYS A 54 -1.30 -18.28 -1.08
N LYS A 55 -2.32 -18.38 -0.23
CA LYS A 55 -2.18 -19.00 1.08
C LYS A 55 -1.30 -18.16 1.99
N LEU A 56 -1.73 -16.92 2.25
CA LEU A 56 -0.98 -16.03 3.11
C LEU A 56 -1.48 -16.14 4.55
N ASN A 57 -0.85 -15.39 5.46
CA ASN A 57 -1.24 -15.42 6.86
C ASN A 57 -0.85 -14.13 7.57
N MET A 58 -1.84 -13.27 7.78
CA MET A 58 -1.62 -11.99 8.44
C MET A 58 -1.02 -12.17 9.83
N MET A 59 -1.15 -13.37 10.40
CA MET A 59 -0.62 -13.66 11.72
C MET A 59 0.88 -13.93 11.65
N ASN A 60 1.36 -14.29 10.47
CA ASN A 60 2.78 -14.57 10.27
C ASN A 60 3.47 -13.40 9.58
N ALA A 61 4.46 -12.83 10.24
CA ALA A 61 5.19 -11.70 9.69
C ALA A 61 5.83 -12.03 8.34
N GLU A 62 6.06 -13.32 8.11
CA GLU A 62 6.67 -13.78 6.86
C GLU A 62 5.76 -13.50 5.68
N HIS A 63 4.46 -13.71 5.87
CA HIS A 63 3.48 -13.46 4.82
C HIS A 63 3.04 -12.01 4.81
N ARG A 64 2.96 -11.41 5.99
CA ARG A 64 2.56 -10.01 6.13
C ARG A 64 3.38 -9.13 5.20
N LYS A 65 4.70 -9.35 5.19
CA LYS A 65 5.61 -8.59 4.34
C LYS A 65 5.35 -8.90 2.87
N LEU A 66 4.76 -10.05 2.59
CA LEU A 66 4.45 -10.45 1.23
C LEU A 66 3.26 -9.65 0.71
N LEU A 67 2.24 -9.51 1.56
CA LEU A 67 1.05 -8.75 1.20
C LEU A 67 1.43 -7.32 0.87
N GLU A 68 2.19 -6.70 1.78
CA GLU A 68 2.63 -5.32 1.59
C GLU A 68 3.36 -5.18 0.26
N GLN A 69 3.90 -6.30 -0.25
CA GLN A 69 4.61 -6.31 -1.50
C GLN A 69 3.64 -6.23 -2.68
N GLU A 70 2.58 -7.05 -2.61
CA GLU A 70 1.58 -7.08 -3.66
C GLU A 70 0.79 -5.77 -3.72
N MET A 71 0.46 -5.24 -2.54
CA MET A 71 -0.30 -3.99 -2.47
C MET A 71 0.31 -2.93 -3.38
N VAL A 72 1.64 -2.94 -3.50
CA VAL A 72 2.33 -1.99 -4.37
C VAL A 72 1.94 -2.22 -5.82
N ASN A 73 2.21 -3.42 -6.31
CA ASN A 73 1.89 -3.77 -7.69
C ASN A 73 0.43 -3.44 -8.03
N PHE A 74 -0.39 -3.30 -7.00
CA PHE A 74 -1.80 -2.97 -7.19
C PHE A 74 -2.06 -1.48 -7.08
N LEU A 75 -1.56 -0.85 -6.02
CA LEU A 75 -1.76 0.58 -5.79
C LEU A 75 -0.52 1.41 -6.13
N PHE A 76 0.65 0.95 -5.71
CA PHE A 76 1.90 1.68 -5.94
C PHE A 76 2.71 1.13 -7.11
N GLU A 77 2.03 0.54 -8.05
CA GLU A 77 2.69 -0.04 -9.22
C GLU A 77 3.27 1.06 -10.11
N GLY A 78 4.14 1.88 -9.55
CA GLY A 78 4.74 2.94 -10.32
C GLY A 78 5.20 4.12 -9.47
N LYS A 79 4.66 4.24 -8.26
CA LYS A 79 5.04 5.33 -7.37
C LYS A 79 6.23 4.97 -6.50
N GLU A 80 7.08 4.09 -7.02
CA GLU A 80 8.28 3.65 -6.29
C GLU A 80 9.09 2.68 -7.13
N VAL A 81 9.17 2.94 -8.42
CA VAL A 81 9.91 2.09 -9.34
C VAL A 81 11.41 2.18 -9.08
N HIS A 82 11.83 1.73 -7.90
CA HIS A 82 13.24 1.76 -7.52
C HIS A 82 13.79 0.34 -7.39
N ILE A 83 15.04 0.16 -7.80
CA ILE A 83 15.68 -1.14 -7.72
C ILE A 83 17.12 -1.02 -7.21
N GLU A 84 17.39 -1.67 -6.09
CA GLU A 84 18.73 -1.64 -5.49
C GLU A 84 19.39 -3.01 -5.57
N GLY A 85 20.71 -3.01 -5.59
CA GLY A 85 21.45 -4.27 -5.66
C GLY A 85 21.29 -4.95 -7.00
N TYR A 86 20.91 -4.19 -8.01
CA TYR A 86 20.72 -4.75 -9.35
C TYR A 86 21.89 -4.40 -10.27
N THR A 87 22.28 -5.35 -11.10
CA THR A 87 23.39 -5.14 -12.02
C THR A 87 22.99 -5.53 -13.45
N PRO A 88 22.93 -4.56 -14.38
CA PRO A 88 22.56 -4.83 -15.77
C PRO A 88 23.53 -5.78 -16.46
N GLU A 89 23.01 -6.89 -16.98
CA GLU A 89 23.84 -7.88 -17.66
C GLU A 89 24.07 -7.49 -19.12
N ASP A 90 23.10 -6.79 -19.69
CA ASP A 90 23.19 -6.34 -21.08
C ASP A 90 22.12 -5.29 -21.39
N LYS A 91 22.42 -4.04 -21.04
CA LYS A 91 21.49 -2.94 -21.27
C LYS A 91 21.16 -2.82 -22.75
N LYS A 92 20.38 -1.80 -23.09
CA LYS A 92 19.98 -1.56 -24.48
C LYS A 92 20.88 -0.51 -25.13
N MET A 1 -17.31 24.71 7.17
CA MET A 1 -17.36 23.68 6.11
C MET A 1 -16.03 23.57 5.38
N GLY A 2 -15.43 22.38 5.43
CA GLY A 2 -14.16 22.16 4.77
C GLY A 2 -13.75 20.69 4.76
N SER A 3 -13.42 20.18 3.58
CA SER A 3 -13.02 18.78 3.44
C SER A 3 -11.69 18.68 2.70
N ARG A 4 -10.64 18.30 3.44
CA ARG A 4 -9.31 18.15 2.86
C ARG A 4 -9.30 17.03 1.83
N THR A 5 -8.44 17.16 0.83
CA THR A 5 -8.33 16.16 -0.23
C THR A 5 -6.87 15.78 -0.48
N ILE A 6 -6.66 14.75 -1.28
CA ILE A 6 -5.31 14.30 -1.60
C ILE A 6 -5.22 13.91 -3.08
N PHE A 7 -4.02 13.56 -3.51
CA PHE A 7 -3.80 13.14 -4.89
C PHE A 7 -3.50 11.65 -4.95
N CYS A 8 -4.51 10.86 -5.27
CA CYS A 8 -4.35 9.41 -5.34
C CYS A 8 -3.39 9.03 -6.48
N THR A 9 -2.58 7.99 -6.28
CA THR A 9 -1.65 7.55 -7.30
C THR A 9 -2.22 6.38 -8.10
N PHE A 10 -3.20 5.69 -7.52
CA PHE A 10 -3.83 4.56 -8.18
C PHE A 10 -4.75 5.06 -9.28
N LEU A 11 -5.57 6.06 -8.96
CA LEU A 11 -6.49 6.64 -9.92
C LEU A 11 -5.83 7.80 -10.67
N GLN A 12 -4.70 8.28 -10.14
CA GLN A 12 -4.00 9.39 -10.75
C GLN A 12 -4.90 10.63 -10.78
N ARG A 13 -5.62 10.84 -9.68
CA ARG A 13 -6.51 11.99 -9.56
C ARG A 13 -6.52 12.50 -8.12
N GLU A 14 -7.40 13.46 -7.84
CA GLU A 14 -7.50 14.02 -6.51
C GLU A 14 -8.69 13.43 -5.76
N ALA A 15 -8.41 12.71 -4.68
CA ALA A 15 -9.46 12.09 -3.87
C ALA A 15 -9.21 12.33 -2.39
N GLU A 16 -10.24 12.11 -1.58
CA GLU A 16 -10.14 12.31 -0.14
C GLU A 16 -9.10 11.37 0.47
N GLY A 17 -8.58 11.73 1.63
CA GLY A 17 -7.58 10.90 2.28
C GLY A 17 -8.12 10.23 3.53
N GLN A 18 -7.37 9.26 4.05
CA GLN A 18 -7.78 8.53 5.25
C GLN A 18 -7.48 9.35 6.50
N ASP A 19 -8.29 9.16 7.53
CA ASP A 19 -8.12 9.88 8.78
C ASP A 19 -7.01 9.26 9.63
N PHE A 20 -6.78 7.96 9.46
CA PHE A 20 -5.75 7.27 10.22
C PHE A 20 -5.01 6.25 9.36
N GLN A 21 -3.70 6.19 9.53
CA GLN A 21 -2.88 5.25 8.77
C GLN A 21 -3.33 3.80 9.03
N LEU A 22 -3.71 3.11 7.97
CA LEU A 22 -4.18 1.73 8.08
C LEU A 22 -3.01 0.74 8.13
N TYR A 23 -2.01 0.95 7.29
CA TYR A 23 -0.84 0.07 7.25
C TYR A 23 0.24 0.58 8.21
N PRO A 24 1.28 -0.24 8.46
CA PRO A 24 2.36 0.12 9.37
C PRO A 24 3.54 0.77 8.65
N GLY A 25 4.62 0.98 9.41
CA GLY A 25 5.82 1.57 8.87
C GLY A 25 5.60 2.66 7.85
N GLU A 26 6.49 2.70 6.87
CA GLU A 26 6.44 3.71 5.81
C GLU A 26 5.37 3.36 4.77
N LEU A 27 5.23 2.07 4.49
CA LEU A 27 4.24 1.62 3.51
C LEU A 27 2.87 2.21 3.82
N GLY A 28 2.41 2.02 5.04
CA GLY A 28 1.12 2.55 5.43
C GLY A 28 1.05 4.04 5.23
N LYS A 29 2.18 4.72 5.44
CA LYS A 29 2.24 6.17 5.27
C LYS A 29 1.97 6.54 3.81
N ARG A 30 2.71 5.93 2.88
CA ARG A 30 2.54 6.22 1.46
C ARG A 30 1.11 5.89 1.01
N ILE A 31 0.57 4.77 1.50
CA ILE A 31 -0.80 4.39 1.13
C ILE A 31 -1.78 5.40 1.66
N TYR A 32 -1.78 5.56 2.97
CA TYR A 32 -2.66 6.52 3.62
C TYR A 32 -2.47 7.92 3.02
N ASN A 33 -1.34 8.12 2.33
CA ASN A 33 -1.04 9.42 1.73
C ASN A 33 -1.34 9.48 0.23
N GLU A 34 -0.87 8.49 -0.52
CA GLU A 34 -1.07 8.46 -1.97
C GLU A 34 -2.25 7.58 -2.39
N ILE A 35 -2.62 6.62 -1.55
CA ILE A 35 -3.73 5.73 -1.88
C ILE A 35 -4.98 6.09 -1.07
N SER A 36 -5.88 6.82 -1.71
CA SER A 36 -7.13 7.24 -1.06
C SER A 36 -7.93 6.03 -0.58
N LYS A 37 -9.02 6.29 0.13
CA LYS A 37 -9.87 5.22 0.64
C LYS A 37 -10.46 4.41 -0.52
N GLU A 38 -10.76 5.11 -1.62
CA GLU A 38 -11.33 4.45 -2.78
C GLU A 38 -10.36 3.43 -3.37
N ALA A 39 -9.10 3.84 -3.55
CA ALA A 39 -8.08 2.95 -4.09
C ALA A 39 -7.74 1.87 -3.08
N TRP A 40 -7.83 2.21 -1.80
CA TRP A 40 -7.54 1.26 -0.74
C TRP A 40 -8.62 0.18 -0.67
N ALA A 41 -9.86 0.60 -0.90
CA ALA A 41 -10.99 -0.33 -0.87
C ALA A 41 -10.85 -1.37 -1.98
N GLN A 42 -10.19 -0.98 -3.07
CA GLN A 42 -9.96 -1.87 -4.19
C GLN A 42 -8.88 -2.89 -3.83
N TRP A 43 -7.97 -2.49 -2.96
CA TRP A 43 -6.89 -3.36 -2.52
C TRP A 43 -7.40 -4.37 -1.48
N GLN A 44 -8.06 -3.87 -0.45
CA GLN A 44 -8.61 -4.74 0.59
C GLN A 44 -9.36 -5.91 -0.02
N HIS A 45 -10.11 -5.63 -1.08
CA HIS A 45 -10.87 -6.66 -1.78
C HIS A 45 -9.91 -7.65 -2.45
N LYS A 46 -8.83 -7.12 -3.01
CA LYS A 46 -7.83 -7.95 -3.67
C LYS A 46 -6.93 -8.63 -2.64
N GLN A 47 -6.89 -8.07 -1.44
CA GLN A 47 -6.08 -8.63 -0.37
C GLN A 47 -6.70 -9.93 0.14
N THR A 48 -7.99 -9.89 0.41
CA THR A 48 -8.72 -11.06 0.91
C THR A 48 -8.54 -12.26 -0.01
N MET A 49 -8.56 -12.02 -1.32
CA MET A 49 -8.40 -13.11 -2.28
C MET A 49 -6.93 -13.50 -2.42
N LEU A 50 -6.05 -12.50 -2.35
CA LEU A 50 -4.62 -12.75 -2.44
C LEU A 50 -4.14 -13.59 -1.27
N ILE A 51 -4.77 -13.38 -0.12
CA ILE A 51 -4.42 -14.12 1.09
C ILE A 51 -5.07 -15.51 1.09
N ASN A 52 -6.32 -15.56 0.63
CA ASN A 52 -7.04 -16.83 0.56
C ASN A 52 -6.55 -17.70 -0.58
N GLU A 53 -6.08 -17.07 -1.65
CA GLU A 53 -5.59 -17.80 -2.82
C GLU A 53 -4.11 -18.17 -2.66
N LYS A 54 -3.27 -17.18 -2.39
CA LYS A 54 -1.83 -17.43 -2.22
C LYS A 54 -1.56 -18.15 -0.90
N LYS A 55 -2.59 -18.27 -0.06
CA LYS A 55 -2.46 -18.93 1.23
C LYS A 55 -1.53 -18.16 2.16
N LEU A 56 -1.91 -16.92 2.47
CA LEU A 56 -1.11 -16.09 3.38
C LEU A 56 -1.62 -16.22 4.81
N ASN A 57 -1.00 -15.50 5.73
CA ASN A 57 -1.39 -15.54 7.14
C ASN A 57 -1.08 -14.23 7.82
N MET A 58 -2.12 -13.44 8.08
CA MET A 58 -1.97 -12.15 8.75
C MET A 58 -1.20 -12.27 10.06
N MET A 59 -1.22 -13.47 10.65
CA MET A 59 -0.52 -13.71 11.90
C MET A 59 0.97 -13.93 11.67
N ASN A 60 1.34 -14.28 10.45
CA ASN A 60 2.74 -14.52 10.10
C ASN A 60 3.33 -13.32 9.37
N ALA A 61 4.34 -12.70 9.97
CA ALA A 61 4.99 -11.55 9.36
C ALA A 61 5.53 -11.89 7.98
N GLU A 62 6.02 -13.11 7.82
CA GLU A 62 6.57 -13.58 6.55
C GLU A 62 5.56 -13.40 5.42
N HIS A 63 4.29 -13.65 5.72
CA HIS A 63 3.23 -13.52 4.73
C HIS A 63 2.74 -12.07 4.68
N ARG A 64 2.61 -11.46 5.85
CA ARG A 64 2.14 -10.08 5.96
C ARG A 64 2.97 -9.18 5.04
N LYS A 65 4.28 -9.39 5.05
CA LYS A 65 5.18 -8.62 4.21
C LYS A 65 4.89 -8.89 2.73
N LEU A 66 4.45 -10.11 2.45
CA LEU A 66 4.11 -10.50 1.09
C LEU A 66 3.01 -9.59 0.53
N LEU A 67 1.97 -9.39 1.33
CA LEU A 67 0.87 -8.53 0.92
C LEU A 67 1.40 -7.14 0.60
N GLU A 68 2.30 -6.65 1.45
CA GLU A 68 2.90 -5.34 1.25
C GLU A 68 3.70 -5.33 -0.05
N GLN A 69 4.05 -6.51 -0.54
CA GLN A 69 4.80 -6.65 -1.78
C GLN A 69 3.88 -6.51 -2.98
N GLU A 70 2.75 -7.22 -2.94
CA GLU A 70 1.78 -7.18 -4.03
C GLU A 70 1.03 -5.84 -4.06
N MET A 71 0.71 -5.33 -2.88
CA MET A 71 -0.03 -4.06 -2.77
C MET A 71 0.61 -2.98 -3.64
N VAL A 72 1.95 -2.95 -3.67
CA VAL A 72 2.66 -1.96 -4.48
C VAL A 72 2.37 -2.16 -5.96
N ASN A 73 2.64 -3.36 -6.45
CA ASN A 73 2.41 -3.69 -7.85
C ASN A 73 0.96 -3.37 -8.27
N PHE A 74 0.08 -3.24 -7.28
CA PHE A 74 -1.32 -2.94 -7.55
C PHE A 74 -1.60 -1.45 -7.47
N LEU A 75 -1.16 -0.82 -6.38
CA LEU A 75 -1.40 0.61 -6.18
C LEU A 75 -0.17 1.47 -6.44
N PHE A 76 0.98 1.03 -5.94
CA PHE A 76 2.23 1.78 -6.09
C PHE A 76 3.11 1.24 -7.21
N GLU A 77 2.49 0.64 -8.19
CA GLU A 77 3.21 0.07 -9.33
C GLU A 77 3.90 1.15 -10.14
N GLY A 78 4.79 1.89 -9.50
CA GLY A 78 5.52 2.95 -10.17
C GLY A 78 6.63 3.51 -9.33
N LYS A 79 6.37 3.65 -8.03
CA LYS A 79 7.39 4.17 -7.11
C LYS A 79 8.38 3.09 -6.75
N GLU A 80 7.92 1.84 -6.70
CA GLU A 80 8.77 0.71 -6.36
C GLU A 80 9.43 0.91 -5.00
N VAL A 81 8.75 0.46 -3.95
CA VAL A 81 9.27 0.59 -2.59
C VAL A 81 10.31 -0.50 -2.31
N HIS A 82 11.32 -0.59 -3.15
CA HIS A 82 12.36 -1.59 -2.99
C HIS A 82 13.58 -0.98 -2.30
N ILE A 83 14.60 -1.80 -2.07
CA ILE A 83 15.82 -1.34 -1.42
C ILE A 83 16.80 -0.75 -2.43
N GLU A 84 17.73 0.06 -1.94
CA GLU A 84 18.72 0.69 -2.80
C GLU A 84 19.95 1.11 -2.00
N GLY A 85 21.09 0.50 -2.30
CA GLY A 85 22.31 0.82 -1.60
C GLY A 85 22.74 -0.28 -0.64
N TYR A 86 22.44 -1.52 -0.99
CA TYR A 86 22.80 -2.66 -0.15
C TYR A 86 24.23 -3.09 -0.41
N THR A 87 24.90 -3.56 0.64
CA THR A 87 26.28 -4.01 0.54
C THR A 87 26.46 -5.38 1.18
N PRO A 88 26.31 -6.46 0.38
CA PRO A 88 26.46 -7.83 0.88
C PRO A 88 27.92 -8.28 0.90
N GLU A 89 28.14 -9.52 1.34
CA GLU A 89 29.49 -10.07 1.42
C GLU A 89 30.08 -10.26 0.02
N ASP A 90 29.22 -10.63 -0.93
CA ASP A 90 29.66 -10.85 -2.31
C ASP A 90 29.97 -9.53 -3.00
N LYS A 91 30.97 -8.82 -2.50
CA LYS A 91 31.38 -7.54 -3.08
C LYS A 91 32.81 -7.63 -3.60
N LYS A 92 33.18 -8.82 -4.07
CA LYS A 92 34.52 -9.04 -4.60
C LYS A 92 34.53 -9.02 -6.12
N MET A 1 -9.82 25.33 4.22
CA MET A 1 -9.33 24.52 5.36
C MET A 1 -10.43 23.63 5.94
N GLY A 2 -11.48 23.43 5.15
CA GLY A 2 -12.58 22.59 5.61
C GLY A 2 -12.61 21.25 4.92
N SER A 3 -12.32 21.23 3.63
CA SER A 3 -12.30 20.00 2.85
C SER A 3 -10.92 19.75 2.26
N ARG A 4 -10.23 18.74 2.79
CA ARG A 4 -8.90 18.40 2.32
C ARG A 4 -8.91 17.16 1.43
N THR A 5 -8.63 17.36 0.14
CA THR A 5 -8.61 16.26 -0.81
C THR A 5 -7.19 16.00 -1.30
N ILE A 6 -6.70 14.79 -1.04
CA ILE A 6 -5.34 14.42 -1.43
C ILE A 6 -5.28 14.03 -2.91
N PHE A 7 -4.10 13.57 -3.33
CA PHE A 7 -3.90 13.15 -4.71
C PHE A 7 -3.60 11.66 -4.77
N CYS A 8 -4.59 10.86 -5.11
CA CYS A 8 -4.41 9.42 -5.20
C CYS A 8 -3.41 9.07 -6.30
N THR A 9 -2.61 8.05 -6.08
CA THR A 9 -1.63 7.63 -7.07
C THR A 9 -2.13 6.43 -7.88
N PHE A 10 -3.09 5.70 -7.32
CA PHE A 10 -3.66 4.55 -8.00
C PHE A 10 -4.60 5.01 -9.12
N LEU A 11 -5.43 5.99 -8.81
CA LEU A 11 -6.36 6.54 -9.78
C LEU A 11 -5.72 7.68 -10.56
N GLN A 12 -4.60 8.18 -10.06
CA GLN A 12 -3.90 9.28 -10.71
C GLN A 12 -4.78 10.51 -10.75
N ARG A 13 -5.51 10.75 -9.65
CA ARG A 13 -6.39 11.91 -9.55
C ARG A 13 -6.38 12.48 -8.13
N GLU A 14 -7.31 13.37 -7.85
CA GLU A 14 -7.41 13.98 -6.53
C GLU A 14 -8.62 13.44 -5.78
N ALA A 15 -8.37 12.80 -4.64
CA ALA A 15 -9.45 12.22 -3.84
C ALA A 15 -9.19 12.40 -2.35
N GLU A 16 -10.22 12.19 -1.54
CA GLU A 16 -10.10 12.32 -0.09
C GLU A 16 -9.06 11.34 0.45
N GLY A 17 -8.73 11.49 1.73
CA GLY A 17 -7.74 10.62 2.34
C GLY A 17 -8.23 10.02 3.64
N GLN A 18 -7.38 9.21 4.27
CA GLN A 18 -7.73 8.57 5.53
C GLN A 18 -7.24 9.41 6.72
N ASP A 19 -8.03 9.43 7.78
CA ASP A 19 -7.69 10.20 8.98
C ASP A 19 -6.56 9.52 9.75
N PHE A 20 -6.52 8.19 9.69
CA PHE A 20 -5.49 7.42 10.39
C PHE A 20 -4.82 6.43 9.44
N GLN A 21 -3.51 6.27 9.59
CA GLN A 21 -2.76 5.35 8.75
C GLN A 21 -3.28 3.92 8.92
N LEU A 22 -3.46 3.23 7.80
CA LEU A 22 -3.97 1.86 7.82
C LEU A 22 -2.82 0.86 7.90
N TYR A 23 -1.78 1.08 7.11
CA TYR A 23 -0.61 0.19 7.11
C TYR A 23 0.43 0.69 8.11
N PRO A 24 1.48 -0.10 8.37
CA PRO A 24 2.54 0.24 9.32
C PRO A 24 3.73 0.92 8.66
N GLY A 25 4.77 1.15 9.46
CA GLY A 25 6.00 1.76 8.97
C GLY A 25 5.81 2.81 7.90
N GLU A 26 6.76 2.84 6.96
CA GLU A 26 6.73 3.81 5.86
C GLU A 26 5.68 3.44 4.83
N LEU A 27 5.56 2.15 4.55
CA LEU A 27 4.59 1.66 3.57
C LEU A 27 3.23 2.28 3.82
N GLY A 28 2.72 2.11 5.03
CA GLY A 28 1.43 2.67 5.37
C GLY A 28 1.39 4.18 5.21
N LYS A 29 2.56 4.81 5.38
CA LYS A 29 2.65 6.25 5.23
C LYS A 29 2.26 6.67 3.82
N ARG A 30 2.93 6.11 2.83
CA ARG A 30 2.67 6.42 1.43
C ARG A 30 1.24 6.04 1.03
N ILE A 31 0.73 4.92 1.55
CA ILE A 31 -0.63 4.50 1.23
C ILE A 31 -1.62 5.50 1.78
N TYR A 32 -1.64 5.61 3.09
CA TYR A 32 -2.51 6.55 3.76
C TYR A 32 -2.32 7.96 3.20
N ASN A 33 -1.20 8.18 2.52
CA ASN A 33 -0.90 9.49 1.94
C ASN A 33 -1.26 9.58 0.45
N GLU A 34 -0.78 8.62 -0.34
CA GLU A 34 -1.01 8.63 -1.79
C GLU A 34 -2.18 7.73 -2.21
N ILE A 35 -2.54 6.78 -1.37
CA ILE A 35 -3.65 5.88 -1.67
C ILE A 35 -4.91 6.31 -0.93
N SER A 36 -5.94 6.70 -1.69
CA SER A 36 -7.20 7.15 -1.11
C SER A 36 -8.08 5.95 -0.74
N LYS A 37 -9.18 6.22 -0.05
CA LYS A 37 -10.11 5.17 0.37
C LYS A 37 -10.67 4.44 -0.85
N GLU A 38 -10.84 5.17 -1.95
CA GLU A 38 -11.37 4.58 -3.17
C GLU A 38 -10.46 3.48 -3.69
N ALA A 39 -9.16 3.78 -3.77
CA ALA A 39 -8.18 2.81 -4.24
C ALA A 39 -7.99 1.69 -3.23
N TRP A 40 -7.92 2.05 -1.95
CA TRP A 40 -7.75 1.07 -0.89
C TRP A 40 -8.87 0.04 -0.95
N ALA A 41 -10.08 0.49 -1.20
CA ALA A 41 -11.23 -0.39 -1.31
C ALA A 41 -11.00 -1.46 -2.37
N GLN A 42 -10.44 -1.03 -3.50
CA GLN A 42 -10.15 -1.96 -4.59
C GLN A 42 -9.05 -2.92 -4.18
N TRP A 43 -8.12 -2.43 -3.37
CA TRP A 43 -7.02 -3.25 -2.89
C TRP A 43 -7.52 -4.28 -1.88
N GLN A 44 -8.24 -3.81 -0.87
CA GLN A 44 -8.78 -4.70 0.16
C GLN A 44 -9.47 -5.91 -0.47
N HIS A 45 -10.19 -5.66 -1.56
CA HIS A 45 -10.89 -6.73 -2.27
C HIS A 45 -9.90 -7.72 -2.87
N LYS A 46 -8.81 -7.19 -3.42
CA LYS A 46 -7.78 -8.04 -4.02
C LYS A 46 -6.86 -8.59 -2.93
N GLN A 47 -6.86 -7.95 -1.77
CA GLN A 47 -6.03 -8.38 -0.66
C GLN A 47 -6.54 -9.70 -0.08
N THR A 48 -7.83 -9.72 0.26
CA THR A 48 -8.45 -10.91 0.83
C THR A 48 -8.22 -12.15 -0.03
N MET A 49 -8.36 -12.00 -1.35
CA MET A 49 -8.16 -13.12 -2.27
C MET A 49 -6.69 -13.46 -2.42
N LEU A 50 -5.85 -12.44 -2.39
CA LEU A 50 -4.40 -12.64 -2.51
C LEU A 50 -3.89 -13.52 -1.38
N ILE A 51 -4.55 -13.42 -0.23
CA ILE A 51 -4.17 -14.22 0.94
C ILE A 51 -4.76 -15.63 0.86
N ASN A 52 -6.03 -15.71 0.46
CA ASN A 52 -6.71 -16.99 0.35
C ASN A 52 -6.20 -17.81 -0.84
N GLU A 53 -5.83 -17.12 -1.92
CA GLU A 53 -5.34 -17.78 -3.12
C GLU A 53 -3.87 -18.15 -2.98
N LYS A 54 -3.05 -17.18 -2.60
CA LYS A 54 -1.62 -17.41 -2.42
C LYS A 54 -1.36 -18.20 -1.13
N LYS A 55 -2.41 -18.42 -0.34
CA LYS A 55 -2.28 -19.14 0.91
C LYS A 55 -1.38 -18.39 1.89
N LEU A 56 -1.77 -17.16 2.21
CA LEU A 56 -1.01 -16.33 3.14
C LEU A 56 -1.52 -16.50 4.56
N ASN A 57 -0.92 -15.78 5.50
CA ASN A 57 -1.33 -15.85 6.90
C ASN A 57 -1.00 -14.55 7.63
N MET A 58 -2.03 -13.76 7.90
CA MET A 58 -1.86 -12.47 8.58
C MET A 58 -1.19 -12.64 9.95
N MET A 59 -1.21 -13.86 10.48
CA MET A 59 -0.62 -14.14 11.78
C MET A 59 0.89 -14.27 11.66
N ASN A 60 1.37 -14.65 10.48
CA ASN A 60 2.80 -14.81 10.25
C ASN A 60 3.39 -13.55 9.62
N ALA A 61 4.38 -12.98 10.30
CA ALA A 61 5.02 -11.76 9.82
C ALA A 61 5.65 -11.97 8.44
N GLU A 62 6.02 -13.21 8.13
CA GLU A 62 6.62 -13.53 6.85
C GLU A 62 5.63 -13.37 5.71
N HIS A 63 4.37 -13.71 5.97
CA HIS A 63 3.32 -13.58 4.96
C HIS A 63 2.76 -12.17 4.96
N ARG A 64 2.62 -11.59 6.15
CA ARG A 64 2.10 -10.23 6.29
C ARG A 64 2.91 -9.26 5.44
N LYS A 65 4.24 -9.40 5.52
CA LYS A 65 5.13 -8.54 4.73
C LYS A 65 4.91 -8.79 3.24
N LEU A 66 4.45 -9.99 2.90
CA LEU A 66 4.18 -10.33 1.52
C LEU A 66 3.06 -9.46 0.97
N LEU A 67 1.97 -9.34 1.73
CA LEU A 67 0.84 -8.52 1.32
C LEU A 67 1.35 -7.13 0.98
N GLU A 68 2.25 -6.63 1.80
CA GLU A 68 2.85 -5.32 1.61
C GLU A 68 3.48 -5.21 0.22
N GLN A 69 3.84 -6.36 -0.34
CA GLN A 69 4.46 -6.40 -1.66
C GLN A 69 3.40 -6.29 -2.76
N GLU A 70 2.34 -7.07 -2.63
CA GLU A 70 1.27 -7.07 -3.62
C GLU A 70 0.57 -5.72 -3.69
N MET A 71 0.24 -5.16 -2.52
CA MET A 71 -0.43 -3.86 -2.47
C MET A 71 0.23 -2.85 -3.42
N VAL A 72 1.55 -2.93 -3.54
CA VAL A 72 2.27 -2.03 -4.43
C VAL A 72 1.86 -2.25 -5.88
N ASN A 73 2.10 -3.46 -6.38
CA ASN A 73 1.75 -3.82 -7.75
C ASN A 73 0.30 -3.45 -8.07
N PHE A 74 -0.52 -3.28 -7.04
CA PHE A 74 -1.92 -2.94 -7.23
C PHE A 74 -2.15 -1.43 -7.15
N LEU A 75 -1.64 -0.81 -6.09
CA LEU A 75 -1.82 0.63 -5.88
C LEU A 75 -0.57 1.43 -6.21
N PHE A 76 0.60 0.93 -5.80
CA PHE A 76 1.86 1.62 -6.04
C PHE A 76 2.64 1.03 -7.20
N GLU A 77 1.93 0.45 -8.14
CA GLU A 77 2.57 -0.18 -9.29
C GLU A 77 3.28 0.85 -10.18
N GLY A 78 3.96 1.80 -9.53
CA GLY A 78 4.69 2.82 -10.26
C GLY A 78 6.02 3.14 -9.60
N LYS A 79 6.08 3.02 -8.27
CA LYS A 79 7.30 3.30 -7.53
C LYS A 79 7.58 2.18 -6.53
N GLU A 80 7.71 0.95 -7.04
CA GLU A 80 7.98 -0.20 -6.18
C GLU A 80 9.22 0.03 -5.33
N VAL A 81 10.11 0.89 -5.80
CA VAL A 81 11.33 1.22 -5.09
C VAL A 81 11.09 2.36 -4.11
N HIS A 82 11.10 2.04 -2.81
CA HIS A 82 10.88 3.06 -1.79
C HIS A 82 11.75 2.79 -0.56
N ILE A 83 12.71 3.68 -0.33
CA ILE A 83 13.61 3.57 0.82
C ILE A 83 14.03 4.95 1.32
N GLU A 84 13.68 5.25 2.57
CA GLU A 84 14.03 6.53 3.16
C GLU A 84 15.11 6.37 4.22
N GLY A 85 16.13 7.22 4.15
CA GLY A 85 17.22 7.15 5.11
C GLY A 85 18.17 6.00 4.84
N TYR A 86 18.61 5.90 3.58
CA TYR A 86 19.53 4.83 3.19
C TYR A 86 20.91 5.41 2.84
N THR A 87 21.92 4.97 3.57
CA THR A 87 23.28 5.43 3.35
C THR A 87 24.29 4.29 3.42
N PRO A 88 24.73 3.77 2.26
CA PRO A 88 25.68 2.66 2.21
C PRO A 88 27.10 3.10 2.58
N GLU A 89 27.27 3.62 3.78
CA GLU A 89 28.57 4.09 4.25
C GLU A 89 29.42 2.92 4.74
N ASP A 90 28.88 2.16 5.69
CA ASP A 90 29.58 1.01 6.24
C ASP A 90 28.85 -0.29 5.94
N LYS A 91 27.97 -0.25 4.94
CA LYS A 91 27.22 -1.44 4.56
C LYS A 91 27.10 -1.53 3.04
N LYS A 92 27.86 -2.46 2.45
CA LYS A 92 27.83 -2.65 1.01
C LYS A 92 27.04 -3.91 0.63
N MET A 1 -11.24 28.39 1.38
CA MET A 1 -11.83 28.24 2.74
C MET A 1 -11.07 27.21 3.56
N GLY A 2 -11.25 25.94 3.24
CA GLY A 2 -10.57 24.88 3.96
C GLY A 2 -10.96 23.50 3.48
N SER A 3 -10.28 23.03 2.44
CA SER A 3 -10.55 21.71 1.87
C SER A 3 -9.25 20.93 1.68
N ARG A 4 -9.15 19.78 2.34
CA ARG A 4 -7.95 18.95 2.25
C ARG A 4 -8.22 17.74 1.36
N THR A 5 -7.79 17.83 0.10
CA THR A 5 -7.96 16.74 -0.85
C THR A 5 -6.62 16.34 -1.45
N ILE A 6 -6.21 15.09 -1.18
CA ILE A 6 -4.96 14.58 -1.70
C ILE A 6 -5.08 14.15 -3.16
N PHE A 7 -4.01 13.59 -3.69
CA PHE A 7 -3.98 13.11 -5.07
C PHE A 7 -3.60 11.64 -5.09
N CYS A 8 -4.59 10.77 -5.24
CA CYS A 8 -4.34 9.33 -5.26
C CYS A 8 -3.40 8.97 -6.41
N THR A 9 -2.58 7.95 -6.20
CA THR A 9 -1.63 7.52 -7.22
C THR A 9 -2.17 6.32 -7.99
N PHE A 10 -3.04 5.54 -7.35
CA PHE A 10 -3.63 4.38 -8.00
C PHE A 10 -4.69 4.81 -9.00
N LEU A 11 -5.47 5.83 -8.61
CA LEU A 11 -6.51 6.37 -9.47
C LEU A 11 -6.01 7.60 -10.22
N GLN A 12 -4.88 8.12 -9.80
CA GLN A 12 -4.29 9.30 -10.43
C GLN A 12 -5.29 10.45 -10.46
N ARG A 13 -6.00 10.64 -9.36
CA ARG A 13 -6.98 11.72 -9.24
C ARG A 13 -6.88 12.39 -7.87
N GLU A 14 -7.85 13.23 -7.55
CA GLU A 14 -7.88 13.93 -6.28
C GLU A 14 -8.94 13.36 -5.36
N ALA A 15 -8.52 12.84 -4.21
CA ALA A 15 -9.45 12.26 -3.24
C ALA A 15 -9.26 12.89 -1.86
N GLU A 16 -10.22 12.64 -0.97
CA GLU A 16 -10.16 13.17 0.38
C GLU A 16 -9.11 12.47 1.23
N GLY A 17 -8.58 11.36 0.72
CA GLY A 17 -7.58 10.61 1.46
C GLY A 17 -8.11 10.05 2.77
N GLN A 18 -7.22 9.46 3.55
CA GLN A 18 -7.60 8.87 4.84
C GLN A 18 -7.33 9.86 5.98
N ASP A 19 -7.70 9.46 7.20
CA ASP A 19 -7.51 10.30 8.37
C ASP A 19 -6.54 9.66 9.36
N PHE A 20 -6.40 8.33 9.31
CA PHE A 20 -5.51 7.62 10.21
C PHE A 20 -4.81 6.47 9.49
N GLN A 21 -3.53 6.31 9.76
CA GLN A 21 -2.74 5.25 9.13
C GLN A 21 -3.20 3.86 9.59
N LEU A 22 -3.62 3.05 8.63
CA LEU A 22 -4.08 1.69 8.94
C LEU A 22 -2.95 0.69 8.76
N TYR A 23 -2.14 0.91 7.73
CA TYR A 23 -1.01 0.05 7.42
C TYR A 23 0.22 0.44 8.25
N PRO A 24 1.28 -0.40 8.25
CA PRO A 24 2.52 -0.14 8.99
C PRO A 24 3.00 1.30 8.87
N GLY A 25 4.14 1.58 9.48
CA GLY A 25 4.68 2.92 9.47
C GLY A 25 5.43 3.29 8.21
N GLU A 26 6.38 2.46 7.83
CA GLU A 26 7.17 2.73 6.64
C GLU A 26 6.29 2.79 5.40
N LEU A 27 5.53 1.73 5.18
CA LEU A 27 4.66 1.63 4.02
C LEU A 27 3.30 2.32 4.21
N GLY A 28 2.61 2.01 5.29
CA GLY A 28 1.31 2.61 5.54
C GLY A 28 1.26 4.11 5.27
N LYS A 29 2.40 4.77 5.42
CA LYS A 29 2.46 6.21 5.18
C LYS A 29 2.03 6.55 3.76
N ARG A 30 2.74 6.01 2.77
CA ARG A 30 2.43 6.26 1.37
C ARG A 30 0.99 5.86 1.04
N ILE A 31 0.52 4.75 1.60
CA ILE A 31 -0.85 4.29 1.34
C ILE A 31 -1.85 5.28 1.94
N TYR A 32 -1.74 5.48 3.23
CA TYR A 32 -2.62 6.40 3.94
C TYR A 32 -2.49 7.82 3.40
N ASN A 33 -1.38 8.10 2.71
CA ASN A 33 -1.16 9.45 2.17
C ASN A 33 -1.48 9.56 0.68
N GLU A 34 -0.94 8.63 -0.12
CA GLU A 34 -1.13 8.65 -1.57
C GLU A 34 -2.29 7.77 -2.03
N ILE A 35 -2.64 6.76 -1.25
CA ILE A 35 -3.74 5.87 -1.62
C ILE A 35 -5.01 6.25 -0.86
N SER A 36 -5.99 6.78 -1.58
CA SER A 36 -7.26 7.17 -0.99
C SER A 36 -8.07 5.95 -0.58
N LYS A 37 -9.24 6.19 0.01
CA LYS A 37 -10.11 5.11 0.45
C LYS A 37 -10.62 4.30 -0.75
N GLU A 38 -10.85 4.98 -1.87
CA GLU A 38 -11.33 4.33 -3.07
C GLU A 38 -10.32 3.31 -3.58
N ALA A 39 -9.07 3.74 -3.72
CA ALA A 39 -8.00 2.86 -4.19
C ALA A 39 -7.76 1.73 -3.20
N TRP A 40 -7.93 2.04 -1.92
CA TRP A 40 -7.73 1.06 -0.86
C TRP A 40 -8.81 -0.02 -0.91
N ALA A 41 -10.04 0.40 -1.22
CA ALA A 41 -11.16 -0.53 -1.31
C ALA A 41 -10.94 -1.52 -2.45
N GLN A 42 -10.11 -1.13 -3.41
CA GLN A 42 -9.81 -2.00 -4.54
C GLN A 42 -8.72 -3.00 -4.18
N TRP A 43 -7.89 -2.63 -3.20
CA TRP A 43 -6.82 -3.48 -2.73
C TRP A 43 -7.35 -4.52 -1.75
N GLN A 44 -8.11 -4.05 -0.77
CA GLN A 44 -8.68 -4.94 0.25
C GLN A 44 -9.35 -6.14 -0.42
N HIS A 45 -10.08 -5.88 -1.50
CA HIS A 45 -10.76 -6.95 -2.24
C HIS A 45 -9.74 -7.94 -2.77
N LYS A 46 -8.63 -7.42 -3.30
CA LYS A 46 -7.56 -8.26 -3.83
C LYS A 46 -6.76 -8.88 -2.70
N GLN A 47 -6.83 -8.28 -1.51
CA GLN A 47 -6.12 -8.77 -0.35
C GLN A 47 -6.74 -10.08 0.14
N THR A 48 -8.05 -10.05 0.39
CA THR A 48 -8.76 -11.22 0.89
C THR A 48 -8.55 -12.44 -0.01
N MET A 49 -8.51 -12.22 -1.32
CA MET A 49 -8.32 -13.32 -2.27
C MET A 49 -6.84 -13.72 -2.36
N LEU A 50 -5.96 -12.73 -2.44
CA LEU A 50 -4.53 -12.98 -2.53
C LEU A 50 -4.07 -13.87 -1.38
N ILE A 51 -4.64 -13.65 -0.20
CA ILE A 51 -4.29 -14.42 0.98
C ILE A 51 -4.90 -15.82 0.92
N ASN A 52 -6.12 -15.91 0.43
CA ASN A 52 -6.80 -17.20 0.33
C ASN A 52 -6.27 -18.01 -0.86
N GLU A 53 -5.80 -17.32 -1.89
CA GLU A 53 -5.27 -17.99 -3.07
C GLU A 53 -3.80 -18.32 -2.90
N LYS A 54 -3.00 -17.32 -2.56
CA LYS A 54 -1.57 -17.52 -2.35
C LYS A 54 -1.31 -18.25 -1.04
N LYS A 55 -2.34 -18.40 -0.23
CA LYS A 55 -2.21 -19.08 1.05
C LYS A 55 -1.30 -18.30 1.99
N LEU A 56 -1.73 -17.08 2.34
CA LEU A 56 -0.96 -16.23 3.22
C LEU A 56 -1.41 -16.39 4.67
N ASN A 57 -0.85 -15.57 5.56
CA ASN A 57 -1.20 -15.61 6.97
C ASN A 57 -0.93 -14.26 7.63
N MET A 58 -2.00 -13.51 7.88
CA MET A 58 -1.89 -12.18 8.49
C MET A 58 -1.17 -12.26 9.84
N MET A 59 -1.18 -13.44 10.44
CA MET A 59 -0.53 -13.63 11.74
C MET A 59 0.98 -13.79 11.56
N ASN A 60 1.41 -14.15 10.36
CA ASN A 60 2.83 -14.33 10.06
C ASN A 60 3.40 -13.10 9.39
N ALA A 61 4.46 -12.54 9.97
CA ALA A 61 5.10 -11.36 9.41
C ALA A 61 5.65 -11.62 8.01
N GLU A 62 6.09 -12.86 7.78
CA GLU A 62 6.64 -13.25 6.49
C GLU A 62 5.61 -13.10 5.39
N HIS A 63 4.36 -13.42 5.70
CA HIS A 63 3.27 -13.31 4.74
C HIS A 63 2.71 -11.89 4.72
N ARG A 64 2.62 -11.28 5.88
CA ARG A 64 2.10 -9.92 5.99
C ARG A 64 2.84 -8.99 5.04
N LYS A 65 4.16 -9.11 5.02
CA LYS A 65 4.98 -8.30 4.13
C LYS A 65 4.77 -8.70 2.67
N LEU A 66 4.30 -9.94 2.47
CA LEU A 66 4.03 -10.43 1.13
C LEU A 66 2.84 -9.69 0.53
N LEU A 67 1.85 -9.40 1.36
CA LEU A 67 0.67 -8.68 0.92
C LEU A 67 1.05 -7.25 0.56
N GLU A 68 1.81 -6.61 1.45
CA GLU A 68 2.26 -5.26 1.21
C GLU A 68 3.10 -5.18 -0.06
N GLN A 69 3.66 -6.33 -0.44
CA GLN A 69 4.48 -6.43 -1.64
C GLN A 69 3.60 -6.43 -2.89
N GLU A 70 2.53 -7.23 -2.85
CA GLU A 70 1.62 -7.32 -3.98
C GLU A 70 0.82 -6.02 -4.12
N MET A 71 0.36 -5.49 -2.98
CA MET A 71 -0.41 -4.26 -2.98
C MET A 71 0.26 -3.18 -3.83
N VAL A 72 1.57 -3.00 -3.66
CA VAL A 72 2.29 -2.00 -4.43
C VAL A 72 2.06 -2.21 -5.92
N ASN A 73 2.39 -3.41 -6.38
CA ASN A 73 2.20 -3.76 -7.79
C ASN A 73 0.78 -3.46 -8.24
N PHE A 74 -0.14 -3.35 -7.28
CA PHE A 74 -1.54 -3.07 -7.58
C PHE A 74 -1.84 -1.58 -7.48
N LEU A 75 -1.44 -0.95 -6.37
CA LEU A 75 -1.69 0.47 -6.15
C LEU A 75 -0.43 1.32 -6.38
N PHE A 76 0.69 0.89 -5.82
CA PHE A 76 1.95 1.63 -5.95
C PHE A 76 2.80 1.11 -7.09
N GLU A 77 2.15 0.56 -8.09
CA GLU A 77 2.85 0.00 -9.24
C GLU A 77 3.50 1.11 -10.07
N GLY A 78 4.38 1.88 -9.43
CA GLY A 78 5.05 2.96 -10.10
C GLY A 78 6.19 3.52 -9.26
N LYS A 79 5.97 3.66 -7.96
CA LYS A 79 6.98 4.19 -7.07
C LYS A 79 8.01 3.11 -6.73
N GLU A 80 7.54 1.89 -6.53
CA GLU A 80 8.41 0.77 -6.21
C GLU A 80 9.32 1.11 -5.04
N VAL A 81 8.86 0.83 -3.82
CA VAL A 81 9.61 1.12 -2.62
C VAL A 81 10.57 -0.03 -2.29
N HIS A 82 10.99 -0.77 -3.31
CA HIS A 82 11.91 -1.88 -3.13
C HIS A 82 12.57 -2.24 -4.47
N ILE A 83 13.57 -3.11 -4.41
CA ILE A 83 14.27 -3.53 -5.62
C ILE A 83 14.50 -5.03 -5.64
N GLU A 84 14.33 -5.63 -6.81
CA GLU A 84 14.52 -7.07 -6.97
C GLU A 84 14.90 -7.40 -8.41
N GLY A 85 15.24 -8.66 -8.65
CA GLY A 85 15.64 -9.08 -9.98
C GLY A 85 16.85 -8.34 -10.49
N TYR A 86 17.74 -7.98 -9.58
CA TYR A 86 18.96 -7.25 -9.94
C TYR A 86 20.15 -8.20 -10.04
N THR A 87 20.54 -8.51 -11.27
CA THR A 87 21.67 -9.41 -11.51
C THR A 87 22.39 -9.05 -12.80
N PRO A 88 23.38 -8.16 -12.73
CA PRO A 88 24.15 -7.73 -13.91
C PRO A 88 25.11 -8.81 -14.41
N GLU A 89 25.74 -8.55 -15.55
CA GLU A 89 26.68 -9.49 -16.13
C GLU A 89 28.07 -9.33 -15.51
N ASP A 90 28.37 -8.12 -15.07
CA ASP A 90 29.67 -7.82 -14.45
C ASP A 90 30.78 -7.77 -15.51
N LYS A 91 31.01 -8.90 -16.18
CA LYS A 91 32.03 -8.98 -17.20
C LYS A 91 31.47 -8.59 -18.56
N LYS A 92 32.36 -8.24 -19.49
CA LYS A 92 31.96 -7.84 -20.83
C LYS A 92 32.30 -8.93 -21.84
N MET A 1 -6.70 25.84 5.29
CA MET A 1 -7.39 24.58 5.66
C MET A 1 -8.89 24.67 5.40
N GLY A 2 -9.32 24.14 4.25
CA GLY A 2 -10.72 24.19 3.90
C GLY A 2 -11.19 22.93 3.20
N SER A 3 -10.42 22.46 2.23
CA SER A 3 -10.78 21.27 1.47
C SER A 3 -9.75 20.16 1.63
N ARG A 4 -10.24 18.95 1.89
CA ARG A 4 -9.36 17.80 2.07
C ARG A 4 -9.44 16.87 0.86
N THR A 5 -8.66 17.18 -0.17
CA THR A 5 -8.63 16.38 -1.39
C THR A 5 -7.20 16.11 -1.83
N ILE A 6 -6.69 14.94 -1.47
CA ILE A 6 -5.32 14.57 -1.82
C ILE A 6 -5.23 14.09 -3.27
N PHE A 7 -4.05 13.60 -3.64
CA PHE A 7 -3.82 13.10 -4.98
C PHE A 7 -3.44 11.62 -4.93
N CYS A 8 -4.37 10.75 -5.27
CA CYS A 8 -4.11 9.31 -5.24
C CYS A 8 -3.10 8.93 -6.32
N THR A 9 -2.31 7.90 -6.05
CA THR A 9 -1.29 7.45 -7.00
C THR A 9 -1.79 6.26 -7.81
N PHE A 10 -2.79 5.55 -7.27
CA PHE A 10 -3.37 4.40 -7.95
C PHE A 10 -4.24 4.86 -9.10
N LEU A 11 -5.12 5.82 -8.83
CA LEU A 11 -6.00 6.36 -9.85
C LEU A 11 -5.34 7.53 -10.58
N GLN A 12 -4.27 8.06 -9.98
CA GLN A 12 -3.56 9.19 -10.56
C GLN A 12 -4.47 10.39 -10.69
N ARG A 13 -5.29 10.62 -9.67
CA ARG A 13 -6.22 11.74 -9.66
C ARG A 13 -6.27 12.37 -8.27
N GLU A 14 -7.21 13.29 -8.07
CA GLU A 14 -7.36 13.95 -6.79
C GLU A 14 -8.57 13.41 -6.04
N ALA A 15 -8.31 12.76 -4.90
CA ALA A 15 -9.37 12.19 -4.08
C ALA A 15 -9.12 12.44 -2.60
N GLU A 16 -10.13 12.17 -1.78
CA GLU A 16 -10.01 12.37 -0.34
C GLU A 16 -8.91 11.49 0.24
N GLY A 17 -8.67 11.63 1.53
CA GLY A 17 -7.64 10.85 2.19
C GLY A 17 -8.14 10.19 3.46
N GLN A 18 -7.34 9.27 4.00
CA GLN A 18 -7.70 8.57 5.22
C GLN A 18 -7.25 9.35 6.45
N ASP A 19 -8.01 9.23 7.54
CA ASP A 19 -7.70 9.94 8.78
C ASP A 19 -6.69 9.16 9.63
N PHE A 20 -6.68 7.84 9.48
CA PHE A 20 -5.76 6.99 10.25
C PHE A 20 -5.03 6.01 9.35
N GLN A 21 -3.71 5.92 9.52
CA GLN A 21 -2.90 5.01 8.73
C GLN A 21 -3.36 3.56 8.91
N LEU A 22 -3.78 2.95 7.81
CA LEU A 22 -4.25 1.57 7.82
C LEU A 22 -3.09 0.58 7.98
N TYR A 23 -2.01 0.82 7.24
CA TYR A 23 -0.84 -0.04 7.30
C TYR A 23 0.20 0.54 8.27
N PRO A 24 1.21 -0.26 8.67
CA PRO A 24 2.25 0.17 9.60
C PRO A 24 3.47 0.73 8.89
N GLY A 25 4.53 0.94 9.68
CA GLY A 25 5.79 1.45 9.16
C GLY A 25 5.65 2.51 8.09
N GLU A 26 6.59 2.50 7.15
CA GLU A 26 6.60 3.46 6.05
C GLU A 26 5.55 3.13 5.01
N LEU A 27 5.39 1.84 4.72
CA LEU A 27 4.42 1.40 3.73
C LEU A 27 3.05 2.00 4.00
N GLY A 28 2.55 1.82 5.22
CA GLY A 28 1.25 2.37 5.58
C GLY A 28 1.19 3.88 5.41
N LYS A 29 2.32 4.53 5.60
CA LYS A 29 2.40 5.98 5.47
C LYS A 29 2.08 6.43 4.04
N ARG A 30 2.64 5.72 3.07
CA ARG A 30 2.42 6.06 1.66
C ARG A 30 0.98 5.75 1.24
N ILE A 31 0.42 4.65 1.74
CA ILE A 31 -0.96 4.29 1.41
C ILE A 31 -1.92 5.33 1.94
N TYR A 32 -1.87 5.50 3.26
CA TYR A 32 -2.71 6.47 3.94
C TYR A 32 -2.52 7.88 3.37
N ASN A 33 -1.40 8.09 2.65
CA ASN A 33 -1.11 9.40 2.08
C ASN A 33 -1.45 9.49 0.58
N GLU A 34 -0.89 8.57 -0.21
CA GLU A 34 -1.11 8.60 -1.66
C GLU A 34 -2.24 7.66 -2.09
N ILE A 35 -2.62 6.73 -1.24
CA ILE A 35 -3.70 5.80 -1.57
C ILE A 35 -4.99 6.18 -0.84
N SER A 36 -5.84 6.93 -1.53
CA SER A 36 -7.11 7.36 -0.97
C SER A 36 -7.97 6.18 -0.57
N LYS A 37 -9.20 6.46 -0.15
CA LYS A 37 -10.13 5.42 0.26
C LYS A 37 -10.65 4.67 -0.96
N GLU A 38 -10.82 5.39 -2.05
CA GLU A 38 -11.32 4.81 -3.30
C GLU A 38 -10.43 3.65 -3.75
N ALA A 39 -9.12 3.89 -3.78
CA ALA A 39 -8.18 2.86 -4.20
C ALA A 39 -8.02 1.79 -3.13
N TRP A 40 -8.10 2.20 -1.87
CA TRP A 40 -7.96 1.27 -0.75
C TRP A 40 -9.10 0.25 -0.76
N ALA A 41 -10.30 0.72 -1.06
CA ALA A 41 -11.47 -0.15 -1.11
C ALA A 41 -11.30 -1.22 -2.18
N GLN A 42 -10.54 -0.88 -3.23
CA GLN A 42 -10.29 -1.83 -4.30
C GLN A 42 -9.20 -2.80 -3.90
N TRP A 43 -8.27 -2.33 -3.08
CA TRP A 43 -7.17 -3.16 -2.61
C TRP A 43 -7.68 -4.16 -1.58
N GLN A 44 -8.44 -3.66 -0.59
CA GLN A 44 -9.00 -4.52 0.45
C GLN A 44 -9.67 -5.74 -0.16
N HIS A 45 -10.43 -5.51 -1.23
CA HIS A 45 -11.13 -6.58 -1.92
C HIS A 45 -10.14 -7.55 -2.56
N LYS A 46 -8.99 -7.02 -2.98
CA LYS A 46 -7.95 -7.84 -3.62
C LYS A 46 -7.04 -8.47 -2.56
N GLN A 47 -6.95 -7.83 -1.41
CA GLN A 47 -6.11 -8.34 -0.33
C GLN A 47 -6.69 -9.64 0.21
N THR A 48 -7.96 -9.61 0.55
CA THR A 48 -8.64 -10.78 1.10
C THR A 48 -8.47 -12.02 0.20
N MET A 49 -8.52 -11.81 -1.11
CA MET A 49 -8.38 -12.93 -2.04
C MET A 49 -6.92 -13.33 -2.23
N LEU A 50 -6.02 -12.35 -2.19
CA LEU A 50 -4.60 -12.62 -2.34
C LEU A 50 -4.09 -13.48 -1.19
N ILE A 51 -4.69 -13.31 -0.02
CA ILE A 51 -4.30 -14.09 1.16
C ILE A 51 -4.87 -15.49 1.09
N ASN A 52 -6.09 -15.59 0.59
CA ASN A 52 -6.76 -16.88 0.46
C ASN A 52 -6.25 -17.65 -0.76
N GLU A 53 -5.91 -16.92 -1.82
CA GLU A 53 -5.42 -17.55 -3.04
C GLU A 53 -3.96 -17.95 -2.91
N LYS A 54 -3.11 -16.99 -2.54
CA LYS A 54 -1.70 -17.26 -2.36
C LYS A 54 -1.45 -18.01 -1.05
N LYS A 55 -2.51 -18.16 -0.26
CA LYS A 55 -2.40 -18.86 1.02
C LYS A 55 -1.45 -18.14 1.96
N LEU A 56 -1.79 -16.90 2.29
CA LEU A 56 -0.96 -16.11 3.19
C LEU A 56 -1.35 -16.36 4.65
N ASN A 57 -0.74 -15.61 5.56
CA ASN A 57 -1.02 -15.75 6.98
C ASN A 57 -0.63 -14.49 7.74
N MET A 58 -1.61 -13.67 8.06
CA MET A 58 -1.38 -12.41 8.77
C MET A 58 -0.66 -12.64 10.10
N MET A 59 -0.68 -13.87 10.59
CA MET A 59 -0.02 -14.20 11.85
C MET A 59 1.48 -14.38 11.67
N ASN A 60 1.93 -14.52 10.41
CA ASN A 60 3.34 -14.69 10.13
C ASN A 60 3.89 -13.50 9.34
N ALA A 61 5.00 -12.95 9.82
CA ALA A 61 5.63 -11.81 9.17
C ALA A 61 6.01 -12.13 7.72
N GLU A 62 6.41 -13.38 7.49
CA GLU A 62 6.82 -13.81 6.15
C GLU A 62 5.74 -13.51 5.12
N HIS A 63 4.48 -13.76 5.48
CA HIS A 63 3.37 -13.51 4.59
C HIS A 63 2.89 -12.07 4.69
N ARG A 64 3.00 -11.50 5.89
CA ARG A 64 2.58 -10.13 6.12
C ARG A 64 3.23 -9.18 5.11
N LYS A 65 4.56 -9.27 5.01
CA LYS A 65 5.30 -8.43 4.09
C LYS A 65 4.92 -8.74 2.64
N LEU A 66 4.53 -9.98 2.38
CA LEU A 66 4.14 -10.38 1.04
C LEU A 66 2.95 -9.54 0.57
N LEU A 67 2.05 -9.27 1.50
CA LEU A 67 0.87 -8.45 1.20
C LEU A 67 1.30 -7.04 0.81
N GLU A 68 2.19 -6.46 1.62
CA GLU A 68 2.69 -5.12 1.36
C GLU A 68 3.27 -5.04 -0.05
N GLN A 69 3.71 -6.18 -0.56
CA GLN A 69 4.29 -6.25 -1.90
C GLN A 69 3.19 -6.18 -2.96
N GLU A 70 2.15 -6.99 -2.77
CA GLU A 70 1.03 -7.03 -3.71
C GLU A 70 0.33 -5.68 -3.78
N MET A 71 0.01 -5.11 -2.62
CA MET A 71 -0.66 -3.82 -2.56
C MET A 71 0.06 -2.78 -3.42
N VAL A 72 1.39 -2.87 -3.46
CA VAL A 72 2.19 -1.95 -4.27
C VAL A 72 1.92 -2.16 -5.74
N ASN A 73 2.18 -3.38 -6.22
CA ASN A 73 1.96 -3.73 -7.62
C ASN A 73 0.53 -3.36 -8.04
N PHE A 74 -0.36 -3.19 -7.07
CA PHE A 74 -1.74 -2.84 -7.35
C PHE A 74 -1.98 -1.33 -7.28
N LEU A 75 -1.54 -0.72 -6.17
CA LEU A 75 -1.73 0.71 -5.97
C LEU A 75 -0.45 1.51 -6.22
N PHE A 76 0.66 1.01 -5.68
CA PHE A 76 1.95 1.69 -5.82
C PHE A 76 2.78 1.13 -6.96
N GLU A 77 2.11 0.62 -7.96
CA GLU A 77 2.78 0.04 -9.11
C GLU A 77 3.50 1.11 -9.92
N GLY A 78 4.43 1.79 -9.25
CA GLY A 78 5.20 2.85 -9.88
C GLY A 78 6.39 3.26 -9.04
N LYS A 79 6.19 3.32 -7.73
CA LYS A 79 7.25 3.69 -6.80
C LYS A 79 7.54 2.53 -5.85
N GLU A 80 7.65 1.34 -6.42
CA GLU A 80 7.92 0.13 -5.64
C GLU A 80 9.26 0.23 -4.91
N VAL A 81 9.25 0.87 -3.75
CA VAL A 81 10.45 1.02 -2.95
C VAL A 81 10.56 -0.08 -1.92
N HIS A 82 11.50 -1.01 -2.13
CA HIS A 82 11.70 -2.12 -1.21
C HIS A 82 12.78 -1.80 -0.18
N ILE A 83 12.47 -0.85 0.69
CA ILE A 83 13.40 -0.43 1.74
C ILE A 83 12.63 -0.12 3.03
N GLU A 84 13.25 -0.41 4.17
CA GLU A 84 12.63 -0.17 5.46
C GLU A 84 13.60 0.53 6.41
N GLY A 85 13.24 1.73 6.83
CA GLY A 85 14.10 2.49 7.74
C GLY A 85 15.50 2.68 7.18
N TYR A 86 15.68 3.72 6.38
CA TYR A 86 16.97 4.01 5.78
C TYR A 86 17.62 5.22 6.43
N THR A 87 18.84 5.03 6.94
CA THR A 87 19.58 6.11 7.59
C THR A 87 20.83 6.45 6.78
N PRO A 88 20.68 7.29 5.74
CA PRO A 88 21.80 7.69 4.88
C PRO A 88 22.58 8.87 5.45
N GLU A 89 23.68 9.22 4.79
CA GLU A 89 24.52 10.34 5.23
C GLU A 89 23.80 11.66 5.01
N ASP A 90 23.24 11.84 3.80
CA ASP A 90 22.53 13.06 3.46
C ASP A 90 21.03 12.78 3.29
N LYS A 91 20.21 13.77 3.61
CA LYS A 91 18.76 13.63 3.52
C LYS A 91 18.27 14.11 2.15
N LYS A 92 17.62 13.21 1.41
CA LYS A 92 17.10 13.55 0.09
C LYS A 92 15.61 13.88 0.16
N MET A 1 -13.22 22.67 10.48
CA MET A 1 -12.66 23.69 9.53
C MET A 1 -13.22 23.50 8.13
N GLY A 2 -12.98 22.32 7.56
CA GLY A 2 -13.47 22.03 6.22
C GLY A 2 -13.25 20.58 5.83
N SER A 3 -12.65 20.37 4.67
CA SER A 3 -12.38 19.02 4.18
C SER A 3 -11.14 18.99 3.30
N ARG A 4 -10.17 18.17 3.67
CA ARG A 4 -8.94 18.05 2.91
C ARG A 4 -9.11 17.07 1.75
N THR A 5 -8.45 17.37 0.63
CA THR A 5 -8.53 16.50 -0.54
C THR A 5 -7.15 16.23 -1.12
N ILE A 6 -6.67 15.00 -0.93
CA ILE A 6 -5.36 14.60 -1.41
C ILE A 6 -5.41 14.22 -2.89
N PHE A 7 -4.28 13.75 -3.41
CA PHE A 7 -4.20 13.32 -4.80
C PHE A 7 -3.79 11.86 -4.88
N CYS A 8 -4.76 10.99 -5.10
CA CYS A 8 -4.49 9.55 -5.18
C CYS A 8 -3.50 9.26 -6.31
N THR A 9 -2.63 8.27 -6.10
CA THR A 9 -1.65 7.90 -7.11
C THR A 9 -2.13 6.72 -7.94
N PHE A 10 -3.02 5.91 -7.36
CA PHE A 10 -3.56 4.75 -8.07
C PHE A 10 -4.57 5.20 -9.13
N LEU A 11 -5.41 6.15 -8.75
CA LEU A 11 -6.41 6.69 -9.65
C LEU A 11 -5.87 7.91 -10.39
N GLN A 12 -4.75 8.43 -9.91
CA GLN A 12 -4.14 9.60 -10.54
C GLN A 12 -5.14 10.76 -10.55
N ARG A 13 -5.84 10.93 -9.44
CA ARG A 13 -6.82 12.00 -9.30
C ARG A 13 -6.79 12.59 -7.90
N GLU A 14 -7.81 13.37 -7.57
CA GLU A 14 -7.88 14.01 -6.25
C GLU A 14 -9.02 13.40 -5.42
N ALA A 15 -8.67 12.79 -4.30
CA ALA A 15 -9.66 12.17 -3.42
C ALA A 15 -9.59 12.76 -2.02
N GLU A 16 -10.44 12.23 -1.13
CA GLU A 16 -10.47 12.71 0.25
C GLU A 16 -9.37 12.08 1.09
N GLY A 17 -8.72 11.05 0.55
CA GLY A 17 -7.65 10.38 1.27
C GLY A 17 -8.11 9.81 2.60
N GLN A 18 -7.23 9.08 3.27
CA GLN A 18 -7.54 8.48 4.55
C GLN A 18 -7.35 9.48 5.68
N ASP A 19 -7.70 9.07 6.90
CA ASP A 19 -7.56 9.93 8.07
C ASP A 19 -6.53 9.37 9.05
N PHE A 20 -6.34 8.06 9.03
CA PHE A 20 -5.40 7.41 9.92
C PHE A 20 -4.67 6.27 9.23
N GLN A 21 -3.39 6.11 9.53
CA GLN A 21 -2.57 5.06 8.93
C GLN A 21 -3.06 3.68 9.38
N LEU A 22 -3.42 2.85 8.39
CA LEU A 22 -3.91 1.50 8.67
C LEU A 22 -2.80 0.47 8.48
N TYR A 23 -1.96 0.71 7.49
CA TYR A 23 -0.84 -0.19 7.18
C TYR A 23 0.38 0.18 8.02
N PRO A 24 1.41 -0.70 8.03
CA PRO A 24 2.65 -0.48 8.78
C PRO A 24 3.18 0.94 8.66
N GLY A 25 4.37 1.16 9.22
CA GLY A 25 4.98 2.47 9.22
C GLY A 25 5.41 2.98 7.86
N GLU A 26 6.50 2.44 7.35
CA GLU A 26 7.06 2.88 6.07
C GLU A 26 6.02 2.84 4.94
N LEU A 27 5.43 1.67 4.74
CA LEU A 27 4.45 1.48 3.67
C LEU A 27 3.11 2.14 3.98
N GLY A 28 2.51 1.79 5.11
CA GLY A 28 1.23 2.37 5.46
C GLY A 28 1.18 3.88 5.35
N LYS A 29 2.34 4.52 5.38
CA LYS A 29 2.40 5.97 5.28
C LYS A 29 2.02 6.44 3.88
N ARG A 30 2.75 5.95 2.87
CA ARG A 30 2.49 6.33 1.49
C ARG A 30 1.06 6.00 1.06
N ILE A 31 0.54 4.87 1.53
CA ILE A 31 -0.84 4.49 1.20
C ILE A 31 -1.81 5.51 1.76
N TYR A 32 -1.69 5.72 3.07
CA TYR A 32 -2.52 6.66 3.78
C TYR A 32 -2.37 8.07 3.20
N ASN A 33 -1.27 8.30 2.48
CA ASN A 33 -1.01 9.62 1.89
C ASN A 33 -1.35 9.69 0.39
N GLU A 34 -0.80 8.76 -0.39
CA GLU A 34 -1.02 8.76 -1.84
C GLU A 34 -2.17 7.84 -2.27
N ILE A 35 -2.46 6.83 -1.46
CA ILE A 35 -3.54 5.90 -1.78
C ILE A 35 -4.82 6.26 -1.03
N SER A 36 -5.71 6.96 -1.72
CA SER A 36 -6.98 7.38 -1.13
C SER A 36 -7.83 6.17 -0.74
N LYS A 37 -9.01 6.43 -0.19
CA LYS A 37 -9.92 5.37 0.23
C LYS A 37 -10.48 4.61 -0.98
N GLU A 38 -10.72 5.34 -2.07
CA GLU A 38 -11.25 4.73 -3.28
C GLU A 38 -10.30 3.65 -3.80
N ALA A 39 -9.03 4.01 -3.94
CA ALA A 39 -8.01 3.08 -4.41
C ALA A 39 -7.80 1.97 -3.39
N TRP A 40 -7.90 2.32 -2.11
CA TRP A 40 -7.72 1.37 -1.03
C TRP A 40 -8.78 0.27 -1.08
N ALA A 41 -10.03 0.68 -1.26
CA ALA A 41 -11.14 -0.26 -1.34
C ALA A 41 -10.93 -1.27 -2.46
N GLN A 42 -10.09 -0.91 -3.43
CA GLN A 42 -9.80 -1.80 -4.55
C GLN A 42 -8.73 -2.82 -4.15
N TRP A 43 -7.80 -2.38 -3.31
CA TRP A 43 -6.73 -3.25 -2.84
C TRP A 43 -7.29 -4.26 -1.84
N GLN A 44 -7.99 -3.75 -0.83
CA GLN A 44 -8.58 -4.60 0.21
C GLN A 44 -9.30 -5.80 -0.41
N HIS A 45 -10.04 -5.54 -1.48
CA HIS A 45 -10.78 -6.59 -2.18
C HIS A 45 -9.81 -7.64 -2.74
N LYS A 46 -8.72 -7.17 -3.31
CA LYS A 46 -7.70 -8.05 -3.88
C LYS A 46 -6.83 -8.66 -2.79
N GLN A 47 -6.75 -7.97 -1.65
CA GLN A 47 -5.95 -8.44 -0.53
C GLN A 47 -6.53 -9.72 0.05
N THR A 48 -7.83 -9.70 0.35
CA THR A 48 -8.50 -10.86 0.94
C THR A 48 -8.31 -12.10 0.07
N MET A 49 -8.40 -11.94 -1.24
CA MET A 49 -8.23 -13.07 -2.16
C MET A 49 -6.76 -13.40 -2.34
N LEU A 50 -5.90 -12.39 -2.21
CA LEU A 50 -4.46 -12.59 -2.34
C LEU A 50 -3.95 -13.47 -1.20
N ILE A 51 -4.62 -13.39 -0.06
CA ILE A 51 -4.24 -14.18 1.10
C ILE A 51 -4.83 -15.58 1.02
N ASN A 52 -6.05 -15.67 0.50
CA ASN A 52 -6.73 -16.95 0.36
C ASN A 52 -6.13 -17.78 -0.76
N GLU A 53 -5.95 -17.16 -1.93
CA GLU A 53 -5.40 -17.85 -3.09
C GLU A 53 -3.92 -18.20 -2.87
N LYS A 54 -3.12 -17.20 -2.52
CA LYS A 54 -1.70 -17.42 -2.28
C LYS A 54 -1.47 -18.15 -0.97
N LYS A 55 -2.51 -18.22 -0.14
CA LYS A 55 -2.42 -18.89 1.15
C LYS A 55 -1.48 -18.16 2.10
N LEU A 56 -1.82 -16.93 2.45
CA LEU A 56 -0.99 -16.13 3.35
C LEU A 56 -1.48 -16.29 4.79
N ASN A 57 -0.81 -15.63 5.73
CA ASN A 57 -1.16 -15.71 7.14
C ASN A 57 -0.94 -14.36 7.83
N MET A 58 -2.04 -13.69 8.18
CA MET A 58 -1.95 -12.38 8.83
C MET A 58 -1.26 -12.47 10.19
N MET A 59 -1.25 -13.67 10.77
CA MET A 59 -0.62 -13.87 12.08
C MET A 59 0.90 -13.99 11.93
N ASN A 60 1.34 -14.49 10.79
CA ASN A 60 2.76 -14.66 10.52
C ASN A 60 3.32 -13.45 9.79
N ALA A 61 4.38 -12.86 10.34
CA ALA A 61 5.01 -11.69 9.75
C ALA A 61 5.61 -12.01 8.39
N GLU A 62 6.01 -13.26 8.21
CA GLU A 62 6.61 -13.70 6.95
C GLU A 62 5.67 -13.47 5.77
N HIS A 63 4.39 -13.75 5.99
CA HIS A 63 3.38 -13.56 4.94
C HIS A 63 2.87 -12.13 4.92
N ARG A 64 2.70 -11.56 6.12
CA ARG A 64 2.22 -10.19 6.25
C ARG A 64 3.05 -9.24 5.39
N LYS A 65 4.38 -9.40 5.46
CA LYS A 65 5.28 -8.57 4.67
C LYS A 65 5.11 -8.86 3.18
N LEU A 66 4.69 -10.08 2.88
CA LEU A 66 4.46 -10.48 1.49
C LEU A 66 3.34 -9.67 0.88
N LEU A 67 2.24 -9.52 1.63
CA LEU A 67 1.09 -8.76 1.16
C LEU A 67 1.50 -7.34 0.77
N GLU A 68 2.29 -6.71 1.64
CA GLU A 68 2.76 -5.36 1.38
C GLU A 68 3.40 -5.27 0.00
N GLN A 69 3.90 -6.40 -0.49
CA GLN A 69 4.53 -6.47 -1.80
C GLN A 69 3.49 -6.43 -2.92
N GLU A 70 2.50 -7.31 -2.82
CA GLU A 70 1.45 -7.39 -3.83
C GLU A 70 0.74 -6.05 -3.99
N MET A 71 0.29 -5.49 -2.87
CA MET A 71 -0.42 -4.21 -2.87
C MET A 71 0.25 -3.19 -3.78
N VAL A 72 1.57 -3.12 -3.75
CA VAL A 72 2.31 -2.18 -4.59
C VAL A 72 1.93 -2.37 -6.05
N ASN A 73 2.12 -3.59 -6.55
CA ASN A 73 1.80 -3.91 -7.94
C ASN A 73 0.37 -3.49 -8.29
N PHE A 74 -0.46 -3.32 -7.27
CA PHE A 74 -1.85 -2.94 -7.48
C PHE A 74 -2.05 -1.42 -7.35
N LEU A 75 -1.56 -0.85 -6.24
CA LEU A 75 -1.71 0.58 -6.00
C LEU A 75 -0.43 1.37 -6.31
N PHE A 76 0.71 0.85 -5.85
CA PHE A 76 1.99 1.52 -6.05
C PHE A 76 2.75 0.96 -7.24
N GLU A 77 2.01 0.46 -8.20
CA GLU A 77 2.59 -0.13 -9.40
C GLU A 77 3.26 0.94 -10.25
N GLY A 78 4.26 1.60 -9.66
CA GLY A 78 4.97 2.65 -10.36
C GLY A 78 6.25 3.04 -9.64
N LYS A 79 6.19 3.05 -8.32
CA LYS A 79 7.35 3.41 -7.51
C LYS A 79 8.16 2.17 -7.16
N GLU A 80 7.46 1.10 -6.75
CA GLU A 80 8.11 -0.15 -6.38
C GLU A 80 9.16 0.08 -5.30
N VAL A 81 8.81 -0.26 -4.06
CA VAL A 81 9.72 -0.09 -2.94
C VAL A 81 10.69 -1.26 -2.81
N HIS A 82 10.74 -2.11 -3.83
CA HIS A 82 11.64 -3.26 -3.83
C HIS A 82 12.26 -3.48 -5.20
N ILE A 83 13.38 -4.19 -5.23
CA ILE A 83 14.07 -4.47 -6.48
C ILE A 83 13.96 -5.95 -6.85
N GLU A 84 13.54 -6.21 -8.09
CA GLU A 84 13.38 -7.57 -8.56
C GLU A 84 14.52 -7.94 -9.51
N GLY A 85 15.75 -7.87 -9.02
CA GLY A 85 16.90 -8.20 -9.83
C GLY A 85 18.18 -7.57 -9.30
N TYR A 86 18.46 -7.81 -8.02
CA TYR A 86 19.65 -7.26 -7.39
C TYR A 86 20.81 -8.26 -7.43
N THR A 87 22.03 -7.74 -7.34
CA THR A 87 23.22 -8.59 -7.37
C THR A 87 24.07 -8.37 -6.13
N PRO A 88 23.77 -9.09 -5.04
CA PRO A 88 24.51 -8.96 -3.78
C PRO A 88 25.97 -9.40 -3.92
N GLU A 89 26.71 -9.37 -2.81
CA GLU A 89 28.10 -9.76 -2.82
C GLU A 89 28.26 -11.26 -2.64
N ASP A 90 27.63 -11.80 -1.59
CA ASP A 90 27.70 -13.23 -1.31
C ASP A 90 29.13 -13.67 -1.07
N LYS A 91 29.95 -12.75 -0.55
CA LYS A 91 31.35 -13.03 -0.27
C LYS A 91 31.96 -11.94 0.61
N LYS A 92 32.33 -12.30 1.83
CA LYS A 92 32.92 -11.34 2.76
C LYS A 92 34.41 -11.59 2.94
N MET A 1 -12.34 22.29 12.55
CA MET A 1 -12.67 22.33 11.09
C MET A 1 -11.41 22.48 10.25
N GLY A 2 -11.33 21.70 9.17
CA GLY A 2 -10.17 21.77 8.30
C GLY A 2 -9.93 20.47 7.57
N SER A 3 -10.69 20.23 6.51
CA SER A 3 -10.55 19.01 5.72
C SER A 3 -9.93 19.32 4.35
N ARG A 4 -8.97 18.49 3.94
CA ARG A 4 -8.30 18.69 2.66
C ARG A 4 -8.52 17.49 1.73
N THR A 5 -8.14 17.66 0.47
CA THR A 5 -8.28 16.61 -0.53
C THR A 5 -6.93 16.28 -1.14
N ILE A 6 -6.48 15.04 -0.93
CA ILE A 6 -5.19 14.60 -1.46
C ILE A 6 -5.28 14.22 -2.94
N PHE A 7 -4.16 13.79 -3.48
CA PHE A 7 -4.10 13.37 -4.88
C PHE A 7 -3.72 11.89 -4.96
N CYS A 8 -4.72 11.02 -5.06
CA CYS A 8 -4.48 9.59 -5.13
C CYS A 8 -3.59 9.25 -6.32
N THR A 9 -2.76 8.22 -6.16
CA THR A 9 -1.87 7.80 -7.23
C THR A 9 -2.45 6.62 -8.01
N PHE A 10 -3.34 5.88 -7.36
CA PHE A 10 -3.98 4.74 -8.00
C PHE A 10 -5.03 5.21 -9.01
N LEU A 11 -5.84 6.17 -8.58
CA LEU A 11 -6.87 6.73 -9.45
C LEU A 11 -6.32 7.90 -10.25
N GLN A 12 -5.18 8.43 -9.81
CA GLN A 12 -4.55 9.56 -10.48
C GLN A 12 -5.50 10.76 -10.48
N ARG A 13 -6.16 10.96 -9.34
CA ARG A 13 -7.09 12.08 -9.20
C ARG A 13 -7.00 12.65 -7.78
N GLU A 14 -7.88 13.61 -7.48
CA GLU A 14 -7.91 14.23 -6.18
C GLU A 14 -9.00 13.63 -5.31
N ALA A 15 -8.59 12.92 -4.25
CA ALA A 15 -9.54 12.29 -3.35
C ALA A 15 -9.45 12.89 -1.94
N GLU A 16 -10.51 12.74 -1.17
CA GLU A 16 -10.54 13.26 0.19
C GLU A 16 -9.41 12.67 1.04
N GLY A 17 -8.88 11.54 0.60
CA GLY A 17 -7.81 10.90 1.33
C GLY A 17 -8.30 10.21 2.59
N GLN A 18 -7.35 9.81 3.44
CA GLN A 18 -7.69 9.15 4.69
C GLN A 18 -7.39 10.04 5.89
N ASP A 19 -7.66 9.54 7.08
CA ASP A 19 -7.41 10.30 8.31
C ASP A 19 -6.48 9.56 9.25
N PHE A 20 -6.46 8.24 9.15
CA PHE A 20 -5.61 7.42 10.01
C PHE A 20 -4.86 6.36 9.20
N GLN A 21 -3.57 6.21 9.49
CA GLN A 21 -2.75 5.24 8.80
C GLN A 21 -3.28 3.82 9.04
N LEU A 22 -3.47 3.08 7.95
CA LEU A 22 -3.98 1.72 8.05
C LEU A 22 -2.85 0.70 8.08
N TYR A 23 -1.82 0.93 7.27
CA TYR A 23 -0.67 0.03 7.22
C TYR A 23 0.43 0.55 8.14
N PRO A 24 1.46 -0.27 8.42
CA PRO A 24 2.56 0.11 9.31
C PRO A 24 3.76 0.68 8.55
N GLY A 25 4.82 0.98 9.29
CA GLY A 25 6.03 1.49 8.70
C GLY A 25 5.82 2.60 7.70
N GLU A 26 6.62 2.59 6.63
CA GLU A 26 6.55 3.59 5.59
C GLU A 26 5.43 3.29 4.60
N LEU A 27 5.26 2.01 4.28
CA LEU A 27 4.21 1.60 3.35
C LEU A 27 2.87 2.20 3.73
N GLY A 28 2.47 1.99 4.97
CA GLY A 28 1.22 2.54 5.44
C GLY A 28 1.19 4.04 5.28
N LYS A 29 2.36 4.66 5.39
CA LYS A 29 2.47 6.11 5.23
C LYS A 29 2.17 6.51 3.79
N ARG A 30 2.84 5.84 2.85
CA ARG A 30 2.64 6.12 1.43
C ARG A 30 1.21 5.80 1.00
N ILE A 31 0.68 4.67 1.48
CA ILE A 31 -0.69 4.27 1.13
C ILE A 31 -1.65 5.31 1.66
N TYR A 32 -1.57 5.54 2.97
CA TYR A 32 -2.40 6.53 3.62
C TYR A 32 -2.15 7.91 2.99
N ASN A 33 -1.03 8.03 2.28
CA ASN A 33 -0.67 9.30 1.64
C ASN A 33 -1.18 9.40 0.20
N GLU A 34 -0.66 8.53 -0.67
CA GLU A 34 -1.03 8.54 -2.09
C GLU A 34 -2.16 7.58 -2.42
N ILE A 35 -2.50 6.69 -1.50
CA ILE A 35 -3.57 5.72 -1.73
C ILE A 35 -4.80 6.05 -0.90
N SER A 36 -5.72 6.82 -1.49
CA SER A 36 -6.94 7.21 -0.81
C SER A 36 -7.76 5.98 -0.42
N LYS A 37 -8.93 6.21 0.17
CA LYS A 37 -9.80 5.12 0.58
C LYS A 37 -10.38 4.39 -0.63
N GLU A 38 -10.61 5.12 -1.71
CA GLU A 38 -11.17 4.54 -2.93
C GLU A 38 -10.25 3.45 -3.49
N ALA A 39 -8.95 3.76 -3.55
CA ALA A 39 -7.97 2.82 -4.06
C ALA A 39 -7.72 1.70 -3.06
N TRP A 40 -7.71 2.05 -1.77
CA TRP A 40 -7.48 1.07 -0.71
C TRP A 40 -8.57 0.02 -0.71
N ALA A 41 -9.79 0.42 -1.08
CA ALA A 41 -10.93 -0.49 -1.12
C ALA A 41 -10.76 -1.52 -2.22
N GLN A 42 -10.03 -1.14 -3.28
CA GLN A 42 -9.79 -2.04 -4.40
C GLN A 42 -8.72 -3.07 -4.03
N TRP A 43 -7.77 -2.63 -3.21
CA TRP A 43 -6.68 -3.50 -2.77
C TRP A 43 -7.22 -4.53 -1.78
N GLN A 44 -7.96 -4.07 -0.77
CA GLN A 44 -8.53 -4.95 0.23
C GLN A 44 -9.33 -6.06 -0.43
N HIS A 45 -10.03 -5.71 -1.51
CA HIS A 45 -10.83 -6.67 -2.25
C HIS A 45 -9.92 -7.73 -2.89
N LYS A 46 -8.71 -7.31 -3.25
CA LYS A 46 -7.74 -8.20 -3.85
C LYS A 46 -6.91 -8.92 -2.79
N GLN A 47 -6.80 -8.30 -1.61
CA GLN A 47 -6.04 -8.88 -0.52
C GLN A 47 -6.64 -10.23 -0.11
N THR A 48 -7.95 -10.23 0.13
CA THR A 48 -8.66 -11.43 0.54
C THR A 48 -8.34 -12.61 -0.38
N MET A 49 -8.32 -12.36 -1.68
CA MET A 49 -8.03 -13.41 -2.66
C MET A 49 -6.53 -13.68 -2.72
N LEU A 50 -5.73 -12.63 -2.56
CA LEU A 50 -4.29 -12.77 -2.60
C LEU A 50 -3.80 -13.63 -1.43
N ILE A 51 -4.52 -13.56 -0.32
CA ILE A 51 -4.17 -14.33 0.87
C ILE A 51 -4.71 -15.76 0.78
N ASN A 52 -5.97 -15.89 0.38
CA ASN A 52 -6.61 -17.19 0.27
C ASN A 52 -6.05 -17.97 -0.92
N GLU A 53 -5.58 -17.25 -1.94
CA GLU A 53 -5.02 -17.89 -3.13
C GLU A 53 -3.55 -18.22 -2.96
N LYS A 54 -2.75 -17.23 -2.59
CA LYS A 54 -1.31 -17.43 -2.40
C LYS A 54 -1.02 -18.17 -1.10
N LYS A 55 -2.06 -18.41 -0.31
CA LYS A 55 -1.91 -19.09 0.97
C LYS A 55 -1.10 -18.26 1.96
N LEU A 56 -1.61 -17.08 2.27
CA LEU A 56 -0.95 -16.19 3.22
C LEU A 56 -1.56 -16.34 4.61
N ASN A 57 -0.94 -15.73 5.60
CA ASN A 57 -1.42 -15.81 6.97
C ASN A 57 -1.16 -14.50 7.72
N MET A 58 -2.22 -13.72 7.92
CA MET A 58 -2.10 -12.44 8.62
C MET A 58 -1.47 -12.60 10.01
N MET A 59 -1.48 -13.83 10.52
CA MET A 59 -0.89 -14.10 11.82
C MET A 59 0.63 -14.22 11.72
N ASN A 60 1.11 -14.64 10.56
CA ASN A 60 2.53 -14.78 10.33
C ASN A 60 3.11 -13.50 9.75
N ALA A 61 3.84 -12.75 10.58
CA ALA A 61 4.44 -11.49 10.15
C ALA A 61 5.14 -11.64 8.80
N GLU A 62 5.65 -12.83 8.52
CA GLU A 62 6.34 -13.09 7.26
C GLU A 62 5.40 -12.95 6.07
N HIS A 63 4.14 -13.32 6.28
CA HIS A 63 3.14 -13.22 5.21
C HIS A 63 2.54 -11.83 5.15
N ARG A 64 2.30 -11.24 6.33
CA ARG A 64 1.73 -9.90 6.40
C ARG A 64 2.54 -8.93 5.55
N LYS A 65 3.85 -9.10 5.57
CA LYS A 65 4.73 -8.25 4.78
C LYS A 65 4.65 -8.63 3.31
N LEU A 66 4.33 -9.90 3.03
CA LEU A 66 4.20 -10.36 1.67
C LEU A 66 3.10 -9.58 0.97
N LEU A 67 1.98 -9.40 1.67
CA LEU A 67 0.85 -8.65 1.14
C LEU A 67 1.32 -7.23 0.83
N GLU A 68 2.23 -6.75 1.66
CA GLU A 68 2.78 -5.41 1.50
C GLU A 68 3.50 -5.30 0.15
N GLN A 69 3.90 -6.46 -0.38
CA GLN A 69 4.60 -6.53 -1.66
C GLN A 69 3.61 -6.48 -2.82
N GLU A 70 2.59 -7.33 -2.75
CA GLU A 70 1.58 -7.38 -3.79
C GLU A 70 0.79 -6.08 -3.87
N MET A 71 0.61 -5.43 -2.72
CA MET A 71 -0.13 -4.16 -2.67
C MET A 71 0.48 -3.12 -3.59
N VAL A 72 1.81 -3.14 -3.74
CA VAL A 72 2.49 -2.20 -4.61
C VAL A 72 2.04 -2.38 -6.05
N ASN A 73 2.24 -3.57 -6.59
CA ASN A 73 1.86 -3.88 -7.97
C ASN A 73 0.41 -3.47 -8.23
N PHE A 74 -0.38 -3.32 -7.16
CA PHE A 74 -1.78 -2.94 -7.29
C PHE A 74 -1.98 -1.44 -7.14
N LEU A 75 -1.41 -0.86 -6.09
CA LEU A 75 -1.56 0.57 -5.81
C LEU A 75 -0.31 1.37 -6.17
N PHE A 76 0.86 0.86 -5.77
CA PHE A 76 2.13 1.54 -6.03
C PHE A 76 2.83 1.00 -7.26
N GLU A 77 2.05 0.49 -8.19
CA GLU A 77 2.58 -0.07 -9.43
C GLU A 77 3.24 1.00 -10.29
N GLY A 78 4.24 1.67 -9.72
CA GLY A 78 4.94 2.70 -10.46
C GLY A 78 6.11 3.27 -9.68
N LYS A 79 5.91 3.50 -8.38
CA LYS A 79 6.97 4.03 -7.53
C LYS A 79 8.07 3.01 -7.32
N GLU A 80 7.68 1.73 -7.24
CA GLU A 80 8.64 0.65 -7.03
C GLU A 80 9.48 0.89 -5.79
N VAL A 81 8.92 0.55 -4.63
CA VAL A 81 9.62 0.73 -3.37
C VAL A 81 10.75 -0.28 -3.24
N HIS A 82 11.93 0.20 -2.88
CA HIS A 82 13.09 -0.67 -2.73
C HIS A 82 13.25 -1.13 -1.28
N ILE A 83 13.34 -2.44 -1.09
CA ILE A 83 13.50 -3.01 0.24
C ILE A 83 14.95 -3.37 0.50
N GLU A 84 15.61 -2.57 1.33
CA GLU A 84 17.01 -2.81 1.66
C GLU A 84 17.16 -3.96 2.63
N GLY A 85 18.39 -4.40 2.84
CA GLY A 85 18.64 -5.50 3.75
C GLY A 85 18.06 -6.82 3.25
N TYR A 86 17.81 -6.89 1.95
CA TYR A 86 17.26 -8.10 1.34
C TYR A 86 18.37 -8.97 0.77
N THR A 87 18.58 -10.13 1.40
CA THR A 87 19.61 -11.05 0.95
C THR A 87 19.02 -12.42 0.62
N PRO A 88 18.96 -12.79 -0.67
CA PRO A 88 18.41 -14.08 -1.10
C PRO A 88 19.36 -15.24 -0.79
N GLU A 89 18.82 -16.27 -0.13
CA GLU A 89 19.61 -17.45 0.22
C GLU A 89 19.73 -18.39 -0.97
N ASP A 90 18.63 -18.58 -1.67
CA ASP A 90 18.59 -19.45 -2.84
C ASP A 90 18.03 -18.72 -4.04
N LYS A 91 18.81 -18.66 -5.12
CA LYS A 91 18.39 -17.98 -6.34
C LYS A 91 19.26 -18.37 -7.52
N LYS A 92 20.57 -18.41 -7.31
CA LYS A 92 21.51 -18.77 -8.35
C LYS A 92 21.99 -20.22 -8.19
N MET A 1 -17.32 21.15 2.26
CA MET A 1 -17.02 20.06 3.23
C MET A 1 -15.66 20.26 3.88
N GLY A 2 -15.65 20.39 5.20
CA GLY A 2 -14.40 20.58 5.91
C GLY A 2 -13.53 19.34 5.91
N SER A 3 -12.91 19.05 4.76
CA SER A 3 -12.05 17.88 4.64
C SER A 3 -11.09 18.02 3.47
N ARG A 4 -9.79 17.96 3.77
CA ARG A 4 -8.76 18.08 2.76
C ARG A 4 -8.88 16.96 1.73
N THR A 5 -8.48 17.25 0.48
CA THR A 5 -8.55 16.27 -0.59
C THR A 5 -7.16 16.00 -1.15
N ILE A 6 -6.67 14.77 -0.96
CA ILE A 6 -5.35 14.39 -1.45
C ILE A 6 -5.40 14.04 -2.93
N PHE A 7 -4.25 13.63 -3.46
CA PHE A 7 -4.16 13.24 -4.87
C PHE A 7 -3.72 11.78 -4.97
N CYS A 8 -4.68 10.89 -5.22
CA CYS A 8 -4.38 9.47 -5.33
C CYS A 8 -3.44 9.21 -6.50
N THR A 9 -2.56 8.22 -6.34
CA THR A 9 -1.61 7.87 -7.40
C THR A 9 -2.13 6.70 -8.22
N PHE A 10 -3.04 5.92 -7.63
CA PHE A 10 -3.63 4.78 -8.31
C PHE A 10 -4.63 5.27 -9.36
N LEU A 11 -5.46 6.21 -8.95
CA LEU A 11 -6.47 6.78 -9.83
C LEU A 11 -5.93 8.02 -10.54
N GLN A 12 -4.85 8.58 -9.99
CA GLN A 12 -4.24 9.77 -10.56
C GLN A 12 -5.22 10.95 -10.54
N ARG A 13 -5.95 11.07 -9.43
CA ARG A 13 -6.92 12.15 -9.28
C ARG A 13 -6.88 12.70 -7.85
N GLU A 14 -7.79 13.60 -7.54
CA GLU A 14 -7.87 14.18 -6.20
C GLU A 14 -9.02 13.56 -5.41
N ALA A 15 -8.69 12.81 -4.37
CA ALA A 15 -9.69 12.17 -3.53
C ALA A 15 -9.57 12.62 -2.08
N GLU A 16 -10.66 12.46 -1.32
CA GLU A 16 -10.68 12.86 0.08
C GLU A 16 -9.58 12.16 0.88
N GLY A 17 -9.12 11.04 0.36
CA GLY A 17 -8.06 10.29 1.03
C GLY A 17 -8.52 9.66 2.33
N GLN A 18 -7.59 9.48 3.25
CA GLN A 18 -7.88 8.88 4.55
C GLN A 18 -7.64 9.87 5.67
N ASP A 19 -8.13 9.53 6.87
CA ASP A 19 -7.95 10.40 8.03
C ASP A 19 -6.93 9.82 9.00
N PHE A 20 -6.72 8.51 8.94
CA PHE A 20 -5.75 7.84 9.81
C PHE A 20 -4.95 6.81 9.05
N GLN A 21 -3.68 6.67 9.41
CA GLN A 21 -2.81 5.70 8.76
C GLN A 21 -3.29 4.27 9.01
N LEU A 22 -3.62 3.56 7.94
CA LEU A 22 -4.12 2.19 8.06
C LEU A 22 -2.96 1.19 8.13
N TYR A 23 -1.89 1.45 7.40
CA TYR A 23 -0.73 0.55 7.40
C TYR A 23 0.37 1.12 8.29
N PRO A 24 1.37 0.30 8.67
CA PRO A 24 2.47 0.72 9.52
C PRO A 24 3.67 1.21 8.74
N GLY A 25 4.80 1.32 9.43
CA GLY A 25 6.04 1.75 8.80
C GLY A 25 5.88 2.90 7.83
N GLU A 26 6.73 2.92 6.82
CA GLU A 26 6.72 3.97 5.81
C GLU A 26 5.66 3.72 4.76
N LEU A 27 5.47 2.47 4.38
CA LEU A 27 4.48 2.13 3.38
C LEU A 27 3.10 2.64 3.79
N GLY A 28 2.72 2.41 5.04
CA GLY A 28 1.45 2.89 5.52
C GLY A 28 1.32 4.39 5.37
N LYS A 29 2.43 5.09 5.55
CA LYS A 29 2.43 6.54 5.42
C LYS A 29 2.21 6.97 3.97
N ARG A 30 2.86 6.28 3.04
CA ARG A 30 2.72 6.59 1.62
C ARG A 30 1.33 6.22 1.11
N ILE A 31 0.83 5.05 1.50
CA ILE A 31 -0.50 4.62 1.08
C ILE A 31 -1.53 5.61 1.57
N TYR A 32 -1.49 5.86 2.87
CA TYR A 32 -2.38 6.81 3.49
C TYR A 32 -2.19 8.19 2.88
N ASN A 33 -1.04 8.40 2.22
CA ASN A 33 -0.74 9.68 1.60
C ASN A 33 -1.10 9.74 0.10
N GLU A 34 -0.58 8.80 -0.67
CA GLU A 34 -0.81 8.78 -2.12
C GLU A 34 -2.00 7.89 -2.51
N ILE A 35 -2.43 7.00 -1.61
CA ILE A 35 -3.54 6.12 -1.90
C ILE A 35 -4.77 6.53 -1.08
N SER A 36 -5.89 6.72 -1.78
CA SER A 36 -7.14 7.11 -1.12
C SER A 36 -7.99 5.91 -0.80
N LYS A 37 -9.14 6.15 -0.17
CA LYS A 37 -10.06 5.09 0.20
C LYS A 37 -10.59 4.38 -1.04
N GLU A 38 -10.83 5.14 -2.10
CA GLU A 38 -11.35 4.59 -3.34
C GLU A 38 -10.41 3.51 -3.88
N ALA A 39 -9.12 3.78 -3.86
CA ALA A 39 -8.12 2.83 -4.35
C ALA A 39 -7.81 1.78 -3.27
N TRP A 40 -7.79 2.22 -2.02
CA TRP A 40 -7.51 1.32 -0.91
C TRP A 40 -8.59 0.24 -0.81
N ALA A 41 -9.83 0.64 -1.07
CA ALA A 41 -10.95 -0.29 -1.02
C ALA A 41 -10.74 -1.42 -2.03
N GLN A 42 -10.28 -1.05 -3.23
CA GLN A 42 -10.02 -2.03 -4.28
C GLN A 42 -8.90 -2.97 -3.86
N TRP A 43 -7.95 -2.44 -3.09
CA TRP A 43 -6.83 -3.23 -2.61
C TRP A 43 -7.29 -4.24 -1.57
N GLN A 44 -8.03 -3.76 -0.57
CA GLN A 44 -8.53 -4.62 0.49
C GLN A 44 -9.21 -5.86 -0.10
N HIS A 45 -10.13 -5.63 -1.05
CA HIS A 45 -10.83 -6.72 -1.70
C HIS A 45 -9.84 -7.69 -2.36
N LYS A 46 -8.72 -7.14 -2.82
CA LYS A 46 -7.68 -7.94 -3.46
C LYS A 46 -6.77 -8.58 -2.41
N GLN A 47 -6.64 -7.91 -1.27
CA GLN A 47 -5.80 -8.41 -0.19
C GLN A 47 -6.32 -9.75 0.32
N THR A 48 -7.60 -9.77 0.68
CA THR A 48 -8.24 -10.97 1.19
C THR A 48 -8.05 -12.15 0.24
N MET A 49 -8.33 -11.94 -1.04
CA MET A 49 -8.20 -13.00 -2.04
C MET A 49 -6.73 -13.40 -2.22
N LEU A 50 -5.83 -12.43 -2.11
CA LEU A 50 -4.41 -12.70 -2.25
C LEU A 50 -3.96 -13.71 -1.22
N ILE A 51 -4.56 -13.64 -0.03
CA ILE A 51 -4.22 -14.56 1.05
C ILE A 51 -4.91 -15.90 0.86
N ASN A 52 -6.15 -15.85 0.39
CA ASN A 52 -6.94 -17.05 0.18
C ASN A 52 -6.44 -17.84 -1.04
N GLU A 53 -6.09 -17.13 -2.10
CA GLU A 53 -5.62 -17.77 -3.33
C GLU A 53 -4.16 -18.21 -3.19
N LYS A 54 -3.29 -17.28 -2.85
CA LYS A 54 -1.87 -17.60 -2.69
C LYS A 54 -1.61 -18.44 -1.45
N LYS A 55 -2.65 -18.62 -0.63
CA LYS A 55 -2.53 -19.41 0.59
C LYS A 55 -1.53 -18.78 1.56
N LEU A 56 -1.82 -17.56 1.98
CA LEU A 56 -0.96 -16.84 2.93
C LEU A 56 -1.42 -17.08 4.36
N ASN A 57 -0.77 -16.41 5.31
CA ASN A 57 -1.11 -16.55 6.71
C ASN A 57 -0.74 -15.29 7.48
N MET A 58 -1.75 -14.48 7.78
CA MET A 58 -1.55 -13.24 8.52
C MET A 58 -0.98 -13.49 9.91
N MET A 59 -1.04 -14.75 10.36
CA MET A 59 -0.54 -15.10 11.68
C MET A 59 0.99 -15.25 11.65
N ASN A 60 1.57 -15.21 10.45
CA ASN A 60 3.01 -15.31 10.29
C ASN A 60 3.57 -14.07 9.61
N ALA A 61 4.54 -13.43 10.25
CA ALA A 61 5.15 -12.22 9.71
C ALA A 61 5.67 -12.45 8.29
N GLU A 62 6.17 -13.65 8.03
CA GLU A 62 6.69 -14.00 6.71
C GLU A 62 5.67 -13.74 5.61
N HIS A 63 4.42 -14.12 5.87
CA HIS A 63 3.36 -13.93 4.89
C HIS A 63 2.75 -12.54 5.02
N ARG A 64 2.61 -12.07 6.25
CA ARG A 64 2.04 -10.75 6.52
C ARG A 64 2.68 -9.69 5.62
N LYS A 65 4.01 -9.69 5.57
CA LYS A 65 4.74 -8.74 4.75
C LYS A 65 4.47 -8.98 3.26
N LEU A 66 4.15 -10.21 2.92
CA LEU A 66 3.86 -10.57 1.54
C LEU A 66 2.77 -9.68 0.97
N LEU A 67 1.71 -9.46 1.75
CA LEU A 67 0.62 -8.61 1.32
C LEU A 67 1.11 -7.20 1.08
N GLU A 68 1.92 -6.70 2.02
CA GLU A 68 2.49 -5.37 1.91
C GLU A 68 3.30 -5.25 0.62
N GLN A 69 3.72 -6.39 0.09
CA GLN A 69 4.49 -6.44 -1.14
C GLN A 69 3.57 -6.30 -2.36
N GLU A 70 2.52 -7.12 -2.39
CA GLU A 70 1.57 -7.10 -3.49
C GLU A 70 0.80 -5.79 -3.54
N MET A 71 0.67 -5.12 -2.40
CA MET A 71 -0.05 -3.86 -2.34
C MET A 71 0.58 -2.83 -3.29
N VAL A 72 1.90 -2.89 -3.46
CA VAL A 72 2.59 -1.97 -4.36
C VAL A 72 2.11 -2.20 -5.79
N ASN A 73 2.32 -3.42 -6.27
CA ASN A 73 1.92 -3.80 -7.62
C ASN A 73 0.48 -3.38 -7.92
N PHE A 74 -0.31 -3.18 -6.87
CA PHE A 74 -1.71 -2.78 -7.02
C PHE A 74 -1.87 -1.27 -6.96
N LEU A 75 -1.35 -0.66 -5.90
CA LEU A 75 -1.48 0.79 -5.71
C LEU A 75 -0.21 1.55 -6.08
N PHE A 76 0.95 0.99 -5.73
CA PHE A 76 2.22 1.63 -6.00
C PHE A 76 2.91 1.01 -7.21
N GLU A 77 2.11 0.50 -8.11
CA GLU A 77 2.61 -0.14 -9.32
C GLU A 77 3.28 0.87 -10.23
N GLY A 78 4.31 1.51 -9.71
CA GLY A 78 5.05 2.50 -10.44
C GLY A 78 6.41 2.76 -9.81
N LYS A 79 6.41 2.80 -8.48
CA LYS A 79 7.65 3.00 -7.74
C LYS A 79 8.15 1.66 -7.22
N GLU A 80 8.79 0.90 -8.09
CA GLU A 80 9.30 -0.42 -7.74
C GLU A 80 10.47 -0.32 -6.76
N VAL A 81 10.17 -0.33 -5.48
CA VAL A 81 11.20 -0.27 -4.45
C VAL A 81 11.66 -1.67 -4.07
N HIS A 82 11.83 -2.53 -5.08
CA HIS A 82 12.26 -3.90 -4.87
C HIS A 82 13.78 -4.00 -4.92
N ILE A 83 14.38 -4.39 -3.80
CA ILE A 83 15.82 -4.54 -3.73
C ILE A 83 16.19 -5.79 -2.94
N GLU A 84 17.20 -6.51 -3.43
CA GLU A 84 17.65 -7.73 -2.77
C GLU A 84 18.68 -7.43 -1.69
N GLY A 85 18.19 -6.97 -0.53
CA GLY A 85 19.07 -6.65 0.57
C GLY A 85 19.26 -5.16 0.75
N TYR A 86 18.23 -4.49 1.24
CA TYR A 86 18.28 -3.04 1.46
C TYR A 86 17.86 -2.69 2.88
N THR A 87 18.81 -2.25 3.69
CA THR A 87 18.54 -1.88 5.06
C THR A 87 18.82 -0.40 5.29
N PRO A 88 17.83 0.47 5.05
CA PRO A 88 17.97 1.92 5.22
C PRO A 88 18.06 2.32 6.69
N GLU A 89 19.28 2.42 7.21
CA GLU A 89 19.49 2.81 8.59
C GLU A 89 19.52 4.32 8.75
N ASP A 90 20.12 5.00 7.77
CA ASP A 90 20.20 6.46 7.80
C ASP A 90 20.20 7.02 6.38
N LYS A 91 19.05 7.52 5.95
CA LYS A 91 18.91 8.09 4.61
C LYS A 91 19.70 9.40 4.49
N LYS A 92 20.99 9.28 4.23
CA LYS A 92 21.85 10.46 4.09
C LYS A 92 21.49 11.25 2.84
N MET A 1 -13.04 25.05 8.30
CA MET A 1 -11.72 24.80 7.67
C MET A 1 -11.87 24.35 6.23
N GLY A 2 -12.62 23.28 6.01
CA GLY A 2 -12.83 22.76 4.67
C GLY A 2 -12.48 21.30 4.56
N SER A 3 -12.34 20.82 3.32
CA SER A 3 -12.00 19.44 3.07
C SER A 3 -10.67 19.32 2.32
N ARG A 4 -9.77 18.50 2.85
CA ARG A 4 -8.46 18.31 2.22
C ARG A 4 -8.49 17.11 1.27
N THR A 5 -8.68 17.40 -0.02
CA THR A 5 -8.72 16.35 -1.03
C THR A 5 -7.32 16.08 -1.57
N ILE A 6 -6.81 14.90 -1.31
CA ILE A 6 -5.47 14.51 -1.76
C ILE A 6 -5.49 14.08 -3.23
N PHE A 7 -4.34 13.63 -3.71
CA PHE A 7 -4.21 13.18 -5.09
C PHE A 7 -3.79 11.71 -5.13
N CYS A 8 -4.76 10.83 -5.28
CA CYS A 8 -4.47 9.40 -5.32
C CYS A 8 -3.53 9.07 -6.47
N THR A 9 -2.68 8.07 -6.27
CA THR A 9 -1.73 7.65 -7.30
C THR A 9 -2.26 6.44 -8.06
N PHE A 10 -3.14 5.67 -7.42
CA PHE A 10 -3.72 4.49 -8.04
C PHE A 10 -4.76 4.92 -9.08
N LEU A 11 -5.60 5.88 -8.70
CA LEU A 11 -6.63 6.39 -9.58
C LEU A 11 -6.09 7.54 -10.43
N GLN A 12 -4.99 8.12 -9.99
CA GLN A 12 -4.38 9.23 -10.71
C GLN A 12 -5.33 10.42 -10.74
N ARG A 13 -6.01 10.67 -9.63
CA ARG A 13 -6.96 11.78 -9.53
C ARG A 13 -6.88 12.41 -8.15
N GLU A 14 -7.81 13.32 -7.87
CA GLU A 14 -7.86 14.00 -6.58
C GLU A 14 -9.02 13.47 -5.74
N ALA A 15 -8.71 12.82 -4.63
CA ALA A 15 -9.73 12.25 -3.76
C ALA A 15 -9.40 12.48 -2.29
N GLU A 16 -10.42 12.41 -1.45
CA GLU A 16 -10.26 12.61 -0.02
C GLU A 16 -9.17 11.69 0.54
N GLY A 17 -8.87 11.84 1.83
CA GLY A 17 -7.85 11.01 2.44
C GLY A 17 -8.34 10.34 3.71
N GLN A 18 -7.41 9.69 4.42
CA GLN A 18 -7.73 9.00 5.66
C GLN A 18 -7.24 9.79 6.85
N ASP A 19 -8.01 9.77 7.94
CA ASP A 19 -7.64 10.50 9.15
C ASP A 19 -6.63 9.71 9.98
N PHE A 20 -6.66 8.39 9.86
CA PHE A 20 -5.74 7.54 10.61
C PHE A 20 -5.04 6.54 9.70
N GLN A 21 -3.73 6.43 9.83
CA GLN A 21 -2.95 5.51 9.03
C GLN A 21 -3.41 4.07 9.25
N LEU A 22 -3.53 3.30 8.18
CA LEU A 22 -3.96 1.91 8.26
C LEU A 22 -2.78 0.95 8.29
N TYR A 23 -1.79 1.22 7.45
CA TYR A 23 -0.60 0.38 7.38
C TYR A 23 0.50 0.95 8.29
N PRO A 24 1.49 0.13 8.67
CA PRO A 24 2.58 0.57 9.56
C PRO A 24 3.77 1.14 8.80
N GLY A 25 4.81 1.49 9.55
CA GLY A 25 6.03 2.04 8.98
C GLY A 25 5.79 3.06 7.88
N GLU A 26 6.62 2.97 6.84
CA GLU A 26 6.54 3.89 5.70
C GLU A 26 5.46 3.49 4.72
N LEU A 27 5.37 2.19 4.42
CA LEU A 27 4.38 1.70 3.48
C LEU A 27 3.00 2.29 3.80
N GLY A 28 2.65 2.27 5.08
CA GLY A 28 1.38 2.83 5.51
C GLY A 28 1.31 4.33 5.28
N LYS A 29 2.45 4.99 5.40
CA LYS A 29 2.50 6.44 5.20
C LYS A 29 2.07 6.79 3.78
N ARG A 30 2.76 6.20 2.81
CA ARG A 30 2.46 6.45 1.40
C ARG A 30 1.03 6.07 1.04
N ILE A 31 0.54 4.93 1.53
CA ILE A 31 -0.83 4.51 1.23
C ILE A 31 -1.81 5.55 1.75
N TYR A 32 -1.74 5.77 3.05
CA TYR A 32 -2.60 6.74 3.70
C TYR A 32 -2.38 8.14 3.10
N ASN A 33 -1.26 8.31 2.39
CA ASN A 33 -0.94 9.61 1.77
C ASN A 33 -1.38 9.67 0.30
N GLU A 34 -0.81 8.79 -0.52
CA GLU A 34 -1.10 8.78 -1.96
C GLU A 34 -2.21 7.79 -2.32
N ILE A 35 -2.53 6.86 -1.43
CA ILE A 35 -3.58 5.88 -1.70
C ILE A 35 -4.84 6.23 -0.93
N SER A 36 -5.76 6.95 -1.58
CA SER A 36 -7.01 7.34 -0.96
C SER A 36 -7.81 6.12 -0.50
N LYS A 37 -8.99 6.35 0.04
CA LYS A 37 -9.84 5.26 0.51
C LYS A 37 -10.43 4.48 -0.66
N GLU A 38 -10.59 5.18 -1.79
CA GLU A 38 -11.15 4.56 -2.99
C GLU A 38 -10.21 3.51 -3.55
N ALA A 39 -8.93 3.86 -3.66
CA ALA A 39 -7.92 2.95 -4.18
C ALA A 39 -7.63 1.83 -3.18
N TRP A 40 -7.56 2.19 -1.90
CA TRP A 40 -7.30 1.22 -0.85
C TRP A 40 -8.37 0.14 -0.82
N ALA A 41 -9.61 0.54 -1.10
CA ALA A 41 -10.73 -0.40 -1.11
C ALA A 41 -10.60 -1.40 -2.25
N GLN A 42 -9.85 -1.02 -3.29
CA GLN A 42 -9.64 -1.90 -4.43
C GLN A 42 -8.57 -2.94 -4.12
N TRP A 43 -7.65 -2.57 -3.23
CA TRP A 43 -6.58 -3.47 -2.82
C TRP A 43 -7.08 -4.45 -1.77
N GLN A 44 -7.68 -3.92 -0.70
CA GLN A 44 -8.20 -4.76 0.38
C GLN A 44 -9.04 -5.90 -0.19
N HIS A 45 -9.83 -5.58 -1.20
CA HIS A 45 -10.68 -6.57 -1.85
C HIS A 45 -9.81 -7.63 -2.54
N LYS A 46 -8.66 -7.20 -3.04
CA LYS A 46 -7.72 -8.11 -3.69
C LYS A 46 -6.80 -8.77 -2.68
N GLN A 47 -6.69 -8.17 -1.50
CA GLN A 47 -5.84 -8.70 -0.44
C GLN A 47 -6.42 -10.00 0.12
N THR A 48 -7.73 -9.98 0.40
CA THR A 48 -8.40 -11.15 0.95
C THR A 48 -8.26 -12.36 0.04
N MET A 49 -8.37 -12.16 -1.27
CA MET A 49 -8.26 -13.27 -2.22
C MET A 49 -6.81 -13.73 -2.36
N LEU A 50 -5.88 -12.78 -2.33
CA LEU A 50 -4.46 -13.10 -2.45
C LEU A 50 -4.00 -13.98 -1.30
N ILE A 51 -4.66 -13.84 -0.16
CA ILE A 51 -4.31 -14.63 1.01
C ILE A 51 -4.99 -15.99 0.97
N ASN A 52 -6.22 -16.01 0.46
CA ASN A 52 -6.98 -17.23 0.36
C ASN A 52 -6.52 -18.09 -0.81
N GLU A 53 -6.07 -17.43 -1.88
CA GLU A 53 -5.60 -18.13 -3.07
C GLU A 53 -4.15 -18.59 -2.92
N LYS A 54 -3.26 -17.64 -2.60
CA LYS A 54 -1.86 -17.98 -2.42
C LYS A 54 -1.63 -18.76 -1.12
N LYS A 55 -2.66 -18.86 -0.30
CA LYS A 55 -2.56 -19.57 0.98
C LYS A 55 -1.60 -18.85 1.91
N LEU A 56 -1.93 -17.61 2.24
CA LEU A 56 -1.10 -16.80 3.13
C LEU A 56 -1.60 -16.91 4.57
N ASN A 57 -0.98 -16.15 5.47
CA ASN A 57 -1.37 -16.16 6.87
C ASN A 57 -1.03 -14.83 7.53
N MET A 58 -2.06 -14.02 7.79
CA MET A 58 -1.86 -12.71 8.41
C MET A 58 -1.26 -12.83 9.81
N MET A 59 -1.21 -14.05 10.34
CA MET A 59 -0.65 -14.28 11.66
C MET A 59 0.87 -14.30 11.61
N ASN A 60 1.41 -14.56 10.42
CA ASN A 60 2.86 -14.61 10.23
C ASN A 60 3.35 -13.35 9.53
N ALA A 61 4.41 -12.74 10.07
CA ALA A 61 4.96 -11.52 9.50
C ALA A 61 5.50 -11.78 8.09
N GLU A 62 5.95 -13.00 7.84
CA GLU A 62 6.49 -13.36 6.54
C GLU A 62 5.41 -13.30 5.47
N HIS A 63 4.19 -13.66 5.84
CA HIS A 63 3.07 -13.64 4.91
C HIS A 63 2.44 -12.25 4.85
N ARG A 64 2.41 -11.59 6.00
CA ARG A 64 1.83 -10.25 6.07
C ARG A 64 2.55 -9.30 5.11
N LYS A 65 3.87 -9.42 5.07
CA LYS A 65 4.69 -8.59 4.20
C LYS A 65 4.45 -8.96 2.74
N LEU A 66 3.87 -10.13 2.49
CA LEU A 66 3.59 -10.55 1.13
C LEU A 66 2.50 -9.67 0.53
N LEU A 67 1.45 -9.39 1.31
CA LEU A 67 0.37 -8.54 0.84
C LEU A 67 0.90 -7.14 0.55
N GLU A 68 1.67 -6.61 1.49
CA GLU A 68 2.27 -5.29 1.34
C GLU A 68 3.19 -5.28 0.13
N GLN A 69 3.65 -6.47 -0.25
CA GLN A 69 4.53 -6.62 -1.41
C GLN A 69 3.74 -6.49 -2.70
N GLU A 70 2.62 -7.22 -2.76
CA GLU A 70 1.75 -7.19 -3.93
C GLU A 70 1.00 -5.87 -4.02
N MET A 71 0.58 -5.36 -2.85
CA MET A 71 -0.15 -4.09 -2.80
C MET A 71 0.54 -3.03 -3.65
N VAL A 72 1.87 -3.00 -3.61
CA VAL A 72 2.64 -2.04 -4.39
C VAL A 72 2.31 -2.18 -5.87
N ASN A 73 2.54 -3.38 -6.40
CA ASN A 73 2.27 -3.65 -7.81
C ASN A 73 0.85 -3.24 -8.21
N PHE A 74 -0.02 -3.10 -7.22
CA PHE A 74 -1.41 -2.71 -7.50
C PHE A 74 -1.61 -1.19 -7.33
N LEU A 75 -1.15 -0.66 -6.19
CA LEU A 75 -1.32 0.76 -5.91
C LEU A 75 -0.04 1.56 -6.15
N PHE A 76 1.08 1.04 -5.65
CA PHE A 76 2.37 1.71 -5.79
C PHE A 76 3.17 1.17 -6.96
N GLU A 77 2.46 0.70 -7.96
CA GLU A 77 3.07 0.14 -9.16
C GLU A 77 3.82 1.21 -9.95
N GLY A 78 4.66 1.96 -9.25
CA GLY A 78 5.44 3.01 -9.87
C GLY A 78 6.78 3.17 -9.20
N LYS A 79 6.80 2.99 -7.88
CA LYS A 79 8.03 3.09 -7.11
C LYS A 79 8.17 1.89 -6.18
N GLU A 80 8.34 0.72 -6.77
CA GLU A 80 8.49 -0.52 -6.00
C GLU A 80 9.60 -0.40 -4.97
N VAL A 81 10.54 0.50 -5.22
CA VAL A 81 11.66 0.71 -4.32
C VAL A 81 11.22 1.47 -3.07
N HIS A 82 11.17 0.77 -1.95
CA HIS A 82 10.76 1.38 -0.69
C HIS A 82 11.87 1.32 0.35
N ILE A 83 11.88 2.29 1.26
CA ILE A 83 12.90 2.34 2.31
C ILE A 83 12.26 2.66 3.67
N GLU A 84 12.80 2.05 4.72
CA GLU A 84 12.28 2.26 6.07
C GLU A 84 13.32 2.94 6.95
N GLY A 85 12.85 3.76 7.89
CA GLY A 85 13.74 4.45 8.79
C GLY A 85 14.08 5.86 8.31
N TYR A 86 14.11 6.03 7.00
CA TYR A 86 14.42 7.33 6.41
C TYR A 86 13.36 8.37 6.79
N THR A 87 13.76 9.30 7.66
CA THR A 87 12.85 10.34 8.10
C THR A 87 13.35 11.72 7.65
N PRO A 88 12.72 12.30 6.63
CA PRO A 88 13.12 13.63 6.11
C PRO A 88 12.73 14.77 7.04
N GLU A 89 12.53 14.46 8.32
CA GLU A 89 12.15 15.47 9.30
C GLU A 89 13.33 16.42 9.58
N ASP A 90 14.53 15.86 9.55
CA ASP A 90 15.73 16.64 9.80
C ASP A 90 15.96 17.67 8.70
N LYS A 91 15.43 17.40 7.51
CA LYS A 91 15.58 18.31 6.39
C LYS A 91 14.25 18.97 6.05
N LYS A 92 14.06 20.19 6.52
CA LYS A 92 12.83 20.94 6.27
C LYS A 92 12.61 21.13 4.77
N MET A 1 -19.18 17.13 4.41
CA MET A 1 -19.62 18.51 4.08
C MET A 1 -18.53 19.28 3.34
N GLY A 2 -17.27 18.90 3.59
CA GLY A 2 -16.15 19.56 2.93
C GLY A 2 -14.82 19.21 3.56
N SER A 3 -13.99 18.48 2.80
CA SER A 3 -12.69 18.08 3.29
C SER A 3 -11.62 18.19 2.19
N ARG A 4 -10.37 18.18 2.59
CA ARG A 4 -9.25 18.28 1.65
C ARG A 4 -9.11 16.99 0.84
N THR A 5 -9.25 17.12 -0.47
CA THR A 5 -9.13 15.97 -1.37
C THR A 5 -7.70 15.80 -1.86
N ILE A 6 -7.09 14.65 -1.55
CA ILE A 6 -5.73 14.37 -1.96
C ILE A 6 -5.68 13.85 -3.39
N PHE A 7 -4.47 13.58 -3.88
CA PHE A 7 -4.29 13.06 -5.23
C PHE A 7 -3.79 11.62 -5.19
N CYS A 8 -4.72 10.67 -5.32
CA CYS A 8 -4.36 9.25 -5.30
C CYS A 8 -3.38 8.93 -6.42
N THR A 9 -2.53 7.93 -6.18
CA THR A 9 -1.55 7.51 -7.17
C THR A 9 -2.00 6.25 -7.90
N PHE A 10 -2.90 5.50 -7.27
CA PHE A 10 -3.43 4.26 -7.86
C PHE A 10 -4.41 4.62 -8.97
N LEU A 11 -5.32 5.53 -8.67
CA LEU A 11 -6.32 5.96 -9.64
C LEU A 11 -5.80 7.13 -10.46
N GLN A 12 -4.75 7.79 -9.96
CA GLN A 12 -4.16 8.93 -10.64
C GLN A 12 -5.18 10.06 -10.74
N ARG A 13 -5.94 10.24 -9.66
CA ARG A 13 -6.95 11.30 -9.60
C ARG A 13 -6.94 11.96 -8.24
N GLU A 14 -7.95 12.79 -7.97
CA GLU A 14 -8.04 13.48 -6.68
C GLU A 14 -9.20 12.93 -5.86
N ALA A 15 -8.88 12.29 -4.74
CA ALA A 15 -9.90 11.70 -3.88
C ALA A 15 -9.64 12.03 -2.41
N GLU A 16 -10.64 11.76 -1.57
CA GLU A 16 -10.53 12.02 -0.14
C GLU A 16 -9.31 11.32 0.46
N GLY A 17 -8.97 11.70 1.69
CA GLY A 17 -7.83 11.09 2.35
C GLY A 17 -8.21 10.46 3.68
N GLN A 18 -7.45 9.45 4.09
CA GLN A 18 -7.70 8.75 5.35
C GLN A 18 -7.38 9.66 6.53
N ASP A 19 -7.91 9.31 7.71
CA ASP A 19 -7.68 10.09 8.91
C ASP A 19 -6.46 9.58 9.67
N PHE A 20 -6.25 8.27 9.62
CA PHE A 20 -5.11 7.66 10.29
C PHE A 20 -4.47 6.56 9.44
N GLN A 21 -3.19 6.33 9.66
CA GLN A 21 -2.46 5.32 8.90
C GLN A 21 -2.94 3.92 9.27
N LEU A 22 -3.46 3.20 8.28
CA LEU A 22 -3.95 1.85 8.50
C LEU A 22 -2.79 0.85 8.49
N TYR A 23 -1.79 1.13 7.66
CA TYR A 23 -0.62 0.28 7.58
C TYR A 23 0.51 0.84 8.43
N PRO A 24 1.55 0.04 8.70
CA PRO A 24 2.68 0.45 9.53
C PRO A 24 3.86 1.00 8.73
N GLY A 25 4.96 1.24 9.43
CA GLY A 25 6.18 1.74 8.81
C GLY A 25 5.95 2.83 7.78
N GLU A 26 6.74 2.79 6.72
CA GLU A 26 6.65 3.77 5.65
C GLU A 26 5.52 3.45 4.69
N LEU A 27 5.33 2.16 4.42
CA LEU A 27 4.28 1.72 3.50
C LEU A 27 2.95 2.34 3.90
N GLY A 28 2.55 2.16 5.15
CA GLY A 28 1.30 2.73 5.61
C GLY A 28 1.27 4.22 5.42
N LYS A 29 2.44 4.85 5.53
CA LYS A 29 2.54 6.30 5.35
C LYS A 29 2.15 6.67 3.93
N ARG A 30 2.81 6.07 2.95
CA ARG A 30 2.53 6.35 1.54
C ARG A 30 1.09 5.99 1.19
N ILE A 31 0.58 4.88 1.71
CA ILE A 31 -0.80 4.47 1.45
C ILE A 31 -1.75 5.54 1.97
N TYR A 32 -1.71 5.73 3.27
CA TYR A 32 -2.54 6.72 3.93
C TYR A 32 -2.30 8.11 3.34
N ASN A 33 -1.16 8.28 2.65
CA ASN A 33 -0.83 9.57 2.05
C ASN A 33 -1.21 9.68 0.57
N GLU A 34 -0.67 8.79 -0.25
CA GLU A 34 -0.93 8.81 -1.69
C GLU A 34 -2.06 7.89 -2.11
N ILE A 35 -2.43 6.94 -1.26
CA ILE A 35 -3.51 6.00 -1.58
C ILE A 35 -4.79 6.37 -0.85
N SER A 36 -5.69 7.02 -1.58
CA SER A 36 -6.98 7.44 -1.04
C SER A 36 -7.81 6.22 -0.65
N LYS A 37 -8.95 6.47 0.02
CA LYS A 37 -9.84 5.39 0.44
C LYS A 37 -10.38 4.63 -0.76
N GLU A 38 -10.55 5.33 -1.88
CA GLU A 38 -11.06 4.72 -3.10
C GLU A 38 -10.13 3.62 -3.59
N ALA A 39 -8.83 3.87 -3.50
CA ALA A 39 -7.83 2.90 -3.93
C ALA A 39 -7.61 1.83 -2.86
N TRP A 40 -7.52 2.27 -1.61
CA TRP A 40 -7.31 1.34 -0.50
C TRP A 40 -8.38 0.27 -0.47
N ALA A 41 -9.61 0.63 -0.84
CA ALA A 41 -10.71 -0.31 -0.88
C ALA A 41 -10.43 -1.40 -1.89
N GLN A 42 -10.08 -1.00 -3.10
CA GLN A 42 -9.76 -1.94 -4.17
C GLN A 42 -8.68 -2.92 -3.71
N TRP A 43 -7.74 -2.40 -2.93
CA TRP A 43 -6.65 -3.22 -2.42
C TRP A 43 -7.16 -4.24 -1.41
N GLN A 44 -7.80 -3.74 -0.34
CA GLN A 44 -8.33 -4.61 0.70
C GLN A 44 -9.10 -5.78 0.09
N HIS A 45 -9.90 -5.48 -0.93
CA HIS A 45 -10.68 -6.51 -1.61
C HIS A 45 -9.75 -7.48 -2.34
N LYS A 46 -8.62 -6.96 -2.80
CA LYS A 46 -7.64 -7.79 -3.50
C LYS A 46 -6.75 -8.51 -2.49
N GLN A 47 -6.60 -7.92 -1.30
CA GLN A 47 -5.78 -8.50 -0.25
C GLN A 47 -6.39 -9.80 0.25
N THR A 48 -7.68 -9.76 0.58
CA THR A 48 -8.38 -10.94 1.09
C THR A 48 -8.29 -12.11 0.11
N MET A 49 -8.47 -11.84 -1.18
CA MET A 49 -8.41 -12.89 -2.18
C MET A 49 -6.98 -13.40 -2.37
N LEU A 50 -6.01 -12.49 -2.33
CA LEU A 50 -4.62 -12.87 -2.48
C LEU A 50 -4.21 -13.87 -1.41
N ILE A 51 -4.67 -13.64 -0.19
CA ILE A 51 -4.36 -14.51 0.93
C ILE A 51 -5.07 -15.86 0.79
N ASN A 52 -6.30 -15.82 0.29
CA ASN A 52 -7.09 -17.03 0.12
C ASN A 52 -6.56 -17.87 -1.05
N GLU A 53 -6.34 -17.22 -2.18
CA GLU A 53 -5.84 -17.91 -3.36
C GLU A 53 -4.39 -18.34 -3.18
N LYS A 54 -3.53 -17.38 -2.83
CA LYS A 54 -2.11 -17.69 -2.62
C LYS A 54 -1.91 -18.47 -1.33
N LYS A 55 -2.94 -18.47 -0.47
CA LYS A 55 -2.87 -19.18 0.80
C LYS A 55 -1.85 -18.53 1.73
N LEU A 56 -2.10 -17.28 2.09
CA LEU A 56 -1.20 -16.56 2.98
C LEU A 56 -1.64 -16.72 4.43
N ASN A 57 -1.03 -15.95 5.33
CA ASN A 57 -1.37 -16.03 6.76
C ASN A 57 -1.08 -14.69 7.44
N MET A 58 -2.13 -13.92 7.68
CA MET A 58 -1.99 -12.62 8.34
C MET A 58 -1.35 -12.75 9.71
N MET A 59 -1.37 -13.96 10.27
CA MET A 59 -0.80 -14.20 11.58
C MET A 59 0.72 -14.34 11.48
N ASN A 60 1.21 -14.62 10.28
CA ASN A 60 2.64 -14.75 10.05
C ASN A 60 3.21 -13.50 9.39
N ALA A 61 4.15 -12.85 10.07
CA ALA A 61 4.76 -11.63 9.56
C ALA A 61 5.38 -11.88 8.19
N GLU A 62 5.79 -13.12 7.93
CA GLU A 62 6.40 -13.48 6.65
C GLU A 62 5.40 -13.35 5.51
N HIS A 63 4.15 -13.69 5.79
CA HIS A 63 3.10 -13.60 4.79
C HIS A 63 2.50 -12.20 4.75
N ARG A 64 2.27 -11.62 5.92
CA ARG A 64 1.70 -10.28 6.02
C ARG A 64 2.51 -9.31 5.16
N LYS A 65 3.83 -9.41 5.23
CA LYS A 65 4.71 -8.56 4.44
C LYS A 65 4.50 -8.81 2.95
N LEU A 66 4.02 -10.01 2.61
CA LEU A 66 3.78 -10.37 1.23
C LEU A 66 2.77 -9.42 0.60
N LEU A 67 1.66 -9.19 1.30
CA LEU A 67 0.63 -8.28 0.79
C LEU A 67 1.26 -6.93 0.48
N GLU A 68 2.06 -6.44 1.41
CA GLU A 68 2.76 -5.17 1.25
C GLU A 68 3.58 -5.19 -0.04
N GLN A 69 3.93 -6.40 -0.49
CA GLN A 69 4.72 -6.55 -1.71
C GLN A 69 3.82 -6.44 -2.95
N GLU A 70 2.72 -7.19 -2.94
CA GLU A 70 1.79 -7.18 -4.07
C GLU A 70 1.01 -5.87 -4.11
N MET A 71 0.73 -5.30 -2.94
CA MET A 71 -0.01 -4.05 -2.86
C MET A 71 0.64 -2.98 -3.74
N VAL A 72 1.95 -2.82 -3.62
CA VAL A 72 2.68 -1.83 -4.41
C VAL A 72 2.37 -2.00 -5.89
N ASN A 73 2.63 -3.19 -6.41
CA ASN A 73 2.37 -3.49 -7.81
C ASN A 73 0.93 -3.14 -8.20
N PHE A 74 0.06 -3.03 -7.19
CA PHE A 74 -1.34 -2.72 -7.44
C PHE A 74 -1.59 -1.22 -7.30
N LEU A 75 -1.17 -0.64 -6.18
CA LEU A 75 -1.39 0.77 -5.92
C LEU A 75 -0.13 1.61 -6.15
N PHE A 76 0.99 1.13 -5.63
CA PHE A 76 2.26 1.86 -5.74
C PHE A 76 3.11 1.36 -6.91
N GLU A 77 2.45 0.86 -7.94
CA GLU A 77 3.15 0.34 -9.12
C GLU A 77 3.88 1.44 -9.88
N GLY A 78 4.43 2.41 -9.15
CA GLY A 78 5.16 3.49 -9.77
C GLY A 78 6.57 3.61 -9.21
N LYS A 79 6.80 2.98 -8.07
CA LYS A 79 8.11 3.00 -7.43
C LYS A 79 8.49 1.60 -6.95
N GLU A 80 8.55 0.66 -7.90
CA GLU A 80 8.89 -0.72 -7.59
C GLU A 80 10.16 -0.82 -6.75
N VAL A 81 10.00 -1.27 -5.50
CA VAL A 81 11.12 -1.41 -4.60
C VAL A 81 11.87 -2.73 -4.85
N HIS A 82 13.19 -2.67 -4.81
CA HIS A 82 14.01 -3.85 -5.03
C HIS A 82 14.64 -4.34 -3.73
N ILE A 83 15.28 -5.50 -3.78
CA ILE A 83 15.92 -6.08 -2.61
C ILE A 83 17.28 -5.44 -2.33
N GLU A 84 17.59 -5.27 -1.05
CA GLU A 84 18.85 -4.67 -0.66
C GLU A 84 19.60 -5.57 0.33
N GLY A 85 20.90 -5.72 0.13
CA GLY A 85 21.70 -6.56 1.00
C GLY A 85 22.01 -7.92 0.40
N TYR A 86 22.31 -7.93 -0.89
CA TYR A 86 22.63 -9.16 -1.59
C TYR A 86 24.13 -9.37 -1.66
N THR A 87 24.60 -10.46 -1.06
CA THR A 87 26.03 -10.77 -1.04
C THR A 87 26.28 -12.23 -1.39
N PRO A 88 26.49 -12.53 -2.68
CA PRO A 88 26.76 -13.91 -3.13
C PRO A 88 28.17 -14.36 -2.79
N GLU A 89 28.28 -15.33 -1.87
CA GLU A 89 29.58 -15.84 -1.46
C GLU A 89 30.23 -16.66 -2.57
N ASP A 90 29.41 -17.33 -3.37
CA ASP A 90 29.91 -18.15 -4.47
C ASP A 90 28.76 -18.72 -5.30
N LYS A 91 27.74 -19.21 -4.63
CA LYS A 91 26.58 -19.78 -5.30
C LYS A 91 25.61 -18.68 -5.73
N LYS A 92 25.95 -17.99 -6.81
CA LYS A 92 25.11 -16.90 -7.32
C LYS A 92 23.69 -17.39 -7.61
#